data_5FOK
#
_entry.id   5FOK
#
_cell.length_a   194.010
_cell.length_b   132.970
_cell.length_c   73.590
_cell.angle_alpha   90.00
_cell.angle_beta   102.21
_cell.angle_gamma   90.00
#
_symmetry.space_group_name_H-M   'C 1 2 1'
#
loop_
_entity.id
_entity.type
_entity.pdbx_description
1 polymer 'IRON TRANSPORT OUTER MEMBRANE RECEPTOR'
2 non-polymer (HYDROXYETHYLOXY)TRI(ETHYLOXY)OCTANE
3 non-polymer 'SODIUM ION'
4 non-polymer 'SULFATE ION'
5 water water
#
_entity_poly.entity_id   1
_entity_poly.type   'polypeptide(L)'
_entity_poly.pdbx_seq_one_letter_code
;MNEAGQKKTDKDRVLSLDAATIVGEQQDETTYNVDRSASKKYTAPLLDTPKTVTVIPQQVIKDTGALTLADALRTTPGIT
FGAGEGGNPAGDRPFIRGFNAESDTFLDGMRDVASQTREVFNVEQIEVSKGPGSAYTGAGSTGGSLNLISKTAKQDNFTD
AGFTWGSDQTRRTTLDVNRMIGDNAAFRLNLMKHDAHVAGRDEVSVSRWGVAPTVTFGFDTPTRATLSYYHLSTDDMPDY
GLPLTNVNRSKANPSKPASVDRDNFYGLKDRDYRKSTTDSGTFRIEHDLNDNLTLSNSTRLVRTTLDYIVSNPDDSRGNV
ANGYVYRSAKSRNSTSKGWVNQTDLKANFETGFIKHTLVTGLEFSYEDVHNRPYAITSGGGAGNTCNARLLASGDCTSLN
RPTPGDNWTGSITDGLAYTDTDTKTSAAYVFDTLKLSEQWELNLGLRYDDFDTKSSGYQTAGRNGPAGYFKRENNSHFWN
YQTGLVYKPAPNGSIYLAWSTSSNPTGETGGEGQADISVGNNGLDPERNRNLELGTKWAFFDDALSLNAALFRTDKTNAR
VASPDVSTLQVLDGEQRVQGVELGFNGKLTEKWKVFGGYTYLDSEIRKSTVKSDEGNKMPQTAQNNFTLWTTYDLLQNFT
IGGGTTYVDKQYGNTANSTYIPSYWRYDAMASYKVSKNVDLQLNVQNLTDKRYFDQVYSTHMAHVAPGRTALLGVNFHFS
AALEHHHHHH
;
_entity_poly.pdbx_strand_id   A,B
#
# COMPACT_ATOMS: atom_id res chain seq x y z
N ASP A 28 1.26 52.10 4.38
CA ASP A 28 1.04 52.29 5.84
C ASP A 28 0.60 51.01 6.51
N GLU A 29 0.85 50.95 7.81
CA GLU A 29 0.70 49.69 8.56
C GLU A 29 -0.73 49.16 8.62
N THR A 30 -1.73 50.01 8.37
CA THR A 30 -3.13 49.60 8.51
C THR A 30 -3.72 49.07 7.21
N THR A 31 -2.90 48.99 6.16
CA THR A 31 -3.41 48.68 4.83
C THR A 31 -4.01 47.27 4.76
N TYR A 32 -5.07 47.15 3.96
CA TYR A 32 -5.61 45.83 3.59
C TYR A 32 -5.06 45.41 2.23
N ASN A 33 -4.18 46.23 1.64
CA ASN A 33 -3.74 45.98 0.29
C ASN A 33 -2.23 46.09 0.16
N VAL A 34 -1.54 44.97 0.34
CA VAL A 34 -0.09 44.96 0.27
C VAL A 34 0.30 44.74 -1.19
N ASP A 35 1.15 45.61 -1.70
CA ASP A 35 1.42 45.65 -3.14
C ASP A 35 2.67 44.87 -3.58
N ARG A 36 3.44 44.38 -2.60
CA ARG A 36 4.67 43.62 -2.87
C ARG A 36 4.81 42.45 -1.89
N SER A 37 5.35 41.35 -2.36
CA SER A 37 5.74 40.25 -1.47
C SER A 37 6.87 40.67 -0.60
N ALA A 38 6.92 40.15 0.62
CA ALA A 38 8.07 40.35 1.51
C ALA A 38 9.20 39.43 1.12
N SER A 39 8.94 38.52 0.18
CA SER A 39 9.98 37.60 -0.27
C SER A 39 10.84 38.23 -1.36
N LYS A 40 12.14 38.16 -1.20
CA LYS A 40 13.05 38.70 -2.21
C LYS A 40 13.03 37.86 -3.47
N LYS A 41 12.33 36.74 -3.45
CA LYS A 41 12.29 35.86 -4.61
C LYS A 41 11.33 36.33 -5.69
N TYR A 42 10.47 37.30 -5.37
CA TYR A 42 9.59 37.90 -6.37
C TYR A 42 10.36 38.94 -7.16
N THR A 43 10.22 38.89 -8.47
CA THR A 43 11.04 39.75 -9.32
C THR A 43 10.17 40.90 -9.88
N ALA A 44 8.93 40.95 -9.42
CA ALA A 44 7.97 41.99 -9.84
C ALA A 44 7.02 42.30 -8.70
N PRO A 45 6.45 43.52 -8.71
CA PRO A 45 5.35 43.79 -7.77
C PRO A 45 4.16 42.88 -8.04
N LEU A 46 3.25 42.74 -7.08
CA LEU A 46 2.15 41.79 -7.22
C LEU A 46 1.24 42.10 -8.41
N LEU A 47 0.98 43.39 -8.67
CA LEU A 47 0.22 43.81 -9.84
C LEU A 47 0.73 43.22 -11.15
N ASP A 48 2.05 43.10 -11.27
CA ASP A 48 2.68 42.62 -12.49
C ASP A 48 3.22 41.19 -12.38
N THR A 49 2.85 40.49 -11.31
CA THR A 49 3.25 39.10 -11.14
C THR A 49 2.15 38.22 -11.74
N PRO A 50 2.48 37.34 -12.71
CA PRO A 50 1.45 36.65 -13.49
C PRO A 50 0.98 35.36 -12.78
N LYS A 51 0.42 35.57 -11.61
CA LYS A 51 -0.22 34.48 -10.87
C LYS A 51 -1.11 35.04 -9.79
N THR A 52 -1.99 34.18 -9.30
CA THR A 52 -2.87 34.60 -8.24
C THR A 52 -2.08 34.57 -6.92
N VAL A 53 -2.00 35.71 -6.28
CA VAL A 53 -1.28 35.87 -5.03
C VAL A 53 -2.05 36.83 -4.18
N THR A 54 -2.28 36.46 -2.92
CA THR A 54 -2.94 37.35 -1.97
C THR A 54 -2.13 37.43 -0.69
N VAL A 55 -1.85 38.65 -0.23
CA VAL A 55 -1.16 38.80 1.04
C VAL A 55 -2.21 39.13 2.10
N ILE A 56 -2.28 38.30 3.14
CA ILE A 56 -3.12 38.60 4.32
C ILE A 56 -2.29 39.45 5.28
N PRO A 57 -2.56 40.74 5.32
CA PRO A 57 -1.69 41.68 6.01
C PRO A 57 -1.96 41.75 7.50
N GLN A 58 -1.01 42.33 8.23
CA GLN A 58 -1.11 42.47 9.67
C GLN A 58 -2.47 43.04 10.14
N GLN A 59 -2.96 44.11 9.51
CA GLN A 59 -4.17 44.76 9.99
C GLN A 59 -5.41 43.86 9.88
N VAL A 60 -5.42 42.98 8.87
CA VAL A 60 -6.54 42.05 8.74
C VAL A 60 -6.46 41.00 9.86
N ILE A 61 -5.27 40.53 10.14
CA ILE A 61 -5.05 39.57 11.21
C ILE A 61 -5.56 40.18 12.52
N LYS A 62 -5.20 41.43 12.77
CA LYS A 62 -5.63 42.11 14.00
C LYS A 62 -7.14 42.38 14.07
N ASP A 63 -7.69 42.97 13.01
CA ASP A 63 -9.10 43.35 12.99
C ASP A 63 -10.04 42.16 13.05
N THR A 64 -9.67 41.02 12.44
CA THR A 64 -10.53 39.83 12.48
C THR A 64 -10.37 39.09 13.80
N GLY A 65 -9.39 39.48 14.60
CA GLY A 65 -9.13 38.79 15.89
C GLY A 65 -8.64 37.36 15.69
N ALA A 66 -8.02 37.09 14.55
CA ALA A 66 -7.55 35.73 14.26
C ALA A 66 -6.47 35.30 15.27
N LEU A 67 -6.63 34.11 15.84
CA LEU A 67 -5.69 33.59 16.85
C LEU A 67 -4.88 32.35 16.39
N THR A 68 -5.19 31.86 15.18
CA THR A 68 -4.51 30.71 14.60
C THR A 68 -4.35 30.97 13.12
N LEU A 69 -3.38 30.29 12.51
CA LEU A 69 -3.15 30.42 11.08
C LEU A 69 -4.42 30.10 10.29
N ALA A 70 -5.10 29.03 10.66
CA ALA A 70 -6.37 28.70 10.01
C ALA A 70 -7.42 29.83 10.09
N ASP A 71 -7.52 30.52 11.23
CA ASP A 71 -8.44 31.67 11.38
C ASP A 71 -8.03 32.72 10.33
N ALA A 72 -6.73 32.97 10.21
CA ALA A 72 -6.26 33.97 9.25
C ALA A 72 -6.46 33.53 7.79
N LEU A 73 -6.25 32.26 7.49
CA LEU A 73 -6.36 31.78 6.11
C LEU A 73 -7.80 31.85 5.57
N ARG A 74 -8.80 31.80 6.45
CA ARG A 74 -10.18 31.75 5.97
C ARG A 74 -10.61 33.06 5.29
N THR A 75 -9.80 34.12 5.43
CA THR A 75 -10.09 35.41 4.79
C THR A 75 -9.81 35.43 3.27
N THR A 76 -9.17 34.38 2.75
CA THR A 76 -8.93 34.28 1.32
C THR A 76 -9.52 32.96 0.86
N PRO A 77 -10.20 32.95 -0.31
CA PRO A 77 -10.92 31.75 -0.71
C PRO A 77 -10.01 30.62 -1.26
N GLY A 78 -10.51 29.39 -1.23
CA GLY A 78 -9.84 28.28 -1.90
C GLY A 78 -8.92 27.44 -1.02
N ILE A 79 -8.91 27.71 0.27
CA ILE A 79 -8.08 26.91 1.18
C ILE A 79 -8.91 25.99 2.07
N THR A 80 -8.62 24.69 2.00
CA THR A 80 -9.25 23.71 2.87
C THR A 80 -8.15 22.96 3.63
N PHE A 81 -8.55 22.10 4.56
CA PHE A 81 -7.57 21.30 5.30
C PHE A 81 -7.91 19.82 5.32
N GLY A 82 -6.87 18.99 5.19
CA GLY A 82 -7.00 17.53 5.29
C GLY A 82 -5.79 16.86 5.91
N ALA A 83 -5.86 15.53 6.07
CA ALA A 83 -4.75 14.71 6.55
C ALA A 83 -4.24 15.14 7.94
N ASP A 92 -4.25 18.44 9.23
CA ASP A 92 -3.74 19.80 9.36
C ASP A 92 -2.83 20.21 8.20
N ARG A 93 -2.95 19.53 7.06
CA ARG A 93 -2.27 19.97 5.86
C ARG A 93 -3.21 20.87 5.03
N PRO A 94 -2.72 22.04 4.65
CA PRO A 94 -3.48 22.97 3.79
C PRO A 94 -3.61 22.41 2.38
N PHE A 95 -4.78 22.60 1.78
CA PHE A 95 -5.03 22.23 0.38
C PHE A 95 -5.37 23.54 -0.30
N ILE A 96 -4.77 23.79 -1.46
CA ILE A 96 -4.97 25.04 -2.20
C ILE A 96 -5.54 24.70 -3.57
N ARG A 97 -6.71 25.28 -3.86
CA ARG A 97 -7.45 24.95 -5.09
C ARG A 97 -7.51 23.46 -5.32
N GLY A 98 -7.75 22.71 -4.26
CA GLY A 98 -7.98 21.28 -4.36
C GLY A 98 -6.76 20.38 -4.30
N PHE A 99 -5.56 20.94 -4.25
CA PHE A 99 -4.35 20.12 -4.18
C PHE A 99 -3.56 20.34 -2.88
N ASN A 100 -3.04 19.23 -2.34
CA ASN A 100 -2.30 19.29 -1.08
C ASN A 100 -1.10 20.23 -1.17
N ALA A 101 -0.96 21.11 -0.19
CA ALA A 101 0.10 22.11 -0.16
C ALA A 101 1.00 21.98 1.07
N GLU A 102 0.99 20.82 1.72
CA GLU A 102 1.76 20.65 2.95
C GLU A 102 3.24 20.85 2.71
N SER A 103 3.75 20.29 1.62
CA SER A 103 5.17 20.44 1.31
C SER A 103 5.42 21.77 0.57
N ASP A 104 4.44 22.68 0.61
CA ASP A 104 4.58 24.00 -0.01
C ASP A 104 4.22 25.10 1.01
N THR A 105 4.50 24.82 2.28
CA THR A 105 4.38 25.80 3.34
C THR A 105 5.80 26.25 3.72
N PHE A 106 6.02 27.55 3.72
CA PHE A 106 7.33 28.10 3.92
C PHE A 106 7.26 29.11 5.05
N LEU A 107 8.39 29.26 5.73
CA LEU A 107 8.54 30.20 6.81
C LEU A 107 9.62 31.16 6.42
N ASP A 108 9.23 32.40 6.18
CA ASP A 108 10.12 33.38 5.57
C ASP A 108 10.83 32.82 4.37
N GLY A 109 10.10 32.14 3.51
CA GLY A 109 10.65 31.72 2.23
C GLY A 109 11.50 30.47 2.27
N MET A 110 11.64 29.87 3.44
CA MET A 110 12.49 28.70 3.60
C MET A 110 11.64 27.47 3.87
N ARG A 111 12.07 26.35 3.33
CA ARG A 111 11.45 25.07 3.58
C ARG A 111 11.20 24.83 5.08
N ASP A 112 10.01 24.33 5.42
CA ASP A 112 9.63 24.12 6.81
C ASP A 112 10.23 22.80 7.37
N VAL A 113 11.54 22.75 7.51
CA VAL A 113 12.15 21.58 8.11
C VAL A 113 11.71 21.39 9.54
N ALA A 114 11.43 20.12 9.87
CA ALA A 114 11.03 19.71 11.22
C ALA A 114 9.66 20.21 11.60
N SER A 115 8.94 20.77 10.63
CA SER A 115 7.52 21.03 10.74
C SER A 115 7.17 21.83 11.98
N GLN A 116 7.49 23.12 11.96
CA GLN A 116 7.25 23.99 13.07
C GLN A 116 5.79 24.31 13.24
N THR A 117 5.36 24.48 14.48
CA THR A 117 4.07 25.07 14.77
C THR A 117 4.25 26.54 14.99
N ARG A 118 3.46 27.35 14.29
CA ARG A 118 3.44 28.77 14.53
C ARG A 118 2.02 29.17 14.90
N GLU A 119 1.88 30.41 15.33
CA GLU A 119 0.58 30.91 15.78
C GLU A 119 0.32 32.20 15.00
N VAL A 120 -0.06 33.28 15.66
CA VAL A 120 -0.16 34.58 14.96
C VAL A 120 0.69 35.66 15.66
N PHE A 121 1.11 35.42 16.90
CA PHE A 121 1.70 36.53 17.70
C PHE A 121 3.01 37.03 17.10
N ASN A 122 3.66 36.18 16.34
CA ASN A 122 4.94 36.55 15.70
C ASN A 122 4.85 36.62 14.18
N VAL A 123 3.62 36.63 13.67
CA VAL A 123 3.38 36.69 12.23
C VAL A 123 3.13 38.13 11.76
N GLU A 124 3.88 38.55 10.76
CA GLU A 124 3.63 39.85 10.12
C GLU A 124 2.50 39.75 9.11
N GLN A 125 2.59 38.77 8.24
CA GLN A 125 1.63 38.59 7.16
C GLN A 125 1.75 37.19 6.60
N ILE A 126 0.73 36.77 5.86
CA ILE A 126 0.70 35.44 5.27
C ILE A 126 0.47 35.57 3.77
N GLU A 127 1.39 35.03 2.99
CA GLU A 127 1.30 35.15 1.55
C GLU A 127 0.78 33.85 0.98
N VAL A 128 -0.34 33.96 0.29
CA VAL A 128 -0.97 32.84 -0.35
C VAL A 128 -0.88 32.93 -1.84
N SER A 129 -0.08 32.04 -2.44
CA SER A 129 0.07 32.00 -3.89
C SER A 129 -0.69 30.78 -4.46
N LYS A 130 -1.44 30.99 -5.53
CA LYS A 130 -2.14 29.92 -6.18
C LYS A 130 -1.82 29.76 -7.65
N GLY A 131 -1.40 30.84 -8.31
CA GLY A 131 -1.19 30.83 -9.78
C GLY A 131 -0.06 29.89 -10.17
N PRO A 132 0.16 29.73 -11.49
CA PRO A 132 1.20 28.85 -11.98
C PRO A 132 2.56 29.27 -11.47
N GLY A 133 3.37 28.29 -11.11
CA GLY A 133 4.75 28.52 -10.70
C GLY A 133 4.85 28.80 -9.22
N SER A 134 6.02 28.51 -8.65
CA SER A 134 6.31 28.89 -7.27
C SER A 134 7.61 29.65 -7.24
N ALA A 135 7.69 30.64 -6.37
CA ALA A 135 8.92 31.35 -6.12
C ALA A 135 9.77 30.57 -5.12
N TYR A 136 9.23 29.46 -4.62
CA TYR A 136 9.87 28.69 -3.54
C TYR A 136 10.21 27.28 -4.02
N THR A 137 10.80 26.48 -3.14
CA THR A 137 11.46 25.23 -3.56
C THR A 137 10.61 23.96 -3.60
N GLY A 138 9.35 24.07 -3.21
CA GLY A 138 8.45 22.91 -3.34
C GLY A 138 8.90 21.96 -4.45
N ALA A 139 9.12 20.69 -4.09
CA ALA A 139 9.60 19.68 -5.03
C ALA A 139 8.52 19.28 -6.05
N GLY A 140 8.69 19.69 -7.30
CA GLY A 140 7.73 19.35 -8.34
C GLY A 140 6.42 20.12 -8.28
N SER A 141 6.38 21.21 -7.51
CA SER A 141 5.12 21.97 -7.39
C SER A 141 4.97 22.96 -8.52
N THR A 142 3.84 22.90 -9.21
CA THR A 142 3.57 23.85 -10.27
C THR A 142 2.77 25.03 -9.75
N GLY A 143 2.64 25.14 -8.44
CA GLY A 143 1.96 26.30 -7.85
C GLY A 143 1.15 25.93 -6.64
N GLY A 144 0.86 26.92 -5.81
CA GLY A 144 0.15 26.71 -4.58
C GLY A 144 1.14 26.73 -3.42
N SER A 145 1.25 27.86 -2.73
CA SER A 145 2.13 27.95 -1.59
C SER A 145 1.64 28.89 -0.53
N LEU A 146 2.06 28.63 0.69
CA LEU A 146 1.84 29.54 1.80
C LEU A 146 3.20 29.95 2.32
N ASN A 147 3.39 31.26 2.52
CA ASN A 147 4.63 31.73 3.08
C ASN A 147 4.30 32.60 4.27
N LEU A 148 4.69 32.12 5.45
CA LEU A 148 4.42 32.84 6.67
C LEU A 148 5.60 33.80 6.94
N ILE A 149 5.31 35.08 6.97
CA ILE A 149 6.36 36.08 7.15
C ILE A 149 6.38 36.46 8.61
N SER A 150 7.52 36.23 9.26
CA SER A 150 7.71 36.55 10.69
C SER A 150 7.96 38.03 10.92
N LYS A 151 7.59 38.52 12.10
CA LYS A 151 7.87 39.88 12.48
C LYS A 151 9.38 40.09 12.53
N THR A 152 9.82 41.25 12.09
CA THR A 152 11.24 41.63 12.18
C THR A 152 11.33 43.01 12.81
N ALA A 153 12.53 43.37 13.24
CA ALA A 153 12.72 44.62 13.96
C ALA A 153 12.64 45.80 13.01
N LYS A 154 11.95 46.85 13.46
CA LYS A 154 11.68 48.03 12.65
C LYS A 154 12.52 49.21 13.11
N GLN A 155 12.74 50.16 12.23
CA GLN A 155 13.41 51.38 12.65
C GLN A 155 12.34 52.29 13.26
N ASP A 156 11.89 51.93 14.45
CA ASP A 156 10.87 52.67 15.19
C ASP A 156 10.96 52.27 16.66
N ASN A 157 10.27 53.03 17.50
CA ASN A 157 10.15 52.69 18.90
C ASN A 157 8.68 52.56 19.17
N PHE A 158 8.26 51.36 19.52
CA PHE A 158 6.90 51.16 19.93
C PHE A 158 6.75 50.05 20.94
N THR A 159 5.63 50.09 21.66
CA THR A 159 5.27 49.07 22.62
C THR A 159 3.76 48.81 22.50
N ASP A 160 3.40 47.58 22.14
CA ASP A 160 1.99 47.15 22.06
C ASP A 160 1.76 46.04 23.07
N ALA A 161 0.63 46.09 23.75
CA ALA A 161 0.26 45.04 24.68
C ALA A 161 -1.23 44.80 24.55
N GLY A 162 -1.62 43.53 24.54
CA GLY A 162 -3.02 43.17 24.41
C GLY A 162 -3.46 42.22 25.49
N PHE A 163 -4.64 42.48 26.03
CA PHE A 163 -5.26 41.60 27.01
C PHE A 163 -6.65 41.26 26.54
N THR A 164 -6.93 39.97 26.40
CA THR A 164 -8.19 39.51 25.84
C THR A 164 -8.87 38.52 26.76
N TRP A 165 -10.17 38.71 26.92
CA TRP A 165 -11.04 37.79 27.66
C TRP A 165 -12.10 37.27 26.72
N GLY A 166 -12.46 36.00 26.86
CA GLY A 166 -13.48 35.42 25.98
C GLY A 166 -14.64 34.69 26.65
N SER A 167 -15.75 34.60 25.93
CA SER A 167 -16.92 33.84 26.38
C SER A 167 -16.62 32.34 26.48
N ASP A 168 -15.52 31.93 25.85
CA ASP A 168 -15.02 30.55 25.89
C ASP A 168 -13.88 30.41 26.90
N GLN A 169 -13.82 31.35 27.84
CA GLN A 169 -12.81 31.42 28.88
C GLN A 169 -11.42 31.79 28.36
N THR A 170 -11.35 32.35 27.16
CA THR A 170 -10.07 32.85 26.66
C THR A 170 -9.48 33.80 27.66
N ARG A 171 -8.20 33.58 27.98
CA ARG A 171 -7.36 34.55 28.63
C ARG A 171 -6.09 34.64 27.81
N ARG A 172 -5.87 35.77 27.17
CA ARG A 172 -4.71 35.93 26.29
C ARG A 172 -4.00 37.23 26.60
N THR A 173 -2.67 37.17 26.65
CA THR A 173 -1.84 38.32 26.86
C THR A 173 -0.73 38.33 25.82
N THR A 174 -0.54 39.46 25.15
CA THR A 174 0.56 39.59 24.22
C THR A 174 1.36 40.84 24.51
N LEU A 175 2.63 40.81 24.12
CA LEU A 175 3.48 41.98 24.20
C LEU A 175 4.30 42.03 22.91
N ASP A 176 4.41 43.21 22.32
CA ASP A 176 5.18 43.42 21.08
C ASP A 176 5.96 44.70 21.33
N VAL A 177 7.24 44.56 21.59
CA VAL A 177 8.05 45.74 21.86
C VAL A 177 9.20 45.84 20.86
N ASN A 178 9.39 47.05 20.34
CA ASN A 178 10.39 47.29 19.32
C ASN A 178 11.20 48.53 19.69
N ARG A 179 12.52 48.41 19.65
CA ARG A 179 13.40 49.51 20.02
C ARG A 179 14.49 49.70 18.99
N MET A 180 14.67 50.94 18.55
CA MET A 180 15.79 51.28 17.72
C MET A 180 17.04 51.31 18.56
N ILE A 181 18.13 50.89 17.95
CA ILE A 181 19.44 51.03 18.55
C ILE A 181 20.24 51.87 17.58
N GLY A 182 20.38 53.16 17.89
CA GLY A 182 21.01 54.09 17.00
C GLY A 182 20.32 54.16 15.66
N ASP A 183 21.08 54.54 14.65
CA ASP A 183 20.58 54.65 13.29
C ASP A 183 20.65 53.32 12.53
N ASN A 184 21.32 52.32 13.07
CA ASN A 184 21.66 51.17 12.22
C ASN A 184 21.30 49.78 12.77
N ALA A 185 20.59 49.69 13.88
CA ALA A 185 20.19 48.43 14.42
C ALA A 185 18.83 48.58 15.10
N ALA A 186 18.21 47.47 15.43
CA ALA A 186 16.95 47.47 16.20
C ALA A 186 16.68 46.11 16.78
N PHE A 187 15.82 46.06 17.80
CA PHE A 187 15.47 44.86 18.52
C PHE A 187 13.97 44.78 18.57
N ARG A 188 13.41 43.59 18.41
CA ARG A 188 11.97 43.41 18.63
C ARG A 188 11.76 42.15 19.42
N LEU A 189 10.81 42.21 20.36
CA LEU A 189 10.48 41.05 21.18
C LEU A 189 8.96 40.85 21.17
N ASN A 190 8.53 39.65 20.86
CA ASN A 190 7.13 39.31 20.95
C ASN A 190 6.93 38.19 21.96
N LEU A 191 5.94 38.37 22.81
CA LEU A 191 5.59 37.40 23.83
C LEU A 191 4.11 37.14 23.75
N MET A 192 3.70 35.92 24.11
CA MET A 192 2.29 35.53 24.06
C MET A 192 2.05 34.48 25.11
N LYS A 193 0.89 34.57 25.78
CA LYS A 193 0.38 33.52 26.59
C LYS A 193 -1.11 33.40 26.33
N HIS A 194 -1.61 32.17 26.22
CA HIS A 194 -2.97 31.94 25.75
C HIS A 194 -3.56 30.70 26.37
N ASP A 195 -4.73 30.84 26.99
CA ASP A 195 -5.50 29.71 27.49
C ASP A 195 -6.96 29.89 27.14
N ALA A 196 -7.63 28.80 26.76
CA ALA A 196 -9.01 28.88 26.45
C ALA A 196 -9.68 27.51 26.47
N HIS A 197 -10.98 27.51 26.67
CA HIS A 197 -11.79 26.35 26.31
C HIS A 197 -12.17 26.53 24.84
N VAL A 198 -12.87 25.55 24.27
CA VAL A 198 -13.27 25.68 22.87
C VAL A 198 -14.77 25.74 22.85
N ALA A 199 -15.32 26.83 22.33
CA ALA A 199 -16.76 27.00 22.28
C ALA A 199 -17.44 25.84 21.56
N GLY A 200 -18.44 25.25 22.20
CA GLY A 200 -19.22 24.18 21.58
C GLY A 200 -18.47 22.86 21.41
N ARG A 201 -17.39 22.67 22.16
CA ARG A 201 -16.74 21.36 22.25
C ARG A 201 -16.51 20.99 23.72
N ASP A 202 -17.25 19.99 24.18
N ASP A 202 -17.25 20.00 24.19
CA ASP A 202 -17.25 19.62 25.57
CA ASP A 202 -17.24 19.62 25.60
C ASP A 202 -15.86 19.25 26.05
C ASP A 202 -15.85 19.26 26.05
N GLU A 203 -15.38 19.97 27.07
CA GLU A 203 -14.16 19.63 27.79
C GLU A 203 -12.86 19.82 27.02
N VAL A 204 -12.93 20.36 25.82
CA VAL A 204 -11.72 20.58 25.03
C VAL A 204 -11.14 21.94 25.43
N SER A 205 -9.82 21.98 25.61
CA SER A 205 -9.11 23.19 25.99
C SER A 205 -7.81 23.33 25.20
N VAL A 206 -7.30 24.55 25.14
CA VAL A 206 -5.99 24.82 24.53
C VAL A 206 -5.17 25.72 25.45
N SER A 207 -3.85 25.54 25.40
CA SER A 207 -2.95 26.43 26.09
C SER A 207 -1.67 26.48 25.31
N ARG A 208 -1.09 27.65 25.28
CA ARG A 208 0.15 27.87 24.60
C ARG A 208 0.82 29.15 25.07
N TRP A 209 2.13 29.21 24.84
CA TRP A 209 2.88 30.41 25.11
C TRP A 209 4.10 30.46 24.19
N GLY A 210 4.57 31.66 23.95
CA GLY A 210 5.65 31.84 23.03
C GLY A 210 6.51 33.04 23.29
N VAL A 211 7.73 32.97 22.76
CA VAL A 211 8.68 34.06 22.90
C VAL A 211 9.53 34.13 21.64
N ALA A 212 9.72 35.34 21.13
CA ALA A 212 10.35 35.55 19.85
C ALA A 212 11.15 36.84 19.84
N PRO A 213 12.45 36.74 20.17
CA PRO A 213 13.32 37.90 20.00
C PRO A 213 14.01 37.95 18.63
N THR A 214 14.20 39.17 18.12
CA THR A 214 14.91 39.35 16.87
C THR A 214 15.68 40.65 16.89
N VAL A 215 16.84 40.61 16.26
CA VAL A 215 17.67 41.81 16.14
C VAL A 215 18.12 41.94 14.70
N THR A 216 18.19 43.18 14.24
CA THR A 216 18.77 43.47 12.95
C THR A 216 19.92 44.44 13.11
N PHE A 217 21.01 44.10 12.42
CA PHE A 217 22.22 44.94 12.32
C PHE A 217 22.37 45.43 10.88
N GLY A 218 22.46 46.74 10.72
CA GLY A 218 22.99 47.27 9.50
C GLY A 218 22.08 48.09 8.61
N PHE A 219 20.92 48.51 9.12
CA PHE A 219 20.06 49.42 8.37
C PHE A 219 20.92 50.54 7.82
N ASP A 220 20.66 50.88 6.56
CA ASP A 220 21.31 51.98 5.86
C ASP A 220 22.80 51.72 5.66
N THR A 221 23.18 50.43 5.61
CA THR A 221 24.55 50.04 5.30
C THR A 221 24.54 48.97 4.20
N PRO A 222 25.71 48.71 3.62
CA PRO A 222 25.82 47.74 2.53
C PRO A 222 25.67 46.28 2.97
N THR A 223 25.76 46.06 4.27
CA THR A 223 25.66 44.73 4.85
C THR A 223 24.61 44.77 5.93
N ARG A 224 23.64 43.85 5.86
CA ARG A 224 22.58 43.78 6.82
C ARG A 224 22.43 42.36 7.31
N ALA A 225 22.20 42.20 8.61
CA ALA A 225 22.05 40.86 9.17
C ALA A 225 20.94 40.81 10.18
N THR A 226 20.22 39.69 10.22
CA THR A 226 19.20 39.53 11.22
C THR A 226 19.36 38.21 11.92
N LEU A 227 19.17 38.24 13.23
CA LEU A 227 19.23 37.05 14.07
C LEU A 227 17.88 36.94 14.72
N SER A 228 17.25 35.79 14.62
CA SER A 228 15.93 35.58 15.16
C SER A 228 15.86 34.29 15.94
N TYR A 229 15.07 34.29 17.00
CA TYR A 229 14.78 33.08 17.71
C TYR A 229 13.29 32.98 17.92
N TYR A 230 12.78 31.76 17.89
CA TYR A 230 11.34 31.53 18.09
C TYR A 230 11.14 30.30 18.95
N HIS A 231 10.29 30.43 19.99
CA HIS A 231 9.88 29.31 20.79
C HIS A 231 8.38 29.36 20.95
N LEU A 232 7.75 28.22 20.74
CA LEU A 232 6.30 28.07 21.04
C LEU A 232 6.13 26.74 21.77
N SER A 233 5.36 26.74 22.85
CA SER A 233 4.97 25.52 23.52
C SER A 233 3.45 25.46 23.49
N THR A 234 2.92 24.28 23.23
CA THR A 234 1.48 24.08 23.28
C THR A 234 1.12 22.91 24.17
N ASP A 235 -0.08 22.97 24.74
CA ASP A 235 -0.57 21.88 25.60
C ASP A 235 -2.09 21.89 25.52
N ASP A 236 -2.64 20.97 24.71
CA ASP A 236 -4.04 21.00 24.32
C ASP A 236 -4.69 19.66 24.56
N MET A 237 -6.03 19.67 24.67
CA MET A 237 -6.80 18.46 24.61
C MET A 237 -7.10 18.17 23.14
N PRO A 238 -6.46 17.13 22.57
CA PRO A 238 -6.68 16.95 21.12
C PRO A 238 -8.09 16.45 20.84
N ASP A 239 -8.65 16.84 19.70
CA ASP A 239 -10.06 16.62 19.40
C ASP A 239 -10.22 16.21 17.92
N TYR A 240 -10.54 14.94 17.68
CA TYR A 240 -10.83 14.46 16.33
C TYR A 240 -12.29 14.60 15.93
N GLY A 241 -13.10 15.30 16.72
CA GLY A 241 -14.47 15.57 16.29
C GLY A 241 -15.43 14.42 16.44
N LEU A 242 -16.34 14.29 15.44
CA LEU A 242 -17.42 13.28 15.48
C LEU A 242 -17.12 12.14 14.53
N PRO A 243 -17.59 10.95 14.85
CA PRO A 243 -17.46 9.87 13.89
C PRO A 243 -18.30 10.09 12.65
N LEU A 244 -17.77 9.65 11.52
CA LEU A 244 -18.60 9.42 10.32
C LEU A 244 -19.37 8.14 10.54
N THR A 245 -20.55 8.03 9.95
CA THR A 245 -21.21 6.74 9.88
C THR A 245 -20.39 5.86 8.89
N ASN A 246 -20.62 4.57 8.97
CA ASN A 246 -19.99 3.60 8.09
C ASN A 246 -20.81 2.32 7.93
N VAL A 247 -21.97 2.50 7.36
CA VAL A 247 -22.83 1.40 7.05
C VAL A 247 -23.30 1.59 5.62
N ASN A 248 -23.06 0.61 4.75
CA ASN A 248 -23.44 0.69 3.35
C ASN A 248 -22.84 1.91 2.66
N ARG A 249 -21.63 2.29 3.07
CA ARG A 249 -20.96 3.45 2.48
C ARG A 249 -20.71 3.30 0.98
N SER A 250 -21.10 4.29 0.19
CA SER A 250 -20.90 4.29 -1.27
C SER A 250 -21.16 5.69 -1.79
N LYS A 251 -20.86 5.93 -3.05
CA LYS A 251 -21.20 7.21 -3.67
C LYS A 251 -22.73 7.47 -3.64
N ALA A 252 -23.52 6.42 -3.80
CA ALA A 252 -25.02 6.55 -3.78
C ALA A 252 -25.61 6.63 -2.34
N ASN A 253 -24.83 6.23 -1.33
CA ASN A 253 -25.16 6.35 0.08
C ASN A 253 -23.94 6.83 0.86
N PRO A 254 -23.63 8.10 0.71
CA PRO A 254 -22.39 8.60 1.30
C PRO A 254 -22.50 8.82 2.79
N SER A 255 -21.39 8.62 3.49
CA SER A 255 -21.35 8.77 4.92
C SER A 255 -21.10 10.21 5.29
N LYS A 256 -21.89 10.70 6.24
CA LYS A 256 -21.66 11.98 6.86
C LYS A 256 -21.47 11.80 8.35
N PRO A 257 -21.15 12.90 9.04
CA PRO A 257 -21.01 12.77 10.47
C PRO A 257 -22.30 12.28 11.15
N ALA A 258 -22.15 11.45 12.15
CA ALA A 258 -23.29 11.06 12.97
C ALA A 258 -24.11 12.30 13.36
N SER A 259 -25.43 12.11 13.37
CA SER A 259 -26.35 13.22 13.69
C SER A 259 -26.60 13.29 15.18
N VAL A 260 -25.58 13.75 15.91
CA VAL A 260 -25.59 13.85 17.37
C VAL A 260 -25.18 15.28 17.74
N ASP A 261 -25.36 15.65 19.00
CA ASP A 261 -25.01 16.99 19.54
C ASP A 261 -23.56 17.36 19.13
N ARG A 262 -23.38 18.51 18.49
CA ARG A 262 -22.05 18.88 17.99
C ARG A 262 -21.11 19.39 19.09
N ASP A 263 -21.60 19.42 20.32
CA ASP A 263 -20.77 19.60 21.50
C ASP A 263 -20.03 18.32 21.88
N ASN A 264 -20.45 17.19 21.32
CA ASN A 264 -20.00 15.87 21.82
C ASN A 264 -18.51 15.65 21.60
N PHE A 265 -17.80 15.31 22.66
CA PHE A 265 -16.35 15.04 22.59
C PHE A 265 -16.15 13.58 23.03
N TYR A 266 -15.41 12.80 22.23
CA TYR A 266 -15.23 11.37 22.47
C TYR A 266 -13.92 10.99 23.11
N GLY A 267 -13.07 11.98 23.41
CA GLY A 267 -11.83 11.73 24.11
C GLY A 267 -11.94 11.64 25.62
N LEU A 268 -10.81 11.42 26.24
CA LEU A 268 -10.72 11.22 27.67
C LEU A 268 -9.91 12.30 28.32
N LYS A 269 -10.53 13.04 29.23
CA LYS A 269 -9.81 14.05 29.97
C LYS A 269 -8.60 13.46 30.69
N ASP A 270 -8.73 12.25 31.23
CA ASP A 270 -7.65 11.65 32.01
C ASP A 270 -6.58 10.92 31.19
N ARG A 271 -6.71 10.87 29.87
CA ARG A 271 -5.72 10.13 29.04
C ARG A 271 -5.15 10.96 27.93
N ASP A 272 -6.02 11.69 27.24
CA ASP A 272 -5.66 12.35 25.99
C ASP A 272 -4.97 13.70 26.26
N TYR A 273 -4.01 14.03 25.40
CA TYR A 273 -3.26 15.28 25.47
C TYR A 273 -2.39 15.43 24.19
N ARG A 274 -1.97 16.65 23.92
CA ARG A 274 -1.11 16.97 22.81
C ARG A 274 -0.21 18.11 23.23
N LYS A 275 1.08 17.81 23.32
CA LYS A 275 2.06 18.75 23.76
C LYS A 275 3.13 18.87 22.69
N SER A 276 3.36 20.10 22.25
CA SER A 276 4.38 20.36 21.24
C SER A 276 5.31 21.44 21.72
N THR A 277 6.56 21.36 21.27
CA THR A 277 7.50 22.45 21.43
C THR A 277 8.13 22.74 20.06
N THR A 278 8.39 24.02 19.84
CA THR A 278 9.04 24.52 18.65
C THR A 278 10.14 25.44 19.09
N ASP A 279 11.36 25.21 18.60
CA ASP A 279 12.50 26.08 18.82
C ASP A 279 13.22 26.28 17.48
N SER A 280 13.44 27.54 17.10
CA SER A 280 13.95 27.90 15.77
C SER A 280 14.89 29.05 15.91
N GLY A 281 16.03 28.94 15.25
CA GLY A 281 17.03 30.01 15.24
C GLY A 281 17.46 30.31 13.82
N THR A 282 17.45 31.58 13.43
CA THR A 282 17.75 31.98 12.07
C THR A 282 18.79 33.10 12.00
N PHE A 283 19.74 32.94 11.08
CA PHE A 283 20.71 33.95 10.82
C PHE A 283 20.69 34.25 9.32
N ARG A 284 20.41 35.51 8.97
CA ARG A 284 20.33 35.92 7.58
C ARG A 284 21.26 37.09 7.42
N ILE A 285 22.06 37.05 6.36
CA ILE A 285 22.95 38.14 6.07
C ILE A 285 22.91 38.46 4.59
N GLU A 286 22.91 39.74 4.27
CA GLU A 286 22.92 40.16 2.89
C GLU A 286 23.94 41.26 2.70
N HIS A 287 24.49 41.32 1.50
CA HIS A 287 25.53 42.29 1.20
C HIS A 287 25.36 42.79 -0.22
N ASP A 288 25.31 44.09 -0.37
CA ASP A 288 25.26 44.70 -1.70
C ASP A 288 26.67 44.74 -2.27
N LEU A 289 26.90 44.02 -3.37
CA LEU A 289 28.20 44.08 -4.07
C LEU A 289 28.30 45.38 -4.85
N ASN A 290 27.15 45.90 -5.26
CA ASN A 290 27.05 47.24 -5.82
C ASN A 290 25.57 47.60 -5.84
N ASP A 291 25.21 48.73 -6.44
CA ASP A 291 23.81 49.18 -6.36
C ASP A 291 22.83 48.21 -7.05
N ASN A 292 23.34 47.32 -7.88
CA ASN A 292 22.49 46.45 -8.70
C ASN A 292 22.62 44.97 -8.38
N LEU A 293 23.32 44.62 -7.32
CA LEU A 293 23.62 43.22 -7.06
C LEU A 293 23.74 42.97 -5.57
N THR A 294 22.92 42.06 -5.07
CA THR A 294 22.93 41.73 -3.65
C THR A 294 23.06 40.23 -3.47
N LEU A 295 23.99 39.83 -2.61
CA LEU A 295 24.18 38.43 -2.25
C LEU A 295 23.63 38.18 -0.84
N SER A 296 22.95 37.06 -0.62
CA SER A 296 22.50 36.76 0.71
C SER A 296 22.71 35.29 1.05
N ASN A 297 22.78 35.02 2.35
CA ASN A 297 22.82 33.67 2.84
C ASN A 297 21.97 33.60 4.11
N SER A 298 21.15 32.58 4.21
CA SER A 298 20.27 32.39 5.35
C SER A 298 20.40 30.97 5.84
N THR A 299 20.50 30.81 7.16
CA THR A 299 20.60 29.50 7.76
C THR A 299 19.65 29.43 8.93
N ARG A 300 18.95 28.32 9.04
CA ARG A 300 18.01 28.13 10.12
C ARG A 300 18.15 26.73 10.69
N LEU A 301 18.16 26.66 12.02
CA LEU A 301 18.19 25.40 12.74
C LEU A 301 16.87 25.29 13.52
N VAL A 302 16.31 24.10 13.56
CA VAL A 302 15.01 23.86 14.15
C VAL A 302 15.04 22.58 14.98
N ARG A 303 14.40 22.61 16.13
CA ARG A 303 14.06 21.41 16.87
C ARG A 303 12.59 21.49 17.28
N THR A 304 11.85 20.43 17.00
CA THR A 304 10.46 20.34 17.45
C THR A 304 10.25 19.02 18.18
N THR A 305 9.27 19.00 19.08
CA THR A 305 8.82 17.77 19.69
C THR A 305 7.32 17.71 19.61
N LEU A 306 6.79 16.50 19.55
CA LEU A 306 5.35 16.31 19.56
C LEU A 306 5.03 15.03 20.31
N ASP A 307 4.21 15.16 21.35
CA ASP A 307 3.89 14.08 22.23
C ASP A 307 2.36 14.15 22.36
N TYR A 308 1.67 13.12 21.89
CA TYR A 308 0.20 13.12 22.01
C TYR A 308 -0.41 11.76 22.12
N ILE A 309 -1.57 11.73 22.79
CA ILE A 309 -2.48 10.63 22.75
C ILE A 309 -3.83 11.24 22.45
N VAL A 310 -4.51 10.71 21.45
CA VAL A 310 -5.79 11.24 20.99
C VAL A 310 -6.74 10.11 20.72
N SER A 311 -8.05 10.37 20.90
CA SER A 311 -9.05 9.34 20.70
C SER A 311 -9.72 9.51 19.35
N ASN A 312 -9.53 8.52 18.49
CA ASN A 312 -10.27 8.43 17.24
C ASN A 312 -11.66 7.87 17.59
N PRO A 313 -12.72 8.58 17.20
CA PRO A 313 -14.07 8.14 17.58
C PRO A 313 -14.56 6.94 16.75
N ASP A 314 -14.19 5.77 17.25
CA ASP A 314 -14.58 4.43 16.80
C ASP A 314 -13.69 3.77 15.75
N ASP A 315 -12.92 4.56 15.01
CA ASP A 315 -11.96 4.01 14.02
C ASP A 315 -12.63 3.01 13.07
N SER A 316 -13.87 3.31 12.65
CA SER A 316 -14.65 2.44 11.80
C SER A 316 -14.80 1.01 12.31
N ARG A 317 -14.98 0.82 13.62
CA ARG A 317 -15.01 -0.49 14.17
C ARG A 317 -16.41 -1.02 14.31
N GLY A 318 -17.38 -0.31 13.77
CA GLY A 318 -18.74 -0.83 13.71
C GLY A 318 -19.65 -0.54 14.90
N ASN A 319 -19.18 0.25 15.84
CA ASN A 319 -19.96 0.45 17.07
C ASN A 319 -20.94 1.62 16.94
N VAL A 320 -20.58 2.55 16.08
CA VAL A 320 -21.40 3.76 15.84
C VAL A 320 -22.82 3.38 15.41
N ALA A 321 -22.94 2.36 14.55
CA ALA A 321 -24.23 1.85 14.13
C ALA A 321 -25.09 1.36 15.26
N ASN A 322 -24.45 0.97 16.34
CA ASN A 322 -25.13 0.45 17.49
C ASN A 322 -25.23 1.45 18.63
N GLY A 323 -24.80 2.69 18.36
CA GLY A 323 -24.87 3.74 19.38
C GLY A 323 -23.71 3.86 20.33
N TYR A 324 -22.55 3.31 19.96
CA TYR A 324 -21.41 3.32 20.84
C TYR A 324 -20.18 3.74 20.06
N VAL A 325 -19.18 4.17 20.79
CA VAL A 325 -17.94 4.64 20.21
C VAL A 325 -16.76 4.06 21.02
N TYR A 326 -15.88 3.32 20.33
CA TYR A 326 -14.65 2.84 20.92
C TYR A 326 -13.65 3.98 20.83
N ARG A 327 -13.15 4.45 21.96
CA ARG A 327 -12.15 5.49 21.98
C ARG A 327 -10.78 4.94 21.57
N SER A 328 -10.54 4.92 20.26
CA SER A 328 -9.39 4.23 19.72
C SER A 328 -8.19 5.12 19.80
N ALA A 329 -7.24 4.78 20.67
CA ALA A 329 -6.13 5.66 20.99
C ALA A 329 -5.09 5.66 19.88
N LYS A 330 -4.67 6.86 19.48
CA LYS A 330 -3.58 7.04 18.54
C LYS A 330 -2.54 7.88 19.24
N SER A 331 -1.26 7.63 18.96
CA SER A 331 -0.24 8.37 19.69
C SER A 331 0.96 8.71 18.83
N ARG A 332 1.74 9.64 19.35
CA ARG A 332 2.99 10.02 18.77
C ARG A 332 3.92 10.49 19.88
N ASN A 333 5.22 10.18 19.75
CA ASN A 333 6.20 10.71 20.66
C ASN A 333 7.48 10.90 19.90
N SER A 334 7.62 12.08 19.32
CA SER A 334 8.67 12.30 18.36
C SER A 334 9.51 13.52 18.72
N THR A 335 10.72 13.49 18.20
CA THR A 335 11.62 14.64 18.19
C THR A 335 12.14 14.82 16.75
N SER A 336 12.13 16.06 16.28
CA SER A 336 12.55 16.39 14.95
C SER A 336 13.60 17.48 15.00
N LYS A 337 14.62 17.34 14.19
CA LYS A 337 15.70 18.32 14.16
C LYS A 337 15.96 18.61 12.69
N GLY A 338 16.21 19.86 12.39
CA GLY A 338 16.43 20.23 11.01
C GLY A 338 17.30 21.44 10.82
N TRP A 339 17.80 21.58 9.59
CA TRP A 339 18.47 22.80 9.19
C TRP A 339 18.22 23.07 7.75
N VAL A 340 18.23 24.35 7.40
CA VAL A 340 18.05 24.75 6.00
C VAL A 340 18.97 25.92 5.75
N ASN A 341 19.64 25.91 4.59
CA ASN A 341 20.50 26.97 4.20
C ASN A 341 20.16 27.42 2.79
N GLN A 342 20.07 28.73 2.60
CA GLN A 342 19.79 29.29 1.27
C GLN A 342 20.83 30.32 0.93
N THR A 343 21.30 30.30 -0.31
CA THR A 343 22.23 31.31 -0.78
C THR A 343 21.65 31.85 -2.06
N ASP A 344 21.50 33.17 -2.15
CA ASP A 344 20.78 33.79 -3.26
C ASP A 344 21.54 34.98 -3.78
N LEU A 345 21.35 35.26 -5.07
CA LEU A 345 21.87 36.45 -5.69
C LEU A 345 20.68 37.16 -6.33
N LYS A 346 20.58 38.46 -6.15
CA LYS A 346 19.56 39.25 -6.83
C LYS A 346 20.21 40.38 -7.58
N ALA A 347 19.77 40.60 -8.81
CA ALA A 347 20.44 41.54 -9.69
C ALA A 347 19.45 42.29 -10.57
N ASN A 348 19.74 43.57 -10.80
CA ASN A 348 19.10 44.36 -11.82
C ASN A 348 20.15 44.63 -12.89
N PHE A 349 19.82 44.34 -14.15
CA PHE A 349 20.73 44.69 -15.24
C PHE A 349 19.99 44.78 -16.54
N GLU A 350 20.67 45.27 -17.58
CA GLU A 350 20.04 45.43 -18.88
C GLU A 350 20.74 44.58 -19.93
N THR A 351 19.97 43.99 -20.84
CA THR A 351 20.51 43.44 -22.08
C THR A 351 19.85 44.12 -23.26
N GLY A 352 20.58 45.03 -23.89
CA GLY A 352 19.99 45.94 -24.87
C GLY A 352 18.86 46.72 -24.22
N PHE A 353 17.68 46.69 -24.85
CA PHE A 353 16.54 47.48 -24.37
C PHE A 353 15.80 46.75 -23.23
N ILE A 354 16.17 45.50 -22.96
CA ILE A 354 15.43 44.72 -21.98
C ILE A 354 16.01 44.91 -20.58
N LYS A 355 15.14 45.19 -19.62
CA LYS A 355 15.56 45.33 -18.23
C LYS A 355 15.26 44.05 -17.51
N HIS A 356 16.27 43.47 -16.88
CA HIS A 356 16.09 42.23 -16.11
C HIS A 356 16.04 42.52 -14.61
N THR A 357 15.11 41.86 -13.95
CA THR A 357 15.21 41.69 -12.51
C THR A 357 15.30 40.22 -12.28
N LEU A 358 16.45 39.78 -11.77
CA LEU A 358 16.77 38.36 -11.70
C LEU A 358 17.12 37.91 -10.28
N VAL A 359 16.69 36.72 -9.93
CA VAL A 359 17.09 36.14 -8.66
C VAL A 359 17.50 34.70 -8.91
N THR A 360 18.61 34.27 -8.32
CA THR A 360 19.06 32.90 -8.51
C THR A 360 19.61 32.42 -7.17
N GLY A 361 19.41 31.16 -6.87
CA GLY A 361 19.99 30.65 -5.62
C GLY A 361 20.00 29.15 -5.51
N LEU A 362 20.50 28.70 -4.36
CA LEU A 362 20.58 27.30 -3.98
C LEU A 362 20.00 27.15 -2.58
N GLU A 363 19.25 26.07 -2.35
CA GLU A 363 18.74 25.73 -1.03
C GLU A 363 19.15 24.29 -0.74
N PHE A 364 19.59 24.06 0.49
CA PHE A 364 19.89 22.72 0.99
C PHE A 364 19.19 22.57 2.33
N SER A 365 18.69 21.38 2.62
CA SER A 365 18.09 21.13 3.90
C SER A 365 18.34 19.70 4.37
N TYR A 366 18.23 19.53 5.67
CA TYR A 366 18.30 18.21 6.27
C TYR A 366 17.34 18.17 7.46
N GLU A 367 16.68 17.04 7.64
CA GLU A 367 15.74 16.86 8.71
C GLU A 367 15.90 15.43 9.23
N ASP A 368 15.87 15.27 10.55
CA ASP A 368 15.89 13.94 11.18
C ASP A 368 14.73 13.86 12.15
N VAL A 369 13.95 12.80 12.06
CA VAL A 369 12.78 12.62 12.90
C VAL A 369 12.85 11.26 13.60
N HIS A 370 12.68 11.24 14.91
CA HIS A 370 12.61 10.00 15.64
C HIS A 370 11.24 9.92 16.27
N ASN A 371 10.54 8.83 16.05
CA ASN A 371 9.20 8.64 16.61
C ASN A 371 9.09 7.28 17.27
N ARG A 372 8.62 7.23 18.51
CA ARG A 372 8.30 5.96 19.14
C ARG A 372 6.94 6.08 19.83
N PRO A 373 5.87 5.66 19.16
CA PRO A 373 4.52 5.70 19.72
C PRO A 373 4.38 4.84 20.94
N TYR A 374 3.31 5.08 21.71
CA TYR A 374 3.06 4.35 22.92
C TYR A 374 2.31 3.09 22.59
N ALA A 375 2.51 2.10 23.43
CA ALA A 375 1.68 0.92 23.45
C ALA A 375 0.56 1.20 24.45
N ILE A 376 -0.66 1.27 23.94
CA ILE A 376 -1.81 1.61 24.74
C ILE A 376 -2.75 0.45 24.78
N THR A 377 -3.00 -0.03 25.99
CA THR A 377 -3.75 -1.24 26.21
C THR A 377 -5.09 -0.92 26.86
N SER A 378 -6.12 -1.52 26.32
CA SER A 378 -7.44 -1.57 26.92
C SER A 378 -7.45 -1.97 28.43
N GLY A 379 -8.33 -1.33 29.20
CA GLY A 379 -8.61 -1.79 30.56
C GLY A 379 -9.79 -2.76 30.66
N GLY A 380 -10.46 -3.00 29.54
CA GLY A 380 -11.68 -3.79 29.55
C GLY A 380 -11.69 -5.02 28.67
N GLY A 381 -10.51 -5.58 28.42
CA GLY A 381 -10.39 -6.79 27.63
C GLY A 381 -10.21 -6.54 26.16
N ALA A 382 -10.22 -7.63 25.39
CA ALA A 382 -9.79 -7.58 24.00
C ALA A 382 -10.95 -7.20 23.09
N GLY A 383 -10.65 -6.92 21.84
CA GLY A 383 -11.69 -6.81 20.82
C GLY A 383 -12.05 -5.38 20.54
N ASN A 384 -12.58 -5.13 19.33
CA ASN A 384 -12.95 -3.81 18.86
C ASN A 384 -14.45 -3.48 19.05
N THR A 385 -15.20 -4.44 19.56
CA THR A 385 -16.64 -4.36 19.69
C THR A 385 -17.02 -3.98 21.13
N CYS A 386 -17.76 -2.90 21.27
N CYS A 386 -17.72 -2.87 21.30
CA CYS A 386 -18.20 -2.41 22.57
CA CYS A 386 -18.05 -2.39 22.63
C CYS A 386 -18.97 -3.47 23.35
C CYS A 386 -18.95 -3.40 23.35
N ASN A 387 -18.75 -3.52 24.64
CA ASN A 387 -19.49 -4.43 25.50
C ASN A 387 -19.44 -3.81 26.90
N ALA A 388 -20.05 -4.46 27.88
CA ALA A 388 -20.17 -3.89 29.23
C ALA A 388 -18.81 -3.66 29.87
N ARG A 389 -17.88 -4.60 29.67
CA ARG A 389 -16.52 -4.48 30.24
C ARG A 389 -15.82 -3.23 29.71
N LEU A 390 -15.93 -2.99 28.40
CA LEU A 390 -15.25 -1.88 27.79
C LEU A 390 -15.93 -0.53 28.10
N LEU A 391 -17.24 -0.53 28.32
CA LEU A 391 -17.89 0.69 28.80
C LEU A 391 -17.39 1.01 30.22
N ALA A 392 -17.25 -0.01 31.04
CA ALA A 392 -16.82 0.14 32.41
C ALA A 392 -15.38 0.58 32.53
N SER A 393 -14.54 0.20 31.57
CA SER A 393 -13.15 0.57 31.61
C SER A 393 -12.93 1.95 31.00
N GLY A 394 -13.95 2.53 30.42
CA GLY A 394 -13.78 3.81 29.77
C GLY A 394 -13.20 3.73 28.37
N ASP A 395 -12.99 2.51 27.87
CA ASP A 395 -12.48 2.34 26.52
C ASP A 395 -13.54 2.66 25.46
N CYS A 396 -14.80 2.46 25.83
CA CYS A 396 -15.96 2.77 24.99
C CYS A 396 -16.90 3.75 25.71
N THR A 397 -17.70 4.47 24.93
CA THR A 397 -18.68 5.36 25.49
C THR A 397 -19.89 5.47 24.59
N SER A 398 -20.92 6.14 25.08
CA SER A 398 -22.13 6.36 24.34
C SER A 398 -21.90 7.28 23.14
N LEU A 399 -22.49 6.93 22.00
CA LEU A 399 -22.49 7.83 20.83
C LEU A 399 -23.26 9.13 21.13
N ASN A 400 -24.42 8.98 21.74
CA ASN A 400 -25.28 10.14 21.96
C ASN A 400 -24.86 11.05 23.09
N ARG A 401 -24.34 10.49 24.16
CA ARG A 401 -23.96 11.26 25.36
C ARG A 401 -22.62 10.80 25.93
N PRO A 402 -21.54 11.08 25.19
CA PRO A 402 -20.22 10.64 25.64
C PRO A 402 -19.79 11.41 26.87
N THR A 403 -19.09 10.73 27.76
CA THR A 403 -18.66 11.31 29.02
C THR A 403 -17.14 11.37 29.18
N PRO A 404 -16.52 12.49 28.78
CA PRO A 404 -15.05 12.64 28.76
C PRO A 404 -14.40 12.56 30.13
N GLY A 405 -15.22 12.71 31.17
CA GLY A 405 -14.76 12.56 32.52
C GLY A 405 -14.60 11.11 32.99
N ASP A 406 -14.95 10.11 32.17
CA ASP A 406 -14.78 8.70 32.56
C ASP A 406 -13.41 8.38 33.09
N ASN A 407 -13.38 7.57 34.11
CA ASN A 407 -12.14 7.06 34.60
C ASN A 407 -11.68 5.85 33.71
N TRP A 408 -10.57 6.00 33.01
CA TRP A 408 -10.07 4.97 32.08
C TRP A 408 -9.05 4.08 32.73
N THR A 409 -9.26 2.77 32.63
CA THR A 409 -8.46 1.83 33.42
C THR A 409 -7.38 1.09 32.62
N GLY A 410 -7.10 1.56 31.42
CA GLY A 410 -6.06 0.98 30.60
C GLY A 410 -4.67 1.40 31.02
N SER A 411 -3.68 1.02 30.21
CA SER A 411 -2.32 1.34 30.52
C SER A 411 -1.58 1.83 29.26
N ILE A 412 -0.52 2.57 29.53
CA ILE A 412 0.31 3.18 28.55
C ILE A 412 1.77 2.85 28.90
N THR A 413 2.51 2.33 27.91
CA THR A 413 3.97 2.19 28.04
C THR A 413 4.62 2.62 26.75
N ASP A 414 5.96 2.71 26.74
CA ASP A 414 6.66 2.91 25.47
C ASP A 414 6.52 1.70 24.58
N GLY A 415 6.25 1.93 23.30
CA GLY A 415 6.05 0.84 22.38
C GLY A 415 7.38 0.30 21.86
N LEU A 416 7.32 -0.86 21.23
CA LEU A 416 8.50 -1.52 20.70
C LEU A 416 8.87 -0.95 19.33
N ALA A 417 7.86 -0.53 18.59
CA ALA A 417 8.05 0.05 17.27
C ALA A 417 8.59 1.49 17.34
N TYR A 418 9.49 1.80 16.41
CA TYR A 418 10.00 3.15 16.28
C TYR A 418 10.48 3.37 14.86
N THR A 419 10.52 4.62 14.47
CA THR A 419 10.99 5.01 13.14
C THR A 419 11.95 6.19 13.25
N ASP A 420 13.07 6.09 12.53
CA ASP A 420 13.97 7.21 12.34
C ASP A 420 13.96 7.58 10.87
N THR A 421 13.65 8.85 10.57
CA THR A 421 13.56 9.30 9.18
C THR A 421 14.47 10.49 8.95
N ASP A 422 15.37 10.36 7.96
CA ASP A 422 16.29 11.42 7.56
C ASP A 422 15.98 11.84 6.14
N THR A 423 15.73 13.12 5.95
CA THR A 423 15.40 13.65 4.63
C THR A 423 16.36 14.76 4.28
N LYS A 424 16.96 14.65 3.09
CA LYS A 424 17.85 15.69 2.54
C LYS A 424 17.22 16.27 1.29
N THR A 425 17.31 17.59 1.15
CA THR A 425 16.89 18.25 -0.09
C THR A 425 17.96 19.20 -0.62
N SER A 426 17.92 19.36 -1.94
CA SER A 426 18.74 20.35 -2.66
C SER A 426 17.81 21.02 -3.64
N ALA A 427 18.00 22.30 -3.87
CA ALA A 427 17.29 22.98 -4.95
C ALA A 427 18.17 24.08 -5.55
N ALA A 428 17.96 24.32 -6.83
CA ALA A 428 18.59 25.42 -7.57
C ALA A 428 17.54 26.08 -8.43
N TYR A 429 17.61 27.40 -8.51
CA TYR A 429 16.54 28.13 -9.19
C TYR A 429 17.08 29.43 -9.79
N VAL A 430 16.44 29.83 -10.89
CA VAL A 430 16.63 31.15 -11.44
C VAL A 430 15.27 31.66 -11.90
N PHE A 431 14.96 32.91 -11.52
CA PHE A 431 13.73 33.58 -11.93
C PHE A 431 14.08 34.93 -12.50
N ASP A 432 13.40 35.33 -13.54
CA ASP A 432 13.70 36.62 -14.17
C ASP A 432 12.44 37.25 -14.70
N THR A 433 12.26 38.54 -14.41
CA THR A 433 11.27 39.35 -15.09
C THR A 433 11.95 40.26 -16.08
N LEU A 434 11.64 40.09 -17.36
CA LEU A 434 12.22 40.86 -18.42
C LEU A 434 11.19 41.89 -18.86
N LYS A 435 11.47 43.17 -18.61
CA LYS A 435 10.67 44.23 -19.19
C LYS A 435 11.09 44.47 -20.63
N LEU A 436 10.20 44.11 -21.56
CA LEU A 436 10.48 44.24 -22.97
C LEU A 436 10.11 45.64 -23.48
N SER A 437 9.08 46.20 -22.89
CA SER A 437 8.67 47.57 -23.21
C SER A 437 7.78 48.03 -22.07
N GLU A 438 7.20 49.22 -22.20
CA GLU A 438 6.34 49.74 -21.14
C GLU A 438 5.07 48.89 -21.01
N GLN A 439 4.73 48.17 -22.08
CA GLN A 439 3.47 47.42 -22.11
C GLN A 439 3.63 45.90 -22.04
N TRP A 440 4.85 45.40 -22.13
CA TRP A 440 5.06 43.97 -22.18
C TRP A 440 6.19 43.51 -21.27
N GLU A 441 5.91 42.48 -20.48
CA GLU A 441 6.90 41.86 -19.63
C GLU A 441 6.82 40.36 -19.77
N LEU A 442 7.98 39.72 -19.71
CA LEU A 442 8.08 38.28 -19.77
C LEU A 442 8.72 37.77 -18.49
N ASN A 443 8.09 36.79 -17.87
CA ASN A 443 8.60 36.20 -16.67
C ASN A 443 9.02 34.76 -16.97
N LEU A 444 10.24 34.42 -16.59
CA LEU A 444 10.78 33.07 -16.86
C LEU A 444 11.33 32.51 -15.59
N GLY A 445 11.13 31.22 -15.35
CA GLY A 445 11.70 30.59 -14.20
C GLY A 445 12.05 29.12 -14.49
N LEU A 446 13.12 28.67 -13.87
CA LEU A 446 13.58 27.30 -13.95
C LEU A 446 14.00 26.88 -12.54
N ARG A 447 13.52 25.72 -12.07
CA ARG A 447 13.96 25.21 -10.79
C ARG A 447 14.24 23.70 -10.90
N TYR A 448 15.27 23.27 -10.15
CA TYR A 448 15.57 21.87 -9.96
C TYR A 448 15.44 21.61 -8.49
N ASP A 449 14.83 20.46 -8.15
CA ASP A 449 14.68 20.03 -6.79
C ASP A 449 15.02 18.57 -6.70
N ASP A 450 15.64 18.19 -5.60
CA ASP A 450 15.85 16.78 -5.33
C ASP A 450 15.70 16.47 -3.86
N PHE A 451 15.43 15.22 -3.62
CA PHE A 451 14.84 14.78 -2.39
C PHE A 451 15.47 13.39 -2.17
N ASP A 452 16.03 13.14 -0.99
CA ASP A 452 16.42 11.79 -0.59
C ASP A 452 15.93 11.52 0.82
N THR A 453 15.07 10.52 0.97
CA THR A 453 14.51 10.24 2.26
C THR A 453 14.83 8.81 2.63
N LYS A 454 15.31 8.62 3.86
CA LYS A 454 15.70 7.31 4.38
C LYS A 454 14.97 7.11 5.70
N SER A 455 14.24 6.00 5.83
CA SER A 455 13.62 5.61 7.08
C SER A 455 14.17 4.28 7.54
N SER A 456 14.28 4.10 8.84
CA SER A 456 14.58 2.81 9.38
C SER A 456 13.99 2.67 10.75
N GLY A 457 13.91 1.44 11.22
CA GLY A 457 13.48 1.16 12.57
C GLY A 457 12.89 -0.21 12.74
N TYR A 458 12.04 -0.34 13.75
CA TYR A 458 11.42 -1.62 14.03
C TYR A 458 9.89 -1.47 13.92
N GLN A 459 9.24 -2.43 13.28
CA GLN A 459 7.80 -2.43 13.13
C GLN A 459 7.20 -3.65 13.79
N THR A 460 6.01 -3.52 14.34
CA THR A 460 5.30 -4.69 14.86
C THR A 460 4.55 -5.35 13.71
N ALA A 461 4.01 -6.54 13.94
CA ALA A 461 3.22 -7.24 12.93
C ALA A 461 1.95 -6.43 12.60
N GLY A 462 1.72 -6.20 11.32
CA GLY A 462 0.52 -5.52 10.88
C GLY A 462 0.61 -5.23 9.38
N ARG A 463 0.07 -4.08 8.99
CA ARG A 463 -0.10 -3.75 7.57
C ARG A 463 1.15 -3.97 6.73
N ASN A 464 2.29 -3.48 7.19
CA ASN A 464 3.51 -3.47 6.38
C ASN A 464 4.33 -4.75 6.50
N GLY A 465 3.70 -5.81 7.00
CA GLY A 465 4.37 -7.10 7.08
C GLY A 465 4.63 -7.56 8.50
N PRO A 466 5.34 -8.68 8.63
CA PRO A 466 5.64 -9.22 9.95
C PRO A 466 6.54 -8.32 10.77
N ALA A 467 6.55 -8.55 12.08
CA ALA A 467 7.37 -7.75 12.96
C ALA A 467 8.85 -7.90 12.54
N GLY A 468 9.60 -6.82 12.68
CA GLY A 468 11.03 -6.86 12.42
C GLY A 468 11.58 -5.51 12.07
N TYR A 469 12.84 -5.51 11.65
CA TYR A 469 13.53 -4.28 11.33
C TYR A 469 13.29 -3.95 9.86
N PHE A 470 13.24 -2.66 9.55
CA PHE A 470 13.06 -2.23 8.19
C PHE A 470 13.96 -1.04 7.87
N LYS A 471 14.17 -0.85 6.57
CA LYS A 471 14.91 0.27 6.07
C LYS A 471 14.26 0.63 4.71
N ARG A 472 13.96 1.91 4.50
CA ARG A 472 13.33 2.35 3.27
C ARG A 472 14.04 3.61 2.81
N GLU A 473 14.33 3.70 1.52
CA GLU A 473 14.87 4.91 0.89
C GLU A 473 14.08 5.28 -0.36
N ASN A 474 13.92 6.56 -0.60
CA ASN A 474 13.42 7.03 -1.89
C ASN A 474 14.18 8.29 -2.26
N ASN A 475 14.52 8.41 -3.52
CA ASN A 475 15.30 9.53 -3.99
C ASN A 475 14.75 9.94 -5.34
N SER A 476 14.40 11.21 -5.48
CA SER A 476 13.79 11.66 -6.71
C SER A 476 14.22 13.09 -7.03
N HIS A 477 14.03 13.48 -8.29
CA HIS A 477 14.25 14.86 -8.67
C HIS A 477 13.23 15.36 -9.67
N PHE A 478 13.16 16.67 -9.81
CA PHE A 478 12.17 17.32 -10.63
C PHE A 478 12.80 18.54 -11.27
N TRP A 479 12.43 18.79 -12.53
CA TRP A 479 12.66 20.07 -13.19
C TRP A 479 11.34 20.77 -13.30
N ASN A 480 11.30 22.06 -12.94
N ASN A 480 11.34 22.07 -13.03
CA ASN A 480 10.09 22.86 -13.08
CA ASN A 480 10.14 22.83 -13.01
C ASN A 480 10.39 24.04 -13.95
C ASN A 480 10.37 24.06 -13.90
N TYR A 481 9.46 24.35 -14.84
CA TYR A 481 9.59 25.46 -15.78
C TYR A 481 8.38 26.37 -15.63
N GLN A 482 8.59 27.68 -15.69
CA GLN A 482 7.51 28.65 -15.57
C GLN A 482 7.70 29.74 -16.59
N THR A 483 6.60 30.14 -17.20
CA THR A 483 6.60 31.23 -18.14
C THR A 483 5.36 32.07 -17.86
N GLY A 484 5.49 33.40 -17.90
CA GLY A 484 4.36 34.28 -17.68
C GLY A 484 4.47 35.52 -18.58
N LEU A 485 3.47 35.76 -19.40
CA LEU A 485 3.52 36.91 -20.29
C LEU A 485 2.57 37.92 -19.73
N VAL A 486 3.02 39.16 -19.56
CA VAL A 486 2.19 40.19 -18.96
C VAL A 486 2.06 41.36 -19.94
N TYR A 487 0.83 41.77 -20.18
CA TYR A 487 0.51 42.95 -20.94
C TYR A 487 -0.08 43.99 -20.03
N LYS A 488 0.38 45.23 -20.16
CA LYS A 488 -0.14 46.32 -19.35
C LYS A 488 -0.86 47.35 -20.22
N PRO A 489 -2.20 47.27 -20.25
CA PRO A 489 -2.98 48.21 -21.05
C PRO A 489 -2.91 49.61 -20.45
N ALA A 490 -2.54 49.69 -19.18
CA ALA A 490 -2.26 50.97 -18.53
C ALA A 490 -1.36 50.69 -17.35
N PRO A 491 -0.72 51.75 -16.82
CA PRO A 491 0.21 51.54 -15.72
C PRO A 491 -0.39 50.76 -14.53
N ASN A 492 -1.67 50.98 -14.26
CA ASN A 492 -2.30 50.38 -13.08
C ASN A 492 -3.03 49.05 -13.39
N GLY A 493 -2.78 48.48 -14.56
CA GLY A 493 -3.48 47.28 -15.02
C GLY A 493 -2.56 46.26 -15.66
N SER A 494 -2.92 44.98 -15.47
CA SER A 494 -2.21 43.89 -16.10
C SER A 494 -3.17 42.83 -16.60
N ILE A 495 -2.82 42.25 -17.75
CA ILE A 495 -3.46 41.06 -18.26
C ILE A 495 -2.36 40.07 -18.50
N TYR A 496 -2.54 38.83 -17.99
CA TYR A 496 -1.45 37.88 -18.05
C TYR A 496 -1.91 36.49 -18.45
N LEU A 497 -0.97 35.76 -19.05
CA LEU A 497 -1.14 34.35 -19.35
C LEU A 497 0.09 33.64 -18.85
N ALA A 498 -0.10 32.63 -18.02
CA ALA A 498 1.01 31.98 -17.41
C ALA A 498 0.84 30.48 -17.39
N TRP A 499 1.95 29.78 -17.43
CA TRP A 499 1.92 28.35 -17.25
C TRP A 499 3.19 27.82 -16.67
N SER A 500 3.06 26.67 -16.02
CA SER A 500 4.15 26.05 -15.32
C SER A 500 4.00 24.54 -15.52
N THR A 501 5.11 23.85 -15.73
CA THR A 501 5.09 22.41 -15.88
C THR A 501 6.22 21.82 -15.07
N SER A 502 6.08 20.55 -14.72
CA SER A 502 7.07 19.89 -13.90
C SER A 502 7.31 18.54 -14.53
N SER A 503 8.57 18.13 -14.60
CA SER A 503 8.95 16.85 -15.15
C SER A 503 9.79 16.09 -14.11
N ASN A 504 9.63 14.77 -14.07
CA ASN A 504 10.10 13.99 -12.94
C ASN A 504 10.68 12.70 -13.48
N PRO A 505 11.92 12.77 -14.00
CA PRO A 505 12.58 11.64 -14.65
C PRO A 505 12.88 10.50 -13.70
N ARG A 528 2.57 14.56 -16.45
CA ARG A 528 2.35 15.81 -17.15
C ARG A 528 1.67 16.85 -16.26
N ASN A 529 2.33 17.22 -15.17
CA ASN A 529 1.78 18.23 -14.31
C ASN A 529 1.92 19.60 -14.91
N ARG A 530 0.79 20.24 -15.14
CA ARG A 530 0.74 21.55 -15.74
C ARG A 530 -0.28 22.44 -15.04
N ASN A 531 0.06 23.71 -14.94
CA ASN A 531 -0.82 24.68 -14.37
C ASN A 531 -0.88 25.86 -15.33
N LEU A 532 -2.09 26.27 -15.66
CA LEU A 532 -2.35 27.30 -16.64
C LEU A 532 -3.30 28.33 -16.10
N GLU A 533 -3.04 29.61 -16.37
CA GLU A 533 -3.90 30.68 -15.85
C GLU A 533 -3.88 31.90 -16.80
N LEU A 534 -5.07 32.45 -17.02
CA LEU A 534 -5.27 33.71 -17.72
C LEU A 534 -5.90 34.63 -16.71
N GLY A 535 -5.32 35.80 -16.49
CA GLY A 535 -5.81 36.66 -15.43
C GLY A 535 -5.66 38.12 -15.69
N THR A 536 -6.28 38.92 -14.82
CA THR A 536 -6.14 40.35 -14.91
C THR A 536 -6.11 40.92 -13.49
N LYS A 537 -5.33 41.99 -13.32
CA LYS A 537 -5.19 42.66 -12.04
C LYS A 537 -5.24 44.17 -12.24
N TRP A 538 -5.91 44.85 -11.32
CA TRP A 538 -6.05 46.30 -11.41
C TRP A 538 -5.86 46.94 -10.05
N ALA A 539 -5.24 48.12 -10.07
CA ALA A 539 -5.06 48.88 -8.86
C ALA A 539 -5.73 50.24 -9.07
N PHE A 540 -6.55 50.62 -8.10
CA PHE A 540 -7.35 51.84 -8.20
C PHE A 540 -7.17 52.77 -7.00
N PHE A 541 -7.63 54.00 -7.18
CA PHE A 541 -7.53 55.05 -6.17
C PHE A 541 -6.09 55.14 -5.69
N ASP A 542 -5.21 55.49 -6.61
CA ASP A 542 -3.79 55.58 -6.33
C ASP A 542 -3.35 54.41 -5.48
N ASP A 543 -3.61 53.20 -5.98
CA ASP A 543 -3.11 51.94 -5.42
C ASP A 543 -3.69 51.59 -4.04
N ALA A 544 -4.87 52.10 -3.73
CA ALA A 544 -5.47 51.83 -2.42
C ALA A 544 -6.40 50.62 -2.50
N LEU A 545 -6.76 50.23 -3.72
CA LEU A 545 -7.66 49.12 -3.92
C LEU A 545 -7.16 48.22 -5.05
N SER A 546 -7.09 46.92 -4.77
CA SER A 546 -6.74 45.92 -5.77
C SER A 546 -7.90 45.02 -6.07
N LEU A 547 -8.12 44.81 -7.36
CA LEU A 547 -9.12 43.91 -7.86
C LEU A 547 -8.48 42.96 -8.83
N ASN A 548 -8.76 41.67 -8.67
CA ASN A 548 -8.10 40.64 -9.44
C ASN A 548 -9.06 39.60 -9.87
N ALA A 549 -8.80 39.00 -11.02
CA ALA A 549 -9.66 37.95 -11.54
C ALA A 549 -8.82 36.98 -12.39
N ALA A 550 -9.09 35.69 -12.27
CA ALA A 550 -8.33 34.70 -13.01
C ALA A 550 -9.17 33.52 -13.42
N LEU A 551 -8.81 32.93 -14.55
CA LEU A 551 -9.36 31.67 -15.04
C LEU A 551 -8.22 30.66 -15.10
N PHE A 552 -8.40 29.46 -14.58
CA PHE A 552 -7.25 28.58 -14.48
C PHE A 552 -7.63 27.13 -14.71
N ARG A 553 -6.63 26.34 -15.06
CA ARG A 553 -6.76 24.90 -15.15
C ARG A 553 -5.45 24.28 -14.70
N THR A 554 -5.55 23.32 -13.78
CA THR A 554 -4.40 22.60 -13.26
C THR A 554 -4.63 21.12 -13.45
N ASP A 555 -3.66 20.46 -14.09
CA ASP A 555 -3.69 19.03 -14.29
C ASP A 555 -2.52 18.38 -13.54
N LYS A 556 -2.80 17.29 -12.82
CA LYS A 556 -1.75 16.46 -12.21
C LYS A 556 -1.99 15.03 -12.67
N THR A 557 -0.96 14.19 -12.66
CA THR A 557 -1.19 12.79 -12.93
C THR A 557 -1.15 11.91 -11.68
N ASN A 558 -0.44 12.38 -10.66
CA ASN A 558 -0.27 11.55 -9.46
C ASN A 558 -0.45 12.37 -8.21
N ALA A 559 -1.60 13.05 -8.16
CA ALA A 559 -1.99 13.87 -7.03
C ALA A 559 -1.98 13.03 -5.74
N ARG A 560 -1.72 13.70 -4.62
CA ARG A 560 -1.55 13.02 -3.33
C ARG A 560 -2.84 13.08 -2.51
N LEU A 569 0.64 10.44 2.95
CA LEU A 569 -0.15 10.74 1.76
C LEU A 569 -0.34 9.50 0.88
N GLN A 570 -1.28 9.62 -0.06
CA GLN A 570 -1.56 8.58 -1.04
C GLN A 570 -1.48 9.16 -2.44
N VAL A 571 -0.90 8.38 -3.35
CA VAL A 571 -0.64 8.82 -4.72
C VAL A 571 -1.58 8.10 -5.69
N LEU A 572 -2.38 8.88 -6.43
CA LEU A 572 -3.28 8.33 -7.45
C LEU A 572 -2.52 7.99 -8.74
N ASP A 573 -3.01 6.98 -9.45
CA ASP A 573 -2.40 6.55 -10.71
C ASP A 573 -3.36 6.89 -11.85
N GLY A 574 -3.37 8.15 -12.28
CA GLY A 574 -4.15 8.51 -13.45
C GLY A 574 -4.05 9.98 -13.85
N GLU A 575 -5.17 10.70 -13.72
CA GLU A 575 -5.19 12.13 -14.01
C GLU A 575 -6.24 12.86 -13.14
N GLN A 576 -5.86 14.03 -12.66
CA GLN A 576 -6.75 14.87 -11.87
C GLN A 576 -6.70 16.29 -12.41
N ARG A 577 -7.84 16.96 -12.41
CA ARG A 577 -7.93 18.29 -13.01
C ARG A 577 -8.81 19.16 -12.14
N VAL A 578 -8.34 20.37 -11.89
CA VAL A 578 -9.19 21.38 -11.30
C VAL A 578 -9.16 22.57 -12.24
N GLN A 579 -10.31 23.13 -12.53
CA GLN A 579 -10.37 24.34 -13.30
C GLN A 579 -11.42 25.22 -12.70
N GLY A 580 -11.29 26.51 -12.91
CA GLY A 580 -12.31 27.40 -12.41
C GLY A 580 -11.93 28.83 -12.54
N VAL A 581 -12.49 29.62 -11.64
CA VAL A 581 -12.36 31.04 -11.66
C VAL A 581 -12.16 31.54 -10.25
N GLU A 582 -11.36 32.59 -10.11
CA GLU A 582 -11.13 33.22 -8.82
C GLU A 582 -11.24 34.75 -8.99
N LEU A 583 -11.95 35.38 -8.07
CA LEU A 583 -12.00 36.84 -7.96
C LEU A 583 -11.39 37.24 -6.63
N GLY A 584 -10.70 38.38 -6.60
CA GLY A 584 -10.12 38.92 -5.37
C GLY A 584 -10.31 40.43 -5.27
N PHE A 585 -10.53 40.91 -4.06
CA PHE A 585 -10.66 42.34 -3.83
C PHE A 585 -10.07 42.67 -2.47
N ASN A 586 -9.23 43.70 -2.41
CA ASN A 586 -8.72 44.12 -1.14
C ASN A 586 -8.28 45.56 -1.16
N GLY A 587 -8.65 46.27 -0.10
CA GLY A 587 -8.28 47.66 0.04
C GLY A 587 -9.47 48.56 0.29
N LYS A 588 -9.34 49.83 -0.08
CA LYS A 588 -10.33 50.85 0.26
C LYS A 588 -11.32 51.08 -0.86
N LEU A 589 -12.59 50.94 -0.54
CA LEU A 589 -13.67 51.39 -1.41
C LEU A 589 -13.84 52.90 -1.29
N THR A 590 -13.76 53.42 -0.06
CA THR A 590 -13.80 54.84 0.21
C THR A 590 -12.80 55.10 1.31
N GLU A 591 -12.68 56.34 1.73
CA GLU A 591 -11.75 56.66 2.81
C GLU A 591 -12.08 55.84 4.07
N LYS A 592 -13.36 55.60 4.32
CA LYS A 592 -13.78 54.98 5.57
C LYS A 592 -14.03 53.46 5.45
N TRP A 593 -14.12 52.97 4.22
CA TRP A 593 -14.65 51.63 3.97
C TRP A 593 -13.58 50.73 3.35
N LYS A 594 -13.23 49.68 4.06
CA LYS A 594 -12.19 48.74 3.61
C LYS A 594 -12.79 47.37 3.42
N VAL A 595 -12.28 46.65 2.43
CA VAL A 595 -12.73 45.31 2.15
C VAL A 595 -11.53 44.36 1.96
N PHE A 596 -11.80 43.08 2.16
CA PHE A 596 -10.82 42.04 1.93
C PHE A 596 -11.56 40.73 1.70
N GLY A 597 -11.31 40.09 0.58
CA GLY A 597 -11.91 38.79 0.34
C GLY A 597 -11.89 38.39 -1.11
N GLY A 598 -12.72 37.43 -1.45
CA GLY A 598 -12.71 36.90 -2.79
C GLY A 598 -13.70 35.78 -2.96
N TYR A 599 -13.69 35.20 -4.14
CA TYR A 599 -14.61 34.13 -4.51
C TYR A 599 -13.87 33.19 -5.42
N THR A 600 -14.05 31.89 -5.21
CA THR A 600 -13.53 30.93 -6.15
C THR A 600 -14.51 29.81 -6.43
N TYR A 601 -14.60 29.49 -7.71
CA TYR A 601 -15.38 28.38 -8.22
C TYR A 601 -14.40 27.34 -8.68
N LEU A 602 -14.53 26.13 -8.18
CA LEU A 602 -13.57 25.05 -8.48
C LEU A 602 -14.32 23.84 -9.04
N ASP A 603 -14.09 23.57 -10.29
CA ASP A 603 -14.64 22.38 -10.93
C ASP A 603 -13.55 21.30 -10.89
N SER A 604 -13.69 20.32 -10.02
CA SER A 604 -12.66 19.30 -9.89
C SER A 604 -13.11 17.98 -10.47
N GLU A 605 -12.17 17.22 -10.99
CA GLU A 605 -12.53 15.96 -11.55
C GLU A 605 -11.37 14.99 -11.50
N ILE A 606 -11.66 13.79 -11.04
CA ILE A 606 -10.79 12.66 -11.29
C ILE A 606 -11.00 12.16 -12.74
N ARG A 607 -10.05 12.48 -13.61
CA ARG A 607 -10.24 12.18 -15.02
C ARG A 607 -9.85 10.75 -15.37
N LYS A 608 -8.85 10.23 -14.69
CA LYS A 608 -8.41 8.87 -14.97
C LYS A 608 -7.97 8.24 -13.68
N SER A 609 -8.30 6.95 -13.48
CA SER A 609 -7.99 6.25 -12.23
C SER A 609 -7.94 4.73 -12.41
N THR A 610 -7.13 4.07 -11.60
CA THR A 610 -7.10 2.60 -11.56
C THR A 610 -8.42 2.08 -10.97
N VAL A 611 -9.10 2.90 -10.19
CA VAL A 611 -10.43 2.55 -9.71
C VAL A 611 -11.43 3.20 -10.66
N LYS A 612 -11.96 2.39 -11.57
CA LYS A 612 -12.79 2.92 -12.65
C LYS A 612 -13.92 3.81 -12.12
N SER A 613 -14.59 3.36 -11.05
CA SER A 613 -15.74 4.07 -10.53
C SER A 613 -15.36 5.44 -9.96
N ASP A 614 -14.07 5.72 -9.76
CA ASP A 614 -13.66 7.06 -9.26
C ASP A 614 -13.69 8.11 -10.41
N GLU A 615 -13.61 7.64 -11.66
CA GLU A 615 -13.50 8.54 -12.79
C GLU A 615 -14.74 9.39 -12.93
N GLY A 616 -14.54 10.69 -12.99
CA GLY A 616 -15.66 11.63 -13.03
C GLY A 616 -15.97 12.23 -11.68
N ASN A 617 -15.48 11.63 -10.59
CA ASN A 617 -15.76 12.13 -9.26
C ASN A 617 -15.05 13.46 -8.96
N LYS A 618 -15.53 14.13 -7.93
CA LYS A 618 -14.86 15.32 -7.40
C LYS A 618 -13.60 14.90 -6.66
N MET A 619 -12.61 15.76 -6.66
CA MET A 619 -11.46 15.56 -5.79
CA MET A 619 -11.45 15.56 -5.80
C MET A 619 -11.89 15.80 -4.35
N PRO A 620 -11.35 15.04 -3.41
CA PRO A 620 -11.63 15.31 -2.01
C PRO A 620 -11.06 16.63 -1.53
N GLN A 621 -11.59 17.15 -0.41
CA GLN A 621 -11.06 18.37 0.20
C GLN A 621 -11.19 19.57 -0.71
N THR A 622 -12.19 19.54 -1.58
CA THR A 622 -12.37 20.58 -2.56
C THR A 622 -13.80 21.05 -2.52
N ALA A 623 -14.00 22.33 -2.26
CA ALA A 623 -15.34 22.90 -2.27
C ALA A 623 -15.56 23.60 -3.60
N GLN A 624 -16.73 23.36 -4.19
CA GLN A 624 -17.00 23.89 -5.52
C GLN A 624 -17.15 25.42 -5.52
N ASN A 625 -17.73 25.95 -4.46
CA ASN A 625 -17.87 27.39 -4.29
C ASN A 625 -17.31 27.79 -2.94
N ASN A 626 -16.67 28.95 -2.88
CA ASN A 626 -16.12 29.47 -1.63
C ASN A 626 -16.14 30.96 -1.76
N PHE A 627 -16.84 31.60 -0.84
CA PHE A 627 -16.94 33.03 -0.82
C PHE A 627 -16.48 33.52 0.53
N THR A 628 -15.68 34.57 0.53
CA THR A 628 -15.28 35.15 1.80
C THR A 628 -15.12 36.65 1.68
N LEU A 629 -15.66 37.35 2.68
CA LEU A 629 -15.69 38.80 2.68
C LEU A 629 -15.49 39.28 4.09
N TRP A 630 -14.50 40.14 4.27
CA TRP A 630 -14.31 40.87 5.51
C TRP A 630 -14.33 42.36 5.20
N THR A 631 -15.00 43.16 6.04
CA THR A 631 -15.08 44.60 5.75
C THR A 631 -15.11 45.39 7.05
N THR A 632 -14.53 46.59 7.05
CA THR A 632 -14.62 47.50 8.18
C THR A 632 -15.04 48.86 7.71
N TYR A 633 -15.73 49.56 8.59
CA TYR A 633 -16.19 50.89 8.30
C TYR A 633 -15.93 51.82 9.49
N ASP A 634 -15.26 52.95 9.22
CA ASP A 634 -14.99 53.94 10.26
C ASP A 634 -16.21 54.83 10.50
N LEU A 635 -17.15 54.32 11.31
CA LEU A 635 -18.39 55.00 11.63
C LEU A 635 -18.17 56.39 12.22
N LEU A 636 -17.31 56.47 13.22
CA LEU A 636 -16.93 57.75 13.81
C LEU A 636 -15.42 57.77 13.90
N GLN A 637 -14.85 58.94 14.17
CA GLN A 637 -13.40 59.02 14.34
C GLN A 637 -13.00 58.12 15.52
N ASN A 638 -14.02 57.75 16.28
CA ASN A 638 -13.91 57.16 17.59
C ASN A 638 -14.27 55.66 17.61
N PHE A 639 -14.89 55.19 16.53
CA PHE A 639 -15.61 53.94 16.57
C PHE A 639 -15.60 53.29 15.20
N THR A 640 -15.14 52.05 15.15
CA THR A 640 -15.05 51.28 13.91
C THR A 640 -15.89 50.02 14.03
N ILE A 641 -16.56 49.65 12.95
CA ILE A 641 -17.29 48.41 12.93
C ILE A 641 -16.79 47.54 11.81
N GLY A 642 -17.02 46.25 11.95
CA GLY A 642 -16.56 45.31 10.97
C GLY A 642 -17.43 44.08 10.94
N GLY A 643 -17.39 43.39 9.81
CA GLY A 643 -18.15 42.18 9.65
C GLY A 643 -17.58 41.28 8.57
N GLY A 644 -17.87 40.00 8.71
CA GLY A 644 -17.37 39.00 7.82
C GLY A 644 -18.43 37.97 7.47
N THR A 645 -18.33 37.45 6.27
CA THR A 645 -19.21 36.40 5.79
C THR A 645 -18.37 35.39 5.06
N THR A 646 -18.58 34.11 5.34
CA THR A 646 -17.93 33.03 4.63
C THR A 646 -18.94 31.99 4.22
N TYR A 647 -18.85 31.54 2.99
CA TYR A 647 -19.54 30.34 2.52
C TYR A 647 -18.55 29.33 2.01
N VAL A 648 -18.68 28.09 2.46
CA VAL A 648 -17.91 26.99 1.93
C VAL A 648 -18.88 25.91 1.49
N ASP A 649 -18.74 25.46 0.26
CA ASP A 649 -19.56 24.38 -0.27
C ASP A 649 -19.24 23.06 0.39
N LYS A 650 -20.05 22.04 0.07
CA LYS A 650 -19.80 20.67 0.54
C LYS A 650 -18.40 20.17 0.13
N GLN A 651 -17.80 19.32 0.97
CA GLN A 651 -16.48 18.68 0.69
C GLN A 651 -16.61 17.19 0.82
N TYR A 652 -16.00 16.45 -0.11
CA TYR A 652 -15.86 15.03 0.00
C TYR A 652 -14.55 14.66 0.68
N GLY A 653 -14.57 13.59 1.45
CA GLY A 653 -13.38 13.13 2.13
C GLY A 653 -12.55 12.14 1.34
N ASN A 654 -13.09 11.57 0.26
CA ASN A 654 -12.37 10.58 -0.51
C ASN A 654 -12.71 10.61 -2.01
N THR A 655 -11.89 9.92 -2.81
CA THR A 655 -12.03 9.94 -4.25
C THR A 655 -13.27 9.16 -4.68
N ALA A 656 -13.76 8.26 -3.84
CA ALA A 656 -15.04 7.56 -4.11
C ALA A 656 -16.26 8.50 -3.93
N ASN A 657 -16.01 9.66 -3.33
CA ASN A 657 -17.04 10.63 -2.97
C ASN A 657 -18.09 9.95 -2.08
N SER A 658 -17.64 9.09 -1.17
CA SER A 658 -18.52 8.33 -0.31
C SER A 658 -18.48 8.79 1.15
N THR A 659 -17.71 9.84 1.43
CA THR A 659 -17.74 10.55 2.72
C THR A 659 -17.83 12.04 2.43
N TYR A 660 -18.55 12.78 3.27
CA TYR A 660 -18.68 14.22 3.03
C TYR A 660 -19.12 14.99 4.28
N ILE A 661 -18.95 16.29 4.19
CA ILE A 661 -19.48 17.26 5.15
C ILE A 661 -20.21 18.31 4.35
N PRO A 662 -21.30 18.85 4.92
CA PRO A 662 -22.13 19.77 4.17
C PRO A 662 -21.58 21.18 4.08
N SER A 663 -22.13 21.97 3.16
CA SER A 663 -21.81 23.40 3.07
C SER A 663 -22.23 24.15 4.33
N TYR A 664 -21.71 25.34 4.48
CA TYR A 664 -22.16 26.24 5.54
C TYR A 664 -21.88 27.69 5.20
N TRP A 665 -22.65 28.56 5.84
CA TRP A 665 -22.38 29.97 5.96
C TRP A 665 -22.02 30.30 7.42
N ARG A 666 -21.04 31.17 7.57
CA ARG A 666 -20.60 31.62 8.88
C ARG A 666 -20.50 33.13 8.81
N TYR A 667 -20.85 33.80 9.91
CA TYR A 667 -20.83 35.25 9.98
C TYR A 667 -20.02 35.71 11.20
N ASP A 668 -19.28 36.80 11.04
CA ASP A 668 -18.49 37.36 12.13
C ASP A 668 -18.73 38.86 12.22
N ALA A 669 -18.52 39.42 13.42
CA ALA A 669 -18.72 40.84 13.67
C ALA A 669 -17.59 41.40 14.54
N MET A 670 -17.34 42.71 14.39
CA MET A 670 -16.32 43.38 15.17
C MET A 670 -16.74 44.81 15.46
N ALA A 671 -16.32 45.33 16.62
CA ALA A 671 -16.42 46.74 16.91
C ALA A 671 -15.17 47.14 17.67
N SER A 672 -14.68 48.33 17.42
CA SER A 672 -13.53 48.85 18.11
C SER A 672 -13.72 50.32 18.49
N TYR A 673 -13.43 50.61 19.75
CA TYR A 673 -13.65 51.92 20.32
C TYR A 673 -12.32 52.48 20.78
N LYS A 674 -11.99 53.66 20.32
CA LYS A 674 -10.78 54.35 20.78
C LYS A 674 -11.04 55.00 22.13
N VAL A 675 -10.55 54.39 23.20
CA VAL A 675 -10.66 54.94 24.54
C VAL A 675 -9.76 56.17 24.69
N SER A 676 -8.55 56.07 24.14
CA SER A 676 -7.64 57.20 24.07
C SER A 676 -6.72 56.99 22.89
N LYS A 677 -5.74 57.87 22.73
CA LYS A 677 -4.78 57.68 21.63
C LYS A 677 -3.97 56.38 21.83
N ASN A 678 -3.88 55.90 23.07
CA ASN A 678 -3.05 54.74 23.41
C ASN A 678 -3.80 53.44 23.70
N VAL A 679 -5.13 53.50 23.74
CA VAL A 679 -5.91 52.33 24.16
C VAL A 679 -7.14 52.14 23.30
N ASP A 680 -7.28 50.95 22.73
CA ASP A 680 -8.49 50.58 22.03
C ASP A 680 -9.19 49.45 22.79
N LEU A 681 -10.52 49.47 22.72
CA LEU A 681 -11.33 48.36 23.20
C LEU A 681 -11.91 47.67 21.97
N GLN A 682 -11.58 46.40 21.76
CA GLN A 682 -12.06 45.68 20.56
C GLN A 682 -12.90 44.45 20.90
N LEU A 683 -14.07 44.38 20.30
CA LEU A 683 -14.95 43.23 20.44
C LEU A 683 -15.00 42.45 19.14
N ASN A 684 -14.73 41.16 19.22
CA ASN A 684 -14.92 40.27 18.07
C ASN A 684 -15.91 39.20 18.41
N VAL A 685 -16.96 39.08 17.60
CA VAL A 685 -17.86 37.93 17.75
C VAL A 685 -17.72 37.02 16.55
N GLN A 686 -17.18 35.83 16.79
CA GLN A 686 -16.91 34.84 15.76
C GLN A 686 -18.06 33.87 15.69
N ASN A 687 -18.52 33.59 14.47
CA ASN A 687 -19.63 32.64 14.24
C ASN A 687 -20.83 33.12 15.02
N LEU A 688 -21.31 34.29 14.68
CA LEU A 688 -22.30 34.98 15.48
C LEU A 688 -23.67 34.30 15.45
N THR A 689 -23.96 33.49 14.43
CA THR A 689 -25.20 32.72 14.44
C THR A 689 -25.06 31.36 15.12
N ASP A 690 -23.86 31.03 15.58
CA ASP A 690 -23.62 29.76 16.30
C ASP A 690 -23.96 28.59 15.39
N LYS A 691 -23.57 28.72 14.13
CA LYS A 691 -23.73 27.67 13.18
C LYS A 691 -22.80 26.51 13.59
N ARG A 692 -23.32 25.29 13.61
CA ARG A 692 -22.46 24.15 13.90
C ARG A 692 -22.09 23.46 12.61
N TYR A 693 -20.81 23.51 12.28
CA TYR A 693 -20.33 23.05 10.98
C TYR A 693 -19.01 22.32 11.18
N PHE A 694 -18.58 21.66 10.11
CA PHE A 694 -17.37 20.88 10.10
C PHE A 694 -16.33 21.55 9.17
N ASP A 695 -15.10 21.65 9.63
CA ASP A 695 -14.06 22.35 8.85
C ASP A 695 -12.99 21.40 8.33
N GLN A 696 -13.21 20.11 8.52
CA GLN A 696 -12.36 19.10 7.93
C GLN A 696 -13.11 17.78 7.86
N VAL A 697 -13.03 17.12 6.71
CA VAL A 697 -13.49 15.74 6.59
C VAL A 697 -12.35 14.83 6.23
N TYR A 698 -12.31 13.65 6.85
CA TYR A 698 -11.29 12.65 6.56
C TYR A 698 -11.78 11.61 5.56
N SER A 699 -10.87 10.82 4.97
CA SER A 699 -11.30 9.83 4.01
C SER A 699 -12.15 8.76 4.66
N THR A 700 -11.95 8.57 5.96
CA THR A 700 -12.83 7.69 6.72
C THR A 700 -12.77 8.07 8.20
N HIS A 701 -13.50 7.34 9.00
CA HIS A 701 -13.47 7.50 10.45
C HIS A 701 -14.23 8.72 11.01
N MET A 702 -13.87 9.94 10.61
CA MET A 702 -14.27 11.12 11.37
C MET A 702 -14.29 12.42 10.61
N ALA A 703 -14.91 13.41 11.24
CA ALA A 703 -14.96 14.78 10.74
C ALA A 703 -14.77 15.76 11.89
N HIS A 704 -14.05 16.86 11.64
CA HIS A 704 -13.69 17.78 12.68
C HIS A 704 -14.76 18.86 12.80
N VAL A 705 -15.26 19.07 14.03
CA VAL A 705 -16.24 20.08 14.33
C VAL A 705 -15.57 21.42 14.65
N ALA A 706 -16.02 22.47 13.99
CA ALA A 706 -15.51 23.82 14.22
C ALA A 706 -16.13 24.39 15.50
N PRO A 707 -15.46 25.40 16.09
CA PRO A 707 -16.07 26.04 17.27
C PRO A 707 -17.44 26.66 17.00
N GLY A 708 -18.27 26.69 18.05
CA GLY A 708 -19.48 27.49 18.06
C GLY A 708 -19.19 28.98 18.27
N ARG A 709 -20.22 29.75 18.61
CA ARG A 709 -20.07 31.19 18.78
C ARG A 709 -19.10 31.55 19.91
N THR A 710 -18.23 32.53 19.65
CA THR A 710 -17.36 33.04 20.69
C THR A 710 -17.31 34.56 20.61
N ALA A 711 -17.32 35.21 21.76
CA ALA A 711 -17.16 36.66 21.83
C ALA A 711 -15.89 36.96 22.59
N LEU A 712 -15.05 37.81 22.01
CA LEU A 712 -13.74 38.13 22.58
C LEU A 712 -13.69 39.62 22.78
N LEU A 713 -13.25 40.05 23.95
CA LEU A 713 -13.13 41.44 24.25
C LEU A 713 -11.67 41.72 24.60
N GLY A 714 -11.03 42.56 23.80
CA GLY A 714 -9.64 42.91 24.02
C GLY A 714 -9.40 44.34 24.41
N VAL A 715 -8.43 44.55 25.29
CA VAL A 715 -7.93 45.88 25.58
C VAL A 715 -6.54 45.93 24.97
N ASN A 716 -6.37 46.80 24.00
CA ASN A 716 -5.12 46.87 23.25
C ASN A 716 -4.42 48.18 23.50
N PHE A 717 -3.26 48.11 24.15
CA PHE A 717 -2.45 49.28 24.42
C PHE A 717 -1.40 49.44 23.33
N HIS A 718 -1.13 50.68 22.93
CA HIS A 718 -0.11 50.90 21.92
C HIS A 718 0.52 52.25 22.14
N PHE A 719 1.84 52.25 22.25
CA PHE A 719 2.58 53.45 22.55
C PHE A 719 3.68 53.58 21.52
N SER A 720 3.85 54.78 20.98
CA SER A 720 4.80 54.99 19.90
C SER A 720 5.68 56.19 20.20
N ALA A 721 6.93 56.12 19.75
CA ALA A 721 7.94 57.10 20.13
C ALA A 721 7.33 58.30 20.84
N ASP B 28 6.18 -51.67 -3.86
CA ASP B 28 6.35 -51.87 -5.33
C ASP B 28 5.91 -50.64 -6.10
N GLU B 29 6.45 -50.48 -7.31
CA GLU B 29 6.34 -49.24 -8.07
C GLU B 29 4.92 -48.88 -8.47
N THR B 30 4.00 -49.85 -8.48
CA THR B 30 2.63 -49.62 -8.94
C THR B 30 1.69 -49.20 -7.82
N THR B 31 2.20 -49.11 -6.61
CA THR B 31 1.34 -48.80 -5.46
C THR B 31 0.62 -47.45 -5.56
N TYR B 32 -0.61 -47.41 -5.05
CA TYR B 32 -1.32 -46.17 -4.83
C TYR B 32 -1.15 -45.74 -3.37
N ASN B 33 -0.42 -46.53 -2.58
CA ASN B 33 -0.31 -46.29 -1.14
C ASN B 33 1.16 -46.26 -0.70
N VAL B 34 1.76 -45.07 -0.69
CA VAL B 34 3.13 -44.93 -0.21
C VAL B 34 3.12 -44.70 1.31
N ASP B 35 3.88 -45.51 2.04
CA ASP B 35 3.76 -45.55 3.50
C ASP B 35 4.79 -44.67 4.25
N ARG B 36 5.72 -44.10 3.51
CA ARG B 36 6.79 -43.28 4.08
C ARG B 36 7.09 -42.09 3.17
N SER B 37 7.43 -40.94 3.77
CA SER B 37 7.90 -39.81 3.03
C SER B 37 9.27 -40.12 2.46
N ALA B 38 9.56 -39.56 1.30
CA ALA B 38 10.89 -39.62 0.74
C ALA B 38 11.82 -38.64 1.46
N SER B 39 11.26 -37.79 2.32
CA SER B 39 12.06 -36.81 3.05
C SER B 39 12.62 -37.36 4.34
N LYS B 40 13.92 -37.20 4.56
CA LYS B 40 14.54 -37.69 5.80
C LYS B 40 14.09 -36.89 7.02
N LYS B 41 13.40 -35.78 6.80
CA LYS B 41 12.99 -34.91 7.92
C LYS B 41 11.80 -35.48 8.70
N TYR B 42 11.14 -36.49 8.17
CA TYR B 42 10.11 -37.22 8.91
C TYR B 42 10.76 -38.22 9.87
N THR B 43 10.36 -38.19 11.14
CA THR B 43 10.98 -39.03 12.16
C THR B 43 10.11 -40.24 12.46
N ALA B 44 9.04 -40.41 11.68
CA ALA B 44 8.13 -41.55 11.79
C ALA B 44 7.51 -41.87 10.42
N PRO B 45 7.07 -43.13 10.23
CA PRO B 45 6.29 -43.50 9.03
C PRO B 45 4.95 -42.76 9.01
N LEU B 46 4.30 -42.69 7.86
CA LEU B 46 3.13 -41.82 7.73
C LEU B 46 1.98 -42.23 8.67
N LEU B 47 1.78 -43.53 8.83
CA LEU B 47 0.77 -44.07 9.73
C LEU B 47 0.89 -43.47 11.14
N ASP B 48 2.14 -43.24 11.57
CA ASP B 48 2.41 -42.74 12.91
C ASP B 48 2.83 -41.26 12.95
N THR B 49 2.67 -40.56 11.84
CA THR B 49 2.94 -39.14 11.80
C THR B 49 1.67 -38.39 12.12
N PRO B 50 1.69 -37.53 13.17
CA PRO B 50 0.48 -36.88 13.63
C PRO B 50 0.14 -35.62 12.81
N LYS B 51 -0.13 -35.84 11.53
CA LYS B 51 -0.67 -34.79 10.68
C LYS B 51 -1.21 -35.38 9.40
N THR B 52 -2.01 -34.62 8.69
CA THR B 52 -2.54 -35.08 7.43
C THR B 52 -1.45 -34.97 6.38
N VAL B 53 -1.13 -36.09 5.74
CA VAL B 53 -0.08 -36.13 4.73
C VAL B 53 -0.50 -37.12 3.67
N THR B 54 -0.45 -36.72 2.41
CA THR B 54 -0.78 -37.64 1.31
C THR B 54 0.33 -37.63 0.30
N VAL B 55 0.79 -38.81 -0.09
CA VAL B 55 1.75 -38.90 -1.16
C VAL B 55 1.01 -39.25 -2.44
N ILE B 56 1.11 -38.39 -3.45
CA ILE B 56 0.64 -38.72 -4.78
C ILE B 56 1.76 -39.49 -5.49
N PRO B 57 1.58 -40.81 -5.65
CA PRO B 57 2.69 -41.62 -6.12
C PRO B 57 2.79 -41.70 -7.63
N GLN B 58 3.92 -42.20 -8.12
CA GLN B 58 4.19 -42.28 -9.55
C GLN B 58 3.06 -42.94 -10.34
N GLN B 59 2.53 -44.05 -9.83
CA GLN B 59 1.54 -44.81 -10.62
C GLN B 59 0.26 -44.01 -10.81
N VAL B 60 -0.09 -43.16 -9.85
CA VAL B 60 -1.27 -42.31 -10.00
C VAL B 60 -1.00 -41.22 -11.04
N ILE B 61 0.18 -40.61 -11.00
CA ILE B 61 0.54 -39.62 -12.00
C ILE B 61 0.47 -40.26 -13.40
N LYS B 62 1.01 -41.47 -13.56
CA LYS B 62 0.94 -42.13 -14.86
C LYS B 62 -0.48 -42.52 -15.31
N ASP B 63 -1.23 -43.16 -14.41
CA ASP B 63 -2.57 -43.66 -14.75
C ASP B 63 -3.57 -42.54 -15.06
N THR B 64 -3.46 -41.42 -14.37
CA THR B 64 -4.35 -40.31 -14.61
C THR B 64 -3.96 -39.54 -15.86
N GLY B 65 -2.78 -39.83 -16.42
CA GLY B 65 -2.29 -39.10 -17.59
C GLY B 65 -1.98 -37.65 -17.28
N ALA B 66 -1.68 -37.34 -16.02
CA ALA B 66 -1.42 -35.96 -15.63
C ALA B 66 -0.17 -35.43 -16.37
N LEU B 67 -0.28 -34.22 -16.92
CA LEU B 67 0.82 -33.59 -17.67
C LEU B 67 1.37 -32.30 -17.02
N THR B 68 0.77 -31.88 -15.92
CA THR B 68 1.21 -30.71 -15.15
C THR B 68 1.05 -30.99 -13.67
N LEU B 69 1.76 -30.21 -12.86
CA LEU B 69 1.67 -30.38 -11.42
CA LEU B 69 1.68 -30.34 -11.42
C LEU B 69 0.22 -30.18 -10.96
N ALA B 70 -0.45 -29.18 -11.50
CA ALA B 70 -1.85 -28.93 -11.17
C ALA B 70 -2.76 -30.13 -11.51
N ASP B 71 -2.53 -30.80 -12.64
CA ASP B 71 -3.27 -32.03 -12.99
C ASP B 71 -3.09 -33.08 -11.86
N ALA B 72 -1.86 -33.25 -11.41
CA ALA B 72 -1.57 -34.23 -10.39
C ALA B 72 -2.19 -33.86 -9.02
N LEU B 73 -2.14 -32.58 -8.66
CA LEU B 73 -2.61 -32.13 -7.36
C LEU B 73 -4.14 -32.30 -7.17
N ARG B 74 -4.90 -32.29 -8.25
CA ARG B 74 -6.35 -32.40 -8.09
C ARG B 74 -6.82 -33.77 -7.56
N THR B 75 -5.93 -34.76 -7.53
CA THR B 75 -6.26 -36.09 -7.01
C THR B 75 -6.33 -36.13 -5.48
N THR B 76 -5.93 -35.05 -4.82
CA THR B 76 -6.07 -34.97 -3.37
C THR B 76 -6.86 -33.70 -3.05
N PRO B 77 -7.79 -33.79 -2.10
CA PRO B 77 -8.68 -32.66 -1.87
C PRO B 77 -8.04 -31.46 -1.13
N GLY B 78 -8.66 -30.29 -1.26
CA GLY B 78 -8.28 -29.14 -0.46
C GLY B 78 -7.22 -28.22 -1.06
N ILE B 79 -6.86 -28.43 -2.33
CA ILE B 79 -5.90 -27.55 -2.99
C ILE B 79 -6.56 -26.67 -4.03
N THR B 80 -6.37 -25.37 -3.88
CA THR B 80 -6.88 -24.41 -4.84
C THR B 80 -5.72 -23.54 -5.29
N PHE B 81 -5.94 -22.71 -6.32
CA PHE B 81 -4.90 -21.80 -6.79
C PHE B 81 -5.38 -20.37 -6.86
N GLY B 82 -4.48 -19.45 -6.50
CA GLY B 82 -4.73 -18.00 -6.62
C GLY B 82 -3.45 -17.22 -6.93
N ALA B 83 -3.60 -15.91 -7.14
CA ALA B 83 -2.46 -14.99 -7.32
C ALA B 83 -1.57 -15.34 -8.53
N GLY B 84 -2.18 -15.79 -9.64
CA GLY B 84 -1.41 -16.27 -10.79
C GLY B 84 -0.73 -15.16 -11.56
N ASP B 92 0.83 -18.85 -10.47
CA ASP B 92 -0.21 -19.59 -9.75
C ASP B 92 0.31 -20.12 -8.44
N ARG B 93 -0.19 -19.56 -7.35
CA ARG B 93 0.21 -20.02 -6.04
C ARG B 93 -0.81 -21.02 -5.48
N PRO B 94 -0.33 -22.18 -5.03
CA PRO B 94 -1.17 -23.19 -4.39
C PRO B 94 -1.68 -22.69 -3.05
N PHE B 95 -2.94 -22.97 -2.76
CA PHE B 95 -3.54 -22.66 -1.45
C PHE B 95 -3.92 -24.03 -0.89
N ILE B 96 -3.57 -24.27 0.37
CA ILE B 96 -3.85 -25.56 1.01
C ILE B 96 -4.80 -25.33 2.18
N ARG B 97 -5.94 -26.01 2.15
CA ARG B 97 -6.99 -25.76 3.15
C ARG B 97 -7.24 -24.28 3.34
N GLY B 98 -7.27 -23.53 2.25
CA GLY B 98 -7.63 -22.13 2.31
C GLY B 98 -6.47 -21.16 2.54
N PHE B 99 -5.26 -21.66 2.79
CA PHE B 99 -4.16 -20.75 3.09
C PHE B 99 -3.04 -20.82 2.04
N ASN B 100 -2.50 -19.65 1.69
CA ASN B 100 -1.47 -19.56 0.65
C ASN B 100 -0.25 -20.41 1.02
N ALA B 101 0.16 -21.26 0.09
CA ALA B 101 1.27 -22.17 0.34
C ALA B 101 2.45 -21.93 -0.61
N GLU B 102 2.50 -20.77 -1.26
CA GLU B 102 3.52 -20.50 -2.27
C GLU B 102 4.92 -20.58 -1.65
N SER B 103 5.09 -20.01 -0.46
CA SER B 103 6.39 -20.05 0.18
C SER B 103 6.57 -21.38 0.97
N ASP B 104 5.71 -22.35 0.68
CA ASP B 104 5.79 -23.64 1.36
C ASP B 104 5.81 -24.73 0.29
N THR B 105 6.38 -24.40 -0.86
CA THR B 105 6.63 -25.38 -1.91
C THR B 105 8.13 -25.72 -1.88
N PHE B 106 8.41 -27.01 -1.84
CA PHE B 106 9.78 -27.50 -1.68
C PHE B 106 10.06 -28.46 -2.79
N LEU B 107 11.33 -28.52 -3.19
CA LEU B 107 11.78 -29.45 -4.22
C LEU B 107 12.81 -30.33 -3.54
N ASP B 108 12.49 -31.60 -3.42
CA ASP B 108 13.32 -32.53 -2.67
C ASP B 108 13.66 -31.97 -1.30
N GLY B 109 12.69 -31.35 -0.65
CA GLY B 109 12.86 -30.95 0.74
C GLY B 109 13.54 -29.60 0.92
N MET B 110 13.92 -28.95 -0.18
CA MET B 110 14.66 -27.70 -0.09
C MET B 110 13.82 -26.54 -0.54
N ARG B 111 14.01 -25.39 0.11
CA ARG B 111 13.35 -24.15 -0.27
C ARG B 111 13.48 -23.88 -1.77
N ASP B 112 12.37 -23.46 -2.38
CA ASP B 112 12.33 -23.28 -3.83
C ASP B 112 12.91 -21.93 -4.27
N VAL B 113 14.21 -21.75 -4.08
CA VAL B 113 14.86 -20.50 -4.46
C VAL B 113 14.72 -20.28 -5.95
N ALA B 114 14.40 -19.04 -6.33
CA ALA B 114 14.27 -18.63 -7.72
C ALA B 114 13.06 -19.23 -8.43
N SER B 115 12.18 -19.88 -7.68
CA SER B 115 10.83 -20.25 -8.14
C SER B 115 10.87 -21.07 -9.43
N GLN B 116 11.32 -22.32 -9.32
CA GLN B 116 11.45 -23.18 -10.49
C GLN B 116 10.08 -23.59 -11.01
N THR B 117 9.96 -23.67 -12.34
CA THR B 117 8.83 -24.36 -12.97
C THR B 117 9.25 -25.77 -13.22
N ARG B 118 8.45 -26.71 -12.75
CA ARG B 118 8.70 -28.09 -13.04
C ARG B 118 7.47 -28.60 -13.77
N GLU B 119 7.51 -29.85 -14.22
CA GLU B 119 6.39 -30.44 -14.95
C GLU B 119 6.05 -31.76 -14.26
N VAL B 120 5.93 -32.87 -15.00
CA VAL B 120 5.79 -34.18 -14.39
C VAL B 120 6.86 -35.17 -14.86
N PHE B 121 7.51 -34.88 -15.98
CA PHE B 121 8.35 -35.91 -16.60
C PHE B 121 9.51 -36.35 -15.68
N ASN B 122 9.93 -35.46 -14.78
CA ASN B 122 11.04 -35.75 -13.89
C ASN B 122 10.60 -35.84 -12.43
N VAL B 123 9.29 -35.96 -12.23
CA VAL B 123 8.72 -36.07 -10.88
C VAL B 123 8.50 -37.53 -10.52
N GLU B 124 9.00 -37.94 -9.37
CA GLU B 124 8.69 -39.27 -8.85
C GLU B 124 7.35 -39.28 -8.13
N GLN B 125 7.17 -38.35 -7.21
CA GLN B 125 5.94 -38.29 -6.39
C GLN B 125 5.81 -36.89 -5.79
N ILE B 126 4.61 -36.56 -5.34
CA ILE B 126 4.33 -35.24 -4.79
C ILE B 126 3.77 -35.47 -3.41
N GLU B 127 4.41 -34.88 -2.40
CA GLU B 127 3.96 -35.05 -1.04
C GLU B 127 3.20 -33.79 -0.58
N VAL B 128 1.94 -34.00 -0.21
CA VAL B 128 1.09 -32.94 0.26
C VAL B 128 0.86 -33.09 1.77
N SER B 129 1.40 -32.16 2.55
CA SER B 129 1.16 -32.13 3.99
C SER B 129 0.19 -31.00 4.36
N LYS B 130 -0.76 -31.31 5.21
CA LYS B 130 -1.73 -30.31 5.65
C LYS B 130 -1.79 -30.16 7.15
N GLY B 131 -1.44 -31.22 7.88
CA GLY B 131 -1.61 -31.20 9.35
C GLY B 131 -0.73 -30.14 10.02
N PRO B 132 -0.85 -30.01 11.34
CA PRO B 132 -0.03 -29.07 12.09
C PRO B 132 1.45 -29.35 11.93
N GLY B 133 2.23 -28.28 11.88
CA GLY B 133 3.66 -28.39 11.83
C GLY B 133 4.14 -28.59 10.42
N SER B 134 5.34 -28.16 10.14
CA SER B 134 5.98 -28.49 8.88
C SER B 134 7.32 -29.14 9.19
N ALA B 135 7.68 -30.13 8.39
CA ALA B 135 8.99 -30.76 8.46
C ALA B 135 10.00 -29.90 7.71
N TYR B 136 9.50 -28.87 7.03
CA TYR B 136 10.35 -28.06 6.14
C TYR B 136 10.44 -26.66 6.70
N THR B 137 11.22 -25.83 6.04
CA THR B 137 11.48 -24.50 6.56
C THR B 137 10.27 -23.65 6.16
N GLY B 138 9.61 -23.07 7.16
CA GLY B 138 8.38 -22.36 6.93
C GLY B 138 8.44 -21.12 7.78
N ALA B 139 8.69 -20.00 7.14
CA ALA B 139 8.85 -18.75 7.86
C ALA B 139 7.48 -18.34 8.40
N GLY B 140 7.19 -18.74 9.63
CA GLY B 140 5.91 -18.44 10.27
C GLY B 140 4.76 -19.35 9.83
N SER B 141 5.08 -20.46 9.16
CA SER B 141 4.06 -21.43 8.76
C SER B 141 3.82 -22.48 9.86
N THR B 142 2.55 -22.74 10.15
CA THR B 142 2.18 -23.81 11.08
C THR B 142 1.64 -25.05 10.35
N GLY B 143 1.81 -25.12 9.03
CA GLY B 143 1.42 -26.30 8.27
C GLY B 143 0.97 -25.99 6.85
N GLY B 144 0.91 -27.01 6.02
CA GLY B 144 0.48 -26.85 4.65
C GLY B 144 1.70 -26.75 3.74
N SER B 145 2.10 -27.85 3.12
CA SER B 145 3.28 -27.81 2.26
C SER B 145 3.17 -28.78 1.10
N LEU B 146 3.89 -28.47 0.02
CA LEU B 146 4.05 -29.39 -1.10
C LEU B 146 5.53 -29.69 -1.23
N ASN B 147 5.87 -30.97 -1.36
CA ASN B 147 7.24 -31.33 -1.59
C ASN B 147 7.29 -32.20 -2.84
N LEU B 148 7.92 -31.67 -3.90
CA LEU B 148 8.03 -32.38 -5.15
C LEU B 148 9.28 -33.21 -5.11
N ILE B 149 9.13 -34.52 -5.25
CA ILE B 149 10.26 -35.43 -5.19
C ILE B 149 10.69 -35.75 -6.62
N SER B 150 11.93 -35.39 -6.97
CA SER B 150 12.50 -35.66 -8.29
C SER B 150 12.92 -37.11 -8.49
N LYS B 151 12.90 -37.56 -9.74
CA LYS B 151 13.35 -38.93 -10.03
C LYS B 151 14.83 -39.02 -9.73
N THR B 152 15.27 -40.16 -9.20
CA THR B 152 16.69 -40.42 -8.98
C THR B 152 17.04 -41.76 -9.60
N ALA B 153 18.32 -42.02 -9.73
CA ALA B 153 18.77 -43.26 -10.38
C ALA B 153 18.53 -44.45 -9.46
N LYS B 154 18.06 -45.55 -10.05
CA LYS B 154 17.78 -46.77 -9.31
C LYS B 154 18.86 -47.81 -9.57
N GLN B 155 18.99 -48.77 -8.67
CA GLN B 155 19.84 -49.92 -8.94
C GLN B 155 19.14 -50.92 -9.85
N ASP B 156 19.00 -50.53 -11.11
CA ASP B 156 18.27 -51.33 -12.07
C ASP B 156 18.67 -50.87 -13.47
N ASN B 157 18.28 -51.65 -14.46
CA ASN B 157 18.37 -51.22 -15.83
C ASN B 157 16.98 -51.20 -16.42
N PHE B 158 16.50 -50.02 -16.78
CA PHE B 158 15.22 -49.93 -17.47
C PHE B 158 15.18 -48.83 -18.50
N THR B 159 14.24 -48.96 -19.44
CA THR B 159 14.04 -47.96 -20.44
C THR B 159 12.55 -47.82 -20.67
N ASP B 160 12.02 -46.63 -20.43
CA ASP B 160 10.63 -46.33 -20.71
C ASP B 160 10.56 -45.23 -21.75
N ALA B 161 9.66 -45.38 -22.71
CA ALA B 161 9.44 -44.34 -23.73
C ALA B 161 7.93 -44.24 -23.98
N GLY B 162 7.45 -43.01 -24.10
CA GLY B 162 6.04 -42.76 -24.29
C GLY B 162 5.83 -41.82 -25.47
N PHE B 163 4.82 -42.12 -26.27
CA PHE B 163 4.42 -41.26 -27.38
C PHE B 163 2.94 -41.04 -27.23
N THR B 164 2.53 -39.77 -27.15
CA THR B 164 1.14 -39.46 -26.88
C THR B 164 0.58 -38.50 -27.93
N TRP B 165 -0.62 -38.81 -28.41
CA TRP B 165 -1.32 -37.97 -29.37
C TRP B 165 -2.61 -37.56 -28.72
N GLY B 166 -3.04 -36.33 -28.93
CA GLY B 166 -4.28 -35.85 -28.33
C GLY B 166 -5.28 -35.19 -29.27
N SER B 167 -6.54 -35.19 -28.87
CA SER B 167 -7.61 -34.54 -29.61
C SER B 167 -7.44 -33.03 -29.65
N ASP B 168 -6.63 -32.51 -28.73
CA ASP B 168 -6.28 -31.09 -28.64
C ASP B 168 -4.93 -30.82 -29.32
N GLN B 169 -4.55 -31.75 -30.20
CA GLN B 169 -3.33 -31.71 -30.97
C GLN B 169 -2.07 -31.97 -30.12
N THR B 170 -2.23 -32.52 -28.92
CA THR B 170 -1.08 -32.92 -28.14
C THR B 170 -0.15 -33.80 -28.96
N ARG B 171 1.12 -33.45 -28.98
CA ARG B 171 2.19 -34.34 -29.40
C ARG B 171 3.22 -34.36 -28.29
N ARG B 172 3.37 -35.49 -27.63
CA ARG B 172 4.28 -35.59 -26.51
C ARG B 172 5.16 -36.82 -26.63
N THR B 173 6.45 -36.62 -26.38
CA THR B 173 7.42 -37.71 -26.38
C THR B 173 8.21 -37.65 -25.06
N THR B 174 8.34 -38.79 -24.39
CA THR B 174 9.19 -38.91 -23.21
C THR B 174 10.09 -40.11 -23.28
N LEU B 175 11.22 -39.99 -22.61
CA LEU B 175 12.18 -41.05 -22.48
C LEU B 175 12.68 -41.04 -21.06
N ASP B 176 12.78 -42.21 -20.46
CA ASP B 176 13.27 -42.39 -19.10
C ASP B 176 14.18 -43.60 -19.16
N VAL B 177 15.48 -43.35 -19.14
CA VAL B 177 16.43 -44.43 -19.19
C VAL B 177 17.32 -44.45 -17.93
N ASN B 178 17.49 -45.64 -17.37
CA ASN B 178 18.21 -45.83 -16.12
C ASN B 178 19.16 -46.98 -16.30
N ARG B 179 20.41 -46.75 -15.93
CA ARG B 179 21.45 -47.74 -16.14
C ARG B 179 22.41 -47.83 -14.95
N MET B 180 22.72 -49.05 -14.54
CA MET B 180 23.77 -49.27 -13.57
C MET B 180 25.11 -49.18 -14.28
N ILE B 181 26.10 -48.61 -13.62
CA ILE B 181 27.43 -48.44 -14.20
C ILE B 181 28.51 -49.02 -13.29
N GLY B 182 28.07 -49.87 -12.37
CA GLY B 182 28.97 -50.69 -11.54
C GLY B 182 28.07 -51.37 -10.55
N ASP B 183 28.63 -51.90 -9.46
CA ASP B 183 27.80 -52.48 -8.41
C ASP B 183 27.20 -51.43 -7.49
N ASN B 184 27.76 -50.23 -7.47
CA ASN B 184 27.39 -49.22 -6.49
C ASN B 184 27.09 -47.83 -7.10
N ALA B 185 26.86 -47.76 -8.41
CA ALA B 185 26.48 -46.50 -9.05
C ALA B 185 25.52 -46.70 -10.21
N ALA B 186 24.77 -45.67 -10.52
CA ALA B 186 23.77 -45.72 -11.59
C ALA B 186 23.50 -44.32 -12.08
N PHE B 187 22.98 -44.21 -13.31
CA PHE B 187 22.53 -42.92 -13.79
C PHE B 187 21.16 -43.05 -14.40
N ARG B 188 20.47 -41.93 -14.48
CA ARG B 188 19.16 -41.88 -15.06
C ARG B 188 19.08 -40.61 -15.89
N LEU B 189 18.38 -40.70 -17.02
CA LEU B 189 18.14 -39.56 -17.90
C LEU B 189 16.67 -39.52 -18.24
N ASN B 190 16.05 -38.36 -18.01
CA ASN B 190 14.69 -38.13 -18.42
C ASN B 190 14.62 -36.99 -19.42
N LEU B 191 13.87 -37.22 -20.49
CA LEU B 191 13.74 -36.27 -21.57
C LEU B 191 12.25 -36.12 -21.86
N MET B 192 11.85 -34.94 -22.29
CA MET B 192 10.45 -34.66 -22.61
C MET B 192 10.38 -33.58 -23.67
N LYS B 193 9.43 -33.74 -24.59
CA LYS B 193 9.08 -32.72 -25.54
C LYS B 193 7.56 -32.74 -25.61
N HIS B 194 6.94 -31.58 -25.63
CA HIS B 194 5.47 -31.48 -25.54
C HIS B 194 4.96 -30.26 -26.28
N ASP B 195 3.99 -30.49 -27.17
CA ASP B 195 3.26 -29.39 -27.81
C ASP B 195 1.79 -29.69 -27.81
N ALA B 196 0.97 -28.69 -27.63
CA ALA B 196 -0.46 -28.89 -27.67
C ALA B 196 -1.21 -27.60 -27.84
N HIS B 197 -2.43 -27.71 -28.36
CA HIS B 197 -3.38 -26.65 -28.22
C HIS B 197 -4.14 -26.92 -26.91
N VAL B 198 -5.11 -26.09 -26.58
CA VAL B 198 -5.88 -26.30 -25.36
C VAL B 198 -7.35 -26.50 -25.73
N ALA B 199 -7.90 -27.63 -25.33
CA ALA B 199 -9.31 -27.91 -25.61
C ALA B 199 -10.22 -26.82 -25.06
N GLY B 200 -11.07 -26.27 -25.93
CA GLY B 200 -12.04 -25.30 -25.53
C GLY B 200 -11.48 -23.94 -25.18
N ARG B 201 -10.27 -23.65 -25.65
CA ARG B 201 -9.73 -22.29 -25.56
C ARG B 201 -9.22 -21.83 -26.91
N ASP B 202 -9.86 -20.83 -27.49
CA ASP B 202 -9.51 -20.36 -28.82
CA ASP B 202 -9.51 -20.37 -28.82
C ASP B 202 -8.05 -19.87 -28.90
N GLU B 203 -7.28 -20.48 -29.79
CA GLU B 203 -5.94 -20.01 -30.16
C GLU B 203 -4.86 -20.18 -29.09
N VAL B 204 -5.19 -20.74 -27.95
CA VAL B 204 -4.20 -20.94 -26.94
C VAL B 204 -3.37 -22.21 -27.22
N SER B 205 -2.06 -22.12 -27.05
CA SER B 205 -1.17 -23.27 -27.24
C SER B 205 -0.08 -23.30 -26.17
N VAL B 206 0.52 -24.48 -26.00
CA VAL B 206 1.65 -24.67 -25.10
C VAL B 206 2.74 -25.46 -25.80
N SER B 207 3.98 -25.18 -25.45
CA SER B 207 5.12 -26.00 -25.88
C SER B 207 6.17 -25.97 -24.80
N ARG B 208 6.85 -27.08 -24.64
CA ARG B 208 7.89 -27.17 -23.65
C ARG B 208 8.76 -28.37 -23.96
N TRP B 209 9.95 -28.34 -23.41
CA TRP B 209 10.85 -29.45 -23.48
C TRP B 209 11.79 -29.42 -22.29
N GLY B 210 12.24 -30.60 -21.88
CA GLY B 210 13.05 -30.72 -20.69
C GLY B 210 14.04 -31.86 -20.76
N VAL B 211 15.10 -31.73 -19.97
CA VAL B 211 16.15 -32.72 -19.88
C VAL B 211 16.66 -32.75 -18.44
N ALA B 212 16.80 -33.95 -17.91
CA ALA B 212 17.14 -34.14 -16.51
C ALA B 212 18.07 -35.33 -16.32
N PRO B 213 19.40 -35.12 -16.37
CA PRO B 213 20.30 -36.22 -16.02
C PRO B 213 20.61 -36.26 -14.51
N THR B 214 20.77 -37.46 -13.98
CA THR B 214 21.18 -37.63 -12.59
C THR B 214 22.06 -38.86 -12.45
N VAL B 215 22.93 -38.85 -11.47
CA VAL B 215 23.76 -39.99 -11.17
C VAL B 215 23.81 -40.19 -9.65
N THR B 216 23.87 -41.45 -9.24
CA THR B 216 24.03 -41.79 -7.83
C THR B 216 25.22 -42.68 -7.62
N PHE B 217 26.02 -42.32 -6.62
CA PHE B 217 27.18 -43.07 -6.23
C PHE B 217 27.02 -43.58 -4.80
N GLY B 218 27.15 -44.89 -4.62
CA GLY B 218 27.45 -45.42 -3.30
C GLY B 218 26.39 -46.27 -2.66
N PHE B 219 25.37 -46.68 -3.46
CA PHE B 219 24.39 -47.66 -3.02
C PHE B 219 25.11 -48.73 -2.20
N ASP B 220 24.49 -49.10 -1.08
CA ASP B 220 24.96 -50.18 -0.22
C ASP B 220 26.33 -49.86 0.37
N THR B 221 26.62 -48.58 0.53
CA THR B 221 27.83 -48.16 1.21
C THR B 221 27.47 -47.11 2.24
N PRO B 222 28.39 -46.83 3.17
CA PRO B 222 28.15 -45.85 4.21
C PRO B 222 28.11 -44.42 3.68
N THR B 223 28.61 -44.20 2.47
CA THR B 223 28.66 -42.87 1.86
C THR B 223 27.91 -42.92 0.53
N ARG B 224 26.91 -42.05 0.38
CA ARG B 224 26.08 -42.05 -0.81
C ARG B 224 25.96 -40.64 -1.30
N ALA B 225 26.04 -40.46 -2.61
CA ALA B 225 25.95 -39.12 -3.19
C ALA B 225 25.12 -39.13 -4.48
N THR B 226 24.46 -38.01 -4.74
CA THR B 226 23.73 -37.86 -5.96
C THR B 226 24.03 -36.50 -6.56
N LEU B 227 24.15 -36.47 -7.88
CA LEU B 227 24.36 -35.25 -8.62
C LEU B 227 23.24 -35.21 -9.66
N SER B 228 22.46 -34.15 -9.65
CA SER B 228 21.31 -34.02 -10.54
C SER B 228 21.31 -32.67 -11.26
N TYR B 229 20.87 -32.67 -12.49
CA TYR B 229 20.64 -31.42 -13.20
C TYR B 229 19.26 -31.44 -13.84
N TYR B 230 18.72 -30.25 -14.07
CA TYR B 230 17.38 -30.12 -14.60
C TYR B 230 17.30 -28.89 -15.48
N HIS B 231 16.72 -29.07 -16.65
CA HIS B 231 16.37 -27.95 -17.50
C HIS B 231 14.95 -28.12 -18.05
N LEU B 232 14.19 -27.03 -18.00
CA LEU B 232 12.88 -26.98 -18.62
C LEU B 232 12.75 -25.62 -19.35
N SER B 233 12.32 -25.67 -20.60
CA SER B 233 11.99 -24.47 -21.37
C SER B 233 10.52 -24.54 -21.72
N THR B 234 9.81 -23.41 -21.59
CA THR B 234 8.40 -23.33 -21.98
C THR B 234 8.20 -22.14 -22.91
N ASP B 235 7.23 -22.26 -23.80
CA ASP B 235 6.84 -21.19 -24.73
C ASP B 235 5.36 -21.36 -25.01
N ASP B 236 4.56 -20.56 -24.33
CA ASP B 236 3.10 -20.71 -24.33
C ASP B 236 2.39 -19.40 -24.72
N MET B 237 1.13 -19.51 -25.09
CA MET B 237 0.23 -18.36 -25.20
C MET B 237 -0.47 -18.17 -23.86
N PRO B 238 -0.18 -17.08 -23.15
CA PRO B 238 -0.74 -17.01 -21.81
C PRO B 238 -2.20 -16.63 -21.88
N ASP B 239 -2.97 -17.12 -20.93
CA ASP B 239 -4.43 -17.10 -21.02
C ASP B 239 -5.01 -16.78 -19.64
N TYR B 240 -5.52 -15.56 -19.47
CA TYR B 240 -6.17 -15.16 -18.22
C TYR B 240 -7.68 -15.40 -18.20
N GLY B 241 -8.20 -16.14 -19.17
CA GLY B 241 -9.59 -16.55 -19.15
C GLY B 241 -10.59 -15.48 -19.51
N LEU B 242 -11.69 -15.45 -18.76
CA LEU B 242 -12.78 -14.56 -19.03
C LEU B 242 -12.81 -13.42 -18.02
N PRO B 243 -13.30 -12.26 -18.45
CA PRO B 243 -13.54 -11.21 -17.49
C PRO B 243 -14.70 -11.51 -16.53
N LEU B 244 -14.58 -11.05 -15.28
CA LEU B 244 -15.74 -11.00 -14.39
C LEU B 244 -16.61 -9.84 -14.83
N THR B 245 -17.90 -9.89 -14.52
CA THR B 245 -18.72 -8.71 -14.64
C THR B 245 -18.38 -7.77 -13.50
N ASN B 246 -18.77 -6.50 -13.65
CA ASN B 246 -18.56 -5.51 -12.62
C ASN B 246 -19.66 -4.45 -12.66
N VAL B 247 -20.88 -4.88 -12.37
CA VAL B 247 -22.00 -3.99 -12.35
C VAL B 247 -22.76 -4.23 -11.05
N ASN B 248 -22.81 -3.22 -10.21
CA ASN B 248 -23.35 -3.34 -8.86
C ASN B 248 -22.80 -4.56 -8.15
N ARG B 249 -21.49 -4.73 -8.24
CA ARG B 249 -20.81 -5.77 -7.50
C ARG B 249 -21.04 -5.64 -6.01
N SER B 250 -21.40 -6.74 -5.35
CA SER B 250 -21.65 -6.72 -3.92
C SER B 250 -21.72 -8.13 -3.37
N LYS B 251 -21.68 -8.23 -2.06
CA LYS B 251 -21.90 -9.52 -1.44
C LYS B 251 -23.29 -10.08 -1.78
N ALA B 252 -24.29 -9.21 -1.91
CA ALA B 252 -25.64 -9.66 -2.30
C ALA B 252 -25.72 -10.15 -3.76
N ASN B 253 -24.95 -9.55 -4.67
CA ASN B 253 -24.93 -9.92 -6.08
C ASN B 253 -23.47 -10.03 -6.51
N PRO B 254 -22.83 -11.11 -6.12
CA PRO B 254 -21.42 -11.22 -6.42
C PRO B 254 -21.19 -11.38 -7.90
N SER B 255 -20.12 -10.80 -8.40
CA SER B 255 -19.79 -10.88 -9.79
C SER B 255 -19.28 -12.27 -10.12
N LYS B 256 -19.71 -12.78 -11.25
CA LYS B 256 -19.18 -14.05 -11.75
C LYS B 256 -18.70 -13.81 -13.17
N PRO B 257 -18.13 -14.83 -13.81
CA PRO B 257 -17.63 -14.61 -15.15
C PRO B 257 -18.72 -14.19 -16.10
N ALA B 258 -18.35 -13.33 -17.04
CA ALA B 258 -19.30 -12.93 -18.08
C ALA B 258 -19.95 -14.18 -18.70
N SER B 259 -21.22 -14.07 -19.07
CA SER B 259 -21.94 -15.19 -19.71
C SER B 259 -21.63 -15.20 -21.20
N VAL B 260 -20.41 -15.57 -21.56
CA VAL B 260 -19.99 -15.64 -22.95
C VAL B 260 -19.46 -17.03 -23.24
N ASP B 261 -19.33 -17.37 -24.51
CA ASP B 261 -18.72 -18.63 -24.96
C ASP B 261 -17.40 -18.90 -24.19
N ARG B 262 -17.31 -20.03 -23.51
CA ARG B 262 -16.14 -20.37 -22.71
C ARG B 262 -14.89 -20.71 -23.55
N ASP B 263 -15.06 -20.76 -24.88
CA ASP B 263 -13.92 -20.87 -25.80
C ASP B 263 -13.22 -19.51 -25.98
N ASN B 264 -13.87 -18.44 -25.55
CA ASN B 264 -13.41 -17.09 -25.90
C ASN B 264 -12.04 -16.77 -25.30
N PHE B 265 -11.13 -16.31 -26.14
CA PHE B 265 -9.81 -15.88 -25.73
C PHE B 265 -9.62 -14.39 -26.08
N TYR B 266 -9.20 -13.60 -25.10
CA TYR B 266 -9.14 -12.14 -25.24
C TYR B 266 -7.73 -11.62 -25.48
N GLY B 267 -6.76 -12.53 -25.63
CA GLY B 267 -5.40 -12.13 -25.96
C GLY B 267 -5.15 -11.94 -27.45
N LEU B 268 -3.91 -11.57 -27.76
CA LEU B 268 -3.49 -11.25 -29.12
C LEU B 268 -2.40 -12.19 -29.58
N LYS B 269 -2.68 -12.93 -30.67
CA LYS B 269 -1.67 -13.83 -31.24
C LYS B 269 -0.40 -13.09 -31.59
N ASP B 270 -0.50 -11.85 -32.07
CA ASP B 270 0.68 -11.11 -32.54
C ASP B 270 1.44 -10.36 -31.45
N ARG B 271 0.98 -10.45 -30.20
CA ARG B 271 1.63 -9.72 -29.10
C ARG B 271 1.97 -10.59 -27.90
N ASP B 272 1.02 -11.41 -27.45
CA ASP B 272 1.11 -12.10 -26.19
C ASP B 272 1.96 -13.36 -26.30
N TYR B 273 2.68 -13.67 -25.22
CA TYR B 273 3.53 -14.87 -25.13
C TYR B 273 4.01 -15.04 -23.69
N ARG B 274 4.47 -16.22 -23.38
CA ARG B 274 5.07 -16.50 -22.09
C ARG B 274 6.16 -17.54 -22.28
N LYS B 275 7.39 -17.13 -21.99
CA LYS B 275 8.55 -17.98 -22.15
C LYS B 275 9.28 -18.07 -20.83
N SER B 276 9.53 -19.30 -20.39
CA SER B 276 10.28 -19.50 -19.17
C SER B 276 11.41 -20.50 -19.43
N THR B 277 12.46 -20.35 -18.62
CA THR B 277 13.52 -21.34 -18.50
C THR B 277 13.75 -21.61 -17.01
N THR B 278 14.12 -22.85 -16.74
CA THR B 278 14.49 -23.31 -15.44
C THR B 278 15.73 -24.17 -15.59
N ASP B 279 16.76 -23.83 -14.82
CA ASP B 279 18.03 -24.54 -14.83
C ASP B 279 18.47 -24.77 -13.39
N SER B 280 18.75 -26.02 -13.04
CA SER B 280 19.01 -26.41 -11.65
C SER B 280 20.09 -27.48 -11.61
N GLY B 281 20.97 -27.38 -10.62
CA GLY B 281 21.98 -28.41 -10.34
C GLY B 281 22.05 -28.65 -8.86
N THR B 282 22.06 -29.93 -8.46
CA THR B 282 22.00 -30.33 -7.04
C THR B 282 23.05 -31.40 -6.70
N PHE B 283 23.79 -31.21 -5.61
CA PHE B 283 24.70 -32.21 -5.13
C PHE B 283 24.32 -32.52 -3.71
N ARG B 284 24.03 -33.80 -3.45
CA ARG B 284 23.65 -34.27 -2.11
C ARG B 284 24.56 -35.39 -1.72
N ILE B 285 25.07 -35.34 -0.50
CA ILE B 285 25.92 -36.39 0.02
C ILE B 285 25.54 -36.70 1.45
N GLU B 286 25.57 -37.99 1.78
CA GLU B 286 25.28 -38.41 3.13
C GLU B 286 26.29 -39.43 3.55
N HIS B 287 26.53 -39.49 4.84
CA HIS B 287 27.49 -40.44 5.38
C HIS B 287 27.00 -41.02 6.69
N ASP B 288 27.02 -42.33 6.82
CA ASP B 288 26.64 -42.99 8.05
C ASP B 288 27.89 -43.13 8.91
N LEU B 289 27.93 -42.41 10.03
CA LEU B 289 29.00 -42.62 11.02
C LEU B 289 28.84 -43.99 11.66
N ASN B 290 27.60 -44.46 11.79
CA ASN B 290 27.33 -45.81 12.27
C ASN B 290 25.88 -46.12 11.93
N ASP B 291 25.36 -47.27 12.36
CA ASP B 291 23.99 -47.66 11.98
C ASP B 291 22.94 -46.69 12.54
N ASN B 292 23.31 -45.89 13.53
CA ASN B 292 22.35 -45.00 14.17
C ASN B 292 22.61 -43.49 14.02
N LEU B 293 23.49 -43.10 13.10
CA LEU B 293 23.83 -41.69 12.92
C LEU B 293 24.22 -41.41 11.47
N THR B 294 23.45 -40.57 10.83
CA THR B 294 23.74 -40.15 9.44
C THR B 294 23.86 -38.64 9.36
N LEU B 295 24.92 -38.19 8.72
CA LEU B 295 25.16 -36.78 8.42
C LEU B 295 24.95 -36.51 6.93
N SER B 296 24.36 -35.37 6.58
CA SER B 296 24.19 -35.04 5.18
C SER B 296 24.41 -33.57 4.86
N ASN B 297 24.73 -33.31 3.60
CA ASN B 297 24.78 -31.96 3.09
C ASN B 297 24.30 -31.93 1.65
N SER B 298 23.48 -30.94 1.32
CA SER B 298 22.90 -30.79 0.01
C SER B 298 23.03 -29.34 -0.40
N THR B 299 23.41 -29.11 -1.64
CA THR B 299 23.54 -27.79 -2.18
C THR B 299 22.91 -27.76 -3.56
N ARG B 300 22.18 -26.70 -3.85
CA ARG B 300 21.54 -26.54 -5.14
C ARG B 300 21.77 -25.13 -5.62
N LEU B 301 22.06 -25.02 -6.91
CA LEU B 301 22.17 -23.75 -7.61
C LEU B 301 21.08 -23.69 -8.66
N VAL B 302 20.49 -22.51 -8.84
CA VAL B 302 19.32 -22.38 -9.69
C VAL B 302 19.37 -21.07 -10.47
N ARG B 303 18.96 -21.12 -11.75
CA ARG B 303 18.68 -19.93 -12.51
C ARG B 303 17.38 -20.11 -13.25
N THR B 304 16.52 -19.12 -13.19
CA THR B 304 15.27 -19.11 -13.92
C THR B 304 15.12 -17.80 -14.71
N THR B 305 14.33 -17.84 -15.78
CA THR B 305 13.89 -16.65 -16.47
C THR B 305 12.39 -16.72 -16.75
N LEU B 306 11.77 -15.57 -16.82
CA LEU B 306 10.36 -15.49 -17.14
C LEU B 306 10.13 -14.22 -17.91
N ASP B 307 9.59 -14.36 -19.11
CA ASP B 307 9.45 -13.26 -20.02
C ASP B 307 8.05 -13.41 -20.62
N TYR B 308 7.15 -12.46 -20.34
CA TYR B 308 5.78 -12.56 -20.84
C TYR B 308 5.12 -11.25 -21.06
N ILE B 309 4.19 -11.28 -22.02
CA ILE B 309 3.19 -10.25 -22.16
C ILE B 309 1.86 -11.00 -22.25
N VAL B 310 0.91 -10.61 -21.42
CA VAL B 310 -0.38 -11.28 -21.35
C VAL B 310 -1.48 -10.22 -21.31
N SER B 311 -2.67 -10.58 -21.81
CA SER B 311 -3.78 -9.65 -21.86
C SER B 311 -4.77 -9.94 -20.73
N ASN B 312 -4.92 -8.99 -19.85
CA ASN B 312 -5.96 -9.06 -18.80
C ASN B 312 -7.27 -8.61 -19.47
N PRO B 313 -8.31 -9.47 -19.44
CA PRO B 313 -9.59 -9.07 -20.09
C PRO B 313 -10.35 -7.98 -19.34
N ASP B 314 -10.03 -6.75 -19.72
CA ASP B 314 -10.69 -5.50 -19.33
C ASP B 314 -10.16 -4.81 -18.09
N ASP B 315 -9.50 -5.56 -17.19
CA ASP B 315 -8.88 -4.99 -16.01
C ASP B 315 -9.84 -4.08 -15.22
N SER B 316 -11.11 -4.52 -15.11
CA SER B 316 -12.17 -3.75 -14.45
C SER B 316 -12.28 -2.32 -14.93
N ARG B 317 -12.16 -2.10 -16.25
CA ARG B 317 -12.24 -0.76 -16.80
C ARG B 317 -13.63 -0.38 -17.29
N GLY B 318 -14.63 -1.21 -17.02
CA GLY B 318 -16.02 -0.83 -17.25
C GLY B 318 -16.54 -1.07 -18.66
N ASN B 319 -15.76 -1.71 -19.52
CA ASN B 319 -16.19 -1.92 -20.90
C ASN B 319 -17.06 -3.17 -21.08
N VAL B 320 -16.86 -4.14 -20.21
CA VAL B 320 -17.61 -5.38 -20.27
C VAL B 320 -19.13 -5.11 -20.26
N ALA B 321 -19.55 -4.15 -19.45
CA ALA B 321 -20.95 -3.78 -19.37
C ALA B 321 -21.50 -3.24 -20.69
N ASN B 322 -20.63 -2.77 -21.55
CA ASN B 322 -21.03 -2.24 -22.85
C ASN B 322 -20.76 -3.22 -24.00
N GLY B 323 -20.33 -4.44 -23.67
CA GLY B 323 -20.08 -5.45 -24.67
C GLY B 323 -18.68 -5.39 -25.27
N TYR B 324 -17.74 -4.79 -24.57
CA TYR B 324 -16.36 -4.71 -25.06
C TYR B 324 -15.36 -5.12 -23.99
N VAL B 325 -14.12 -5.42 -24.44
CA VAL B 325 -13.04 -5.78 -23.57
C VAL B 325 -11.79 -5.05 -24.01
N TYR B 326 -11.21 -4.27 -23.08
CA TYR B 326 -9.87 -3.69 -23.27
C TYR B 326 -8.81 -4.74 -22.94
N ARG B 327 -7.96 -5.05 -23.91
CA ARG B 327 -6.91 -6.01 -23.69
C ARG B 327 -5.78 -5.37 -22.91
N SER B 328 -5.88 -5.41 -21.59
CA SER B 328 -4.92 -4.66 -20.77
C SER B 328 -3.63 -5.45 -20.61
N ALA B 329 -2.53 -4.94 -21.20
CA ALA B 329 -1.26 -5.71 -21.24
C ALA B 329 -0.54 -5.68 -19.90
N LYS B 330 -0.13 -6.87 -19.46
CA LYS B 330 0.69 -7.03 -18.26
C LYS B 330 1.96 -7.74 -18.72
N SER B 331 3.08 -7.38 -18.13
CA SER B 331 4.32 -8.00 -18.56
C SER B 331 5.26 -8.30 -17.43
N ARG B 332 6.25 -9.12 -17.75
CA ARG B 332 7.34 -9.42 -16.86
C ARG B 332 8.55 -9.78 -17.73
N ASN B 333 9.72 -9.34 -17.30
CA ASN B 333 10.96 -9.76 -17.96
C ASN B 333 12.05 -9.88 -16.93
N SER B 334 12.13 -11.06 -16.35
CA SER B 334 12.94 -11.28 -15.17
C SER B 334 13.94 -12.42 -15.35
N THR B 335 15.02 -12.31 -14.59
CA THR B 335 16.02 -13.34 -14.41
C THR B 335 16.27 -13.52 -12.92
N SER B 336 16.30 -14.77 -12.46
CA SER B 336 16.45 -15.08 -11.07
C SER B 336 17.58 -16.08 -10.90
N LYS B 337 18.35 -15.88 -9.84
CA LYS B 337 19.44 -16.77 -9.51
C LYS B 337 19.36 -17.07 -8.04
N GLY B 338 19.70 -18.30 -7.68
CA GLY B 338 19.65 -18.70 -6.28
C GLY B 338 20.52 -19.88 -5.90
N TRP B 339 20.74 -20.02 -4.61
CA TRP B 339 21.33 -21.23 -4.05
C TRP B 339 20.68 -21.57 -2.73
N VAL B 340 20.70 -22.85 -2.40
CA VAL B 340 20.23 -23.29 -1.11
C VAL B 340 21.17 -24.39 -0.64
N ASN B 341 21.51 -24.35 0.65
CA ASN B 341 22.33 -25.37 1.26
C ASN B 341 21.67 -25.89 2.52
N GLN B 342 21.61 -27.20 2.67
CA GLN B 342 21.05 -27.83 3.85
C GLN B 342 22.06 -28.79 4.43
N THR B 343 22.16 -28.80 5.77
CA THR B 343 23.04 -29.70 6.48
C THR B 343 22.25 -30.33 7.60
N ASP B 344 22.24 -31.65 7.68
CA ASP B 344 21.38 -32.36 8.64
C ASP B 344 22.12 -33.49 9.35
N LEU B 345 21.62 -33.83 10.52
CA LEU B 345 22.07 -34.97 11.30
C LEU B 345 20.81 -35.73 11.67
N LYS B 346 20.85 -37.03 11.49
CA LYS B 346 19.73 -37.89 11.86
C LYS B 346 20.23 -39.03 12.74
N ALA B 347 19.57 -39.21 13.88
CA ALA B 347 20.08 -40.13 14.88
C ALA B 347 18.98 -40.99 15.48
N ASN B 348 19.32 -42.23 15.79
CA ASN B 348 18.46 -43.07 16.62
C ASN B 348 19.19 -43.29 17.93
N PHE B 349 18.52 -43.06 19.04
CA PHE B 349 19.14 -43.34 20.32
C PHE B 349 18.08 -43.63 21.38
N GLU B 350 18.54 -44.03 22.55
CA GLU B 350 17.66 -44.37 23.63
C GLU B 350 18.03 -43.61 24.89
N THR B 351 17.02 -43.17 25.61
CA THR B 351 17.20 -42.69 26.97
C THR B 351 16.32 -43.53 27.85
N GLY B 352 16.93 -44.49 28.54
CA GLY B 352 16.17 -45.48 29.31
C GLY B 352 15.21 -46.25 28.43
N PHE B 353 13.92 -46.25 28.80
CA PHE B 353 12.91 -46.96 28.03
C PHE B 353 12.47 -46.20 26.76
N ILE B 354 12.84 -44.94 26.62
CA ILE B 354 12.38 -44.15 25.49
C ILE B 354 13.32 -44.26 24.27
N LYS B 355 12.75 -44.56 23.11
CA LYS B 355 13.50 -44.63 21.88
C LYS B 355 13.27 -43.36 21.12
N HIS B 356 14.35 -42.69 20.77
CA HIS B 356 14.29 -41.45 20.03
C HIS B 356 14.68 -41.66 18.58
N THR B 357 13.96 -40.98 17.71
CA THR B 357 14.43 -40.73 16.34
C THR B 357 14.47 -39.24 16.16
N LEU B 358 15.67 -38.71 16.00
CA LEU B 358 15.88 -37.26 15.99
C LEU B 358 16.53 -36.76 14.71
N VAL B 359 16.08 -35.59 14.26
CA VAL B 359 16.69 -34.90 13.14
C VAL B 359 16.94 -33.46 13.53
N THR B 360 18.13 -32.97 13.19
CA THR B 360 18.41 -31.59 13.41
C THR B 360 19.19 -31.09 12.22
N GLY B 361 18.95 -29.85 11.82
CA GLY B 361 19.56 -29.35 10.62
C GLY B 361 19.45 -27.88 10.46
N LEU B 362 20.09 -27.40 9.39
CA LEU B 362 20.21 -26.00 9.06
C LEU B 362 19.96 -25.87 7.56
N GLU B 363 19.31 -24.77 7.19
CA GLU B 363 19.13 -24.39 5.81
C GLU B 363 19.50 -22.92 5.66
N PHE B 364 20.28 -22.62 4.61
CA PHE B 364 20.65 -21.29 4.23
C PHE B 364 20.29 -21.13 2.77
N SER B 365 19.80 -19.95 2.40
CA SER B 365 19.48 -19.72 1.01
C SER B 365 19.68 -18.29 0.62
N TYR B 366 19.87 -18.09 -0.67
CA TYR B 366 20.01 -16.78 -1.26
C TYR B 366 19.33 -16.78 -2.61
N GLU B 367 18.67 -15.66 -2.92
CA GLU B 367 17.99 -15.51 -4.17
C GLU B 367 18.14 -14.07 -4.62
N ASP B 368 18.45 -13.87 -5.89
CA ASP B 368 18.47 -12.55 -6.50
C ASP B 368 17.56 -12.55 -7.72
N VAL B 369 16.65 -11.58 -7.79
CA VAL B 369 15.69 -11.51 -8.88
C VAL B 369 15.79 -10.13 -9.49
N HIS B 370 15.98 -10.07 -10.81
CA HIS B 370 15.98 -8.81 -11.53
C HIS B 370 14.77 -8.80 -12.45
N ASN B 371 13.96 -7.75 -12.41
CA ASN B 371 12.81 -7.65 -13.29
C ASN B 371 12.72 -6.27 -13.92
N ARG B 372 12.52 -6.23 -15.23
CA ARG B 372 12.27 -4.96 -15.89
C ARG B 372 11.13 -5.15 -16.88
N PRO B 373 9.90 -4.88 -16.44
CA PRO B 373 8.75 -4.96 -17.33
C PRO B 373 8.85 -4.01 -18.52
N TYR B 374 8.10 -4.33 -19.56
CA TYR B 374 8.11 -3.58 -20.79
C TYR B 374 7.20 -2.39 -20.66
N ALA B 375 7.53 -1.35 -21.38
CA ALA B 375 6.63 -0.23 -21.59
C ALA B 375 5.79 -0.58 -22.81
N ILE B 376 4.50 -0.76 -22.59
CA ILE B 376 3.59 -1.15 -23.64
C ILE B 376 2.57 -0.09 -23.85
N THR B 377 2.58 0.46 -25.04
CA THR B 377 1.83 1.65 -25.36
C THR B 377 0.72 1.32 -26.33
N SER B 378 -0.48 1.77 -25.97
CA SER B 378 -1.65 1.70 -26.83
C SER B 378 -1.33 2.18 -28.24
N GLY B 379 -1.93 1.53 -29.23
CA GLY B 379 -1.84 2.06 -30.60
C GLY B 379 -3.02 2.94 -30.96
N GLY B 380 -3.99 3.07 -30.06
CA GLY B 380 -5.25 3.78 -30.39
C GLY B 380 -5.64 4.91 -29.46
N GLY B 381 -4.62 5.54 -28.86
CA GLY B 381 -4.80 6.71 -28.01
C GLY B 381 -4.83 6.39 -26.52
N ALA B 382 -4.99 7.42 -25.71
CA ALA B 382 -5.04 7.25 -24.26
C ALA B 382 -6.45 6.81 -23.85
N GLY B 383 -6.61 6.38 -22.62
CA GLY B 383 -7.92 6.13 -22.08
C GLY B 383 -8.22 4.65 -21.99
N ASN B 384 -9.04 4.30 -21.00
CA ASN B 384 -9.42 2.92 -20.73
C ASN B 384 -10.74 2.51 -21.36
N THR B 385 -11.42 3.47 -21.98
CA THR B 385 -12.77 3.25 -22.42
C THR B 385 -12.76 2.94 -23.91
N CYS B 386 -13.35 1.80 -24.27
N CYS B 386 -13.33 1.80 -24.27
CA CYS B 386 -13.38 1.38 -25.65
CA CYS B 386 -13.27 1.36 -25.65
C CYS B 386 -14.02 2.42 -26.54
C CYS B 386 -14.05 2.28 -26.59
N ASN B 387 -13.44 2.61 -27.71
CA ASN B 387 -14.01 3.53 -28.70
C ASN B 387 -13.50 3.04 -30.06
N ALA B 388 -13.88 3.71 -31.14
CA ALA B 388 -13.51 3.24 -32.48
C ALA B 388 -11.99 3.15 -32.68
N ARG B 389 -11.26 4.13 -32.17
CA ARG B 389 -9.78 4.13 -32.29
C ARG B 389 -9.15 2.91 -31.60
N LEU B 390 -9.64 2.55 -30.44
CA LEU B 390 -9.03 1.46 -29.69
C LEU B 390 -9.48 0.10 -30.24
N LEU B 391 -10.69 0.02 -30.82
CA LEU B 391 -11.07 -1.19 -31.55
C LEU B 391 -10.14 -1.35 -32.76
N ALA B 392 -9.85 -0.25 -33.44
CA ALA B 392 -9.05 -0.31 -34.66
C ALA B 392 -7.61 -0.68 -34.38
N SER B 393 -7.11 -0.31 -33.20
CA SER B 393 -5.72 -0.57 -32.89
C SER B 393 -5.54 -1.95 -32.34
N GLY B 394 -6.65 -2.63 -32.06
CA GLY B 394 -6.61 -3.96 -31.47
C GLY B 394 -6.45 -3.94 -29.96
N ASP B 395 -6.48 -2.76 -29.37
CA ASP B 395 -6.37 -2.63 -27.93
C ASP B 395 -7.68 -3.08 -27.25
N CYS B 396 -8.79 -2.93 -27.96
CA CYS B 396 -10.10 -3.40 -27.51
C CYS B 396 -10.66 -4.39 -28.50
N THR B 397 -11.58 -5.24 -28.02
CA THR B 397 -12.26 -6.20 -28.88
C THR B 397 -13.67 -6.44 -28.34
N SER B 398 -14.45 -7.22 -29.09
CA SER B 398 -15.79 -7.58 -28.72
C SER B 398 -15.81 -8.52 -27.52
N LEU B 399 -16.69 -8.28 -26.56
CA LEU B 399 -16.90 -9.22 -25.45
C LEU B 399 -17.41 -10.56 -25.94
N ASN B 400 -18.46 -10.53 -26.77
CA ASN B 400 -19.11 -11.75 -27.19
C ASN B 400 -18.27 -12.60 -28.17
N ARG B 401 -17.55 -11.93 -29.06
CA ARG B 401 -16.80 -12.62 -30.10
C ARG B 401 -15.45 -11.97 -30.29
N PRO B 402 -14.54 -12.19 -29.35
CA PRO B 402 -13.20 -11.64 -29.47
C PRO B 402 -12.40 -12.28 -30.60
N THR B 403 -11.51 -11.49 -31.20
CA THR B 403 -10.75 -11.92 -32.37
C THR B 403 -9.23 -11.85 -32.14
N PRO B 404 -8.64 -12.97 -31.73
CA PRO B 404 -7.23 -12.98 -31.36
C PRO B 404 -6.25 -12.71 -32.51
N GLY B 405 -6.74 -12.77 -33.76
CA GLY B 405 -5.91 -12.46 -34.94
C GLY B 405 -5.82 -10.98 -35.30
N ASP B 406 -6.41 -10.09 -34.51
CA ASP B 406 -6.23 -8.64 -34.74
C ASP B 406 -4.76 -8.20 -34.91
N ASN B 407 -4.56 -7.26 -35.81
CA ASN B 407 -3.27 -6.61 -35.97
C ASN B 407 -3.11 -5.40 -35.02
N TRP B 408 -2.42 -5.62 -33.93
CA TRP B 408 -2.28 -4.60 -32.91
C TRP B 408 -1.24 -3.58 -33.33
N THR B 409 -1.53 -2.29 -33.14
CA THR B 409 -0.66 -1.21 -33.58
C THR B 409 0.06 -0.46 -32.45
N GLY B 410 0.09 -1.04 -31.26
CA GLY B 410 0.81 -0.45 -30.14
C GLY B 410 2.30 -0.69 -30.31
N SER B 411 3.09 -0.33 -29.29
CA SER B 411 4.54 -0.57 -29.32
C SER B 411 5.02 -1.13 -28.00
N ILE B 412 6.17 -1.80 -28.08
CA ILE B 412 6.81 -2.42 -26.94
C ILE B 412 8.29 -2.03 -26.87
N THR B 413 8.69 -1.46 -25.73
CA THR B 413 10.11 -1.18 -25.47
C THR B 413 10.42 -1.59 -24.04
N ASP B 414 11.68 -1.56 -23.66
CA ASP B 414 12.07 -1.80 -22.27
C ASP B 414 11.61 -0.65 -21.41
N GLY B 415 10.99 -0.96 -20.28
CA GLY B 415 10.49 0.09 -19.41
C GLY B 415 11.62 0.72 -18.63
N LEU B 416 11.32 1.87 -18.03
CA LEU B 416 12.28 2.58 -17.22
C LEU B 416 12.31 2.00 -15.80
N ALA B 417 11.20 1.45 -15.32
CA ALA B 417 11.16 0.83 -14.00
C ALA B 417 11.85 -0.54 -13.96
N TYR B 418 12.59 -0.82 -12.88
CA TYR B 418 13.13 -2.13 -12.65
C TYR B 418 13.34 -2.38 -11.16
N THR B 419 13.31 -3.65 -10.78
CA THR B 419 13.50 -4.05 -9.41
C THR B 419 14.53 -5.19 -9.29
N ASP B 420 15.45 -5.04 -8.37
CA ASP B 420 16.36 -6.09 -7.97
C ASP B 420 16.00 -6.47 -6.54
N THR B 421 15.67 -7.73 -6.33
CA THR B 421 15.31 -8.22 -5.00
C THR B 421 16.22 -9.35 -4.59
N ASP B 422 16.93 -9.15 -3.48
CA ASP B 422 17.77 -10.16 -2.88
C ASP B 422 17.15 -10.64 -1.57
N THR B 423 16.96 -11.94 -1.46
CA THR B 423 16.41 -12.52 -0.27
C THR B 423 17.35 -13.57 0.28
N LYS B 424 17.67 -13.43 1.57
CA LYS B 424 18.48 -14.41 2.28
C LYS B 424 17.64 -15.04 3.39
N THR B 425 17.73 -16.35 3.52
CA THR B 425 17.04 -17.06 4.62
C THR B 425 18.01 -17.96 5.34
N SER B 426 17.73 -18.16 6.62
CA SER B 426 18.54 -19.04 7.48
C SER B 426 17.55 -19.72 8.40
N ALA B 427 17.72 -20.99 8.64
CA ALA B 427 16.82 -21.71 9.51
C ALA B 427 17.57 -22.78 10.25
N ALA B 428 17.10 -23.04 11.46
CA ALA B 428 17.59 -24.14 12.28
C ALA B 428 16.41 -24.86 12.87
N TYR B 429 16.51 -26.18 12.93
CA TYR B 429 15.39 -26.99 13.36
C TYR B 429 15.86 -28.27 14.06
N VAL B 430 14.97 -28.78 14.89
CA VAL B 430 15.11 -30.06 15.53
C VAL B 430 13.74 -30.72 15.66
N PHE B 431 13.67 -31.99 15.26
CA PHE B 431 12.45 -32.77 15.38
C PHE B 431 12.80 -34.08 16.06
N ASP B 432 11.93 -34.55 16.93
CA ASP B 432 12.16 -35.85 17.62
C ASP B 432 10.85 -36.60 17.79
N THR B 433 10.85 -37.89 17.43
CA THR B 433 9.76 -38.79 17.80
C THR B 433 10.23 -39.70 18.96
N LEU B 434 9.58 -39.59 20.10
CA LEU B 434 9.92 -40.35 21.28
C LEU B 434 8.91 -41.48 21.41
N LYS B 435 9.35 -42.72 21.21
CA LYS B 435 8.50 -43.87 21.51
C LYS B 435 8.55 -44.13 22.98
N LEU B 436 7.44 -43.87 23.67
CA LEU B 436 7.36 -44.04 25.11
C LEU B 436 6.98 -45.48 25.43
N SER B 437 6.21 -46.10 24.55
CA SER B 437 5.87 -47.52 24.70
C SER B 437 5.39 -48.02 23.35
N GLU B 438 4.88 -49.26 23.29
CA GLU B 438 4.34 -49.77 22.04
C GLU B 438 3.05 -49.02 21.64
N GLN B 439 2.41 -48.37 22.60
CA GLN B 439 1.13 -47.73 22.33
C GLN B 439 1.16 -46.21 22.29
N TRP B 440 2.27 -45.60 22.71
CA TRP B 440 2.32 -44.14 22.84
C TRP B 440 3.62 -43.56 22.28
N GLU B 441 3.47 -42.55 21.45
CA GLU B 441 4.60 -41.82 20.88
C GLU B 441 4.34 -40.33 21.01
N LEU B 442 5.41 -39.59 21.31
CA LEU B 442 5.35 -38.14 21.42
C LEU B 442 6.28 -37.53 20.38
N ASN B 443 5.74 -36.61 19.58
CA ASN B 443 6.51 -35.92 18.56
C ASN B 443 6.71 -34.47 18.98
N LEU B 444 7.96 -33.99 18.92
CA LEU B 444 8.30 -32.62 19.30
C LEU B 444 9.12 -31.98 18.23
N GLY B 445 8.83 -30.71 17.94
CA GLY B 445 9.58 -30.00 16.95
C GLY B 445 9.73 -28.53 17.26
N LEU B 446 10.90 -27.99 16.91
CA LEU B 446 11.21 -26.58 17.03
C LEU B 446 11.89 -26.11 15.78
N ARG B 447 11.49 -24.95 15.29
CA ARG B 447 12.22 -24.34 14.20
C ARG B 447 12.34 -22.84 14.38
N TYR B 448 13.49 -22.32 14.02
CA TYR B 448 13.72 -20.90 14.00
C TYR B 448 14.11 -20.51 12.59
N ASP B 449 13.44 -19.49 12.04
CA ASP B 449 13.65 -19.04 10.67
C ASP B 449 13.95 -17.55 10.67
N ASP B 450 14.92 -17.15 9.84
CA ASP B 450 15.23 -15.74 9.67
C ASP B 450 15.13 -15.39 8.18
N PHE B 451 14.54 -14.24 7.88
CA PHE B 451 14.21 -13.85 6.52
C PHE B 451 14.71 -12.42 6.39
N ASP B 452 15.60 -12.16 5.42
CA ASP B 452 16.08 -10.81 5.15
C ASP B 452 15.92 -10.51 3.69
N THR B 453 15.12 -9.51 3.36
CA THR B 453 14.84 -9.23 1.97
C THR B 453 15.20 -7.77 1.69
N LYS B 454 15.91 -7.55 0.59
CA LYS B 454 16.30 -6.19 0.14
C LYS B 454 15.83 -6.00 -1.30
N SER B 455 15.07 -4.94 -1.55
CA SER B 455 14.70 -4.57 -2.90
C SER B 455 15.27 -3.21 -3.24
N SER B 456 15.68 -3.02 -4.49
CA SER B 456 16.03 -1.69 -4.92
C SER B 456 15.81 -1.57 -6.42
N GLY B 457 15.85 -0.35 -6.89
CA GLY B 457 15.70 -0.08 -8.31
C GLY B 457 15.08 1.25 -8.59
N TYR B 458 14.43 1.33 -9.73
CA TYR B 458 13.77 2.55 -10.14
C TYR B 458 12.28 2.32 -10.36
N GLN B 459 11.50 3.28 -9.91
CA GLN B 459 10.06 3.17 -10.05
C GLN B 459 9.59 4.38 -10.84
N THR B 460 8.52 4.19 -11.60
CA THR B 460 7.88 5.30 -12.28
C THR B 460 6.93 5.96 -11.31
N ALA B 461 6.48 7.15 -11.64
CA ALA B 461 5.52 7.83 -10.81
C ALA B 461 4.27 6.97 -10.71
N GLY B 462 3.84 6.70 -9.49
CA GLY B 462 2.62 5.96 -9.26
C GLY B 462 2.36 5.81 -7.78
N ARG B 463 1.64 4.75 -7.41
CA ARG B 463 1.19 4.52 -6.04
C ARG B 463 2.30 4.75 -5.02
N ASN B 464 3.48 4.22 -5.30
CA ASN B 464 4.56 4.22 -4.33
C ASN B 464 5.41 5.48 -4.33
N GLY B 465 4.93 6.55 -4.94
CA GLY B 465 5.60 7.82 -4.88
C GLY B 465 6.13 8.28 -6.22
N PRO B 466 6.81 9.43 -6.22
CA PRO B 466 7.29 9.97 -7.48
C PRO B 466 8.37 9.10 -8.12
N ALA B 467 8.58 9.27 -9.42
CA ALA B 467 9.57 8.46 -10.08
C ALA B 467 10.92 8.66 -9.37
N GLY B 468 11.70 7.60 -9.30
CA GLY B 468 13.04 7.69 -8.73
C GLY B 468 13.52 6.38 -8.15
N TYR B 469 14.67 6.44 -7.51
CA TYR B 469 15.35 5.30 -7.01
C TYR B 469 14.71 4.95 -5.68
N PHE B 470 14.61 3.67 -5.40
CA PHE B 470 14.16 3.21 -4.09
C PHE B 470 15.02 2.09 -3.59
N LYS B 471 14.99 1.92 -2.27
CA LYS B 471 15.57 0.76 -1.61
C LYS B 471 14.62 0.40 -0.47
N ARG B 472 14.31 -0.88 -0.31
CA ARG B 472 13.50 -1.35 0.79
C ARG B 472 14.16 -2.59 1.38
N GLU B 473 14.24 -2.68 2.71
CA GLU B 473 14.76 -3.85 3.38
C GLU B 473 13.80 -4.25 4.50
N ASN B 474 13.56 -5.55 4.65
CA ASN B 474 12.85 -6.05 5.80
C ASN B 474 13.57 -7.27 6.31
N ASN B 475 13.73 -7.34 7.62
CA ASN B 475 14.31 -8.53 8.28
C ASN B 475 13.38 -8.98 9.40
N SER B 476 13.01 -10.25 9.39
CA SER B 476 12.14 -10.74 10.44
C SER B 476 12.48 -12.15 10.80
N HIS B 477 12.15 -12.56 12.02
CA HIS B 477 12.35 -13.95 12.40
C HIS B 477 11.10 -14.56 13.04
N PHE B 478 11.07 -15.89 13.07
CA PHE B 478 9.90 -16.66 13.49
C PHE B 478 10.33 -17.89 14.27
N TRP B 479 9.62 -18.17 15.35
CA TRP B 479 9.78 -19.40 16.10
C TRP B 479 8.56 -20.25 15.86
N ASN B 480 8.77 -21.52 15.56
N ASN B 480 8.79 -21.54 15.69
CA ASN B 480 7.65 -22.47 15.39
CA ASN B 480 7.73 -22.46 15.37
C ASN B 480 7.86 -23.63 16.33
C ASN B 480 7.87 -23.69 16.28
N TYR B 481 6.79 -24.06 16.96
CA TYR B 481 6.81 -25.18 17.91
C TYR B 481 5.73 -26.17 17.49
N GLN B 482 6.02 -27.46 17.63
CA GLN B 482 5.07 -28.49 17.23
C GLN B 482 5.11 -29.57 18.28
N THR B 483 3.93 -30.08 18.63
CA THR B 483 3.78 -31.20 19.50
C THR B 483 2.73 -32.13 18.89
N GLY B 484 2.96 -33.43 18.96
CA GLY B 484 1.99 -34.39 18.46
C GLY B 484 1.99 -35.61 19.36
N LEU B 485 0.82 -36.02 19.84
CA LEU B 485 0.73 -37.19 20.67
C LEU B 485 0.03 -38.26 19.87
N VAL B 486 0.60 -39.46 19.84
CA VAL B 486 0.05 -40.53 19.03
C VAL B 486 -0.22 -41.73 19.92
N TYR B 487 -1.43 -42.23 19.86
CA TYR B 487 -1.79 -43.46 20.56
C TYR B 487 -2.08 -44.54 19.50
N LYS B 488 -1.55 -45.73 19.71
CA LYS B 488 -1.76 -46.82 18.76
C LYS B 488 -2.60 -47.91 19.41
N PRO B 489 -3.90 -47.96 19.08
CA PRO B 489 -4.80 -48.96 19.66
C PRO B 489 -4.50 -50.35 19.10
N ALA B 490 -3.80 -50.38 17.97
CA ALA B 490 -3.27 -51.61 17.43
C ALA B 490 -2.11 -51.25 16.51
N PRO B 491 -1.30 -52.25 16.15
CA PRO B 491 -0.14 -51.91 15.33
C PRO B 491 -0.49 -51.13 14.06
N ASN B 492 -1.63 -51.46 13.45
CA ASN B 492 -1.97 -50.88 12.14
C ASN B 492 -2.87 -49.65 12.26
N GLY B 493 -2.97 -49.07 13.47
CA GLY B 493 -3.83 -47.93 13.73
C GLY B 493 -3.17 -46.86 14.59
N SER B 494 -3.59 -45.61 14.37
CA SER B 494 -3.13 -44.49 15.16
C SER B 494 -4.28 -43.52 15.40
N ILE B 495 -4.30 -42.94 16.58
CA ILE B 495 -5.16 -41.79 16.91
C ILE B 495 -4.22 -40.73 17.41
N TYR B 496 -4.33 -39.51 16.90
CA TYR B 496 -3.36 -38.48 17.24
C TYR B 496 -4.01 -37.14 17.51
N LEU B 497 -3.33 -36.36 18.34
CA LEU B 497 -3.72 -34.98 18.60
C LEU B 497 -2.44 -34.16 18.44
N ALA B 498 -2.52 -33.11 17.63
CA ALA B 498 -1.34 -32.37 17.30
C ALA B 498 -1.63 -30.89 17.26
N TRP B 499 -0.62 -30.11 17.60
CA TRP B 499 -0.76 -28.68 17.47
C TRP B 499 0.56 -28.03 17.24
N SER B 500 0.50 -26.87 16.59
CA SER B 500 1.66 -26.13 16.16
C SER B 500 1.35 -24.66 16.32
N THR B 501 2.34 -23.89 16.76
CA THR B 501 2.16 -22.44 16.90
C THR B 501 3.38 -21.78 16.34
N SER B 502 3.21 -20.53 15.93
CA SER B 502 4.31 -19.79 15.37
C SER B 502 4.24 -18.42 15.99
N SER B 503 5.40 -17.88 16.30
CA SER B 503 5.50 -16.57 16.91
C SER B 503 6.51 -15.74 16.12
N ASN B 504 6.28 -14.44 16.08
CA ASN B 504 7.07 -13.52 15.27
C ASN B 504 7.37 -12.27 16.13
N PRO B 505 8.41 -12.36 16.98
CA PRO B 505 8.73 -11.31 17.98
C PRO B 505 9.18 -9.99 17.37
N ARG B 528 -0.92 -14.83 16.73
CA ARG B 528 -1.23 -16.11 17.36
C ARG B 528 -1.64 -17.16 16.34
N ASN B 529 -0.72 -17.49 15.45
CA ASN B 529 -0.96 -18.54 14.48
C ASN B 529 -0.86 -19.91 15.15
N ARG B 530 -1.94 -20.66 15.09
CA ARG B 530 -2.04 -21.96 15.71
C ARG B 530 -2.77 -22.93 14.79
N ASN B 531 -2.31 -24.16 14.78
CA ASN B 531 -2.93 -25.20 14.02
C ASN B 531 -3.15 -26.40 14.94
N LEU B 532 -4.36 -26.94 14.92
CA LEU B 532 -4.75 -28.00 15.80
C LEU B 532 -5.45 -29.07 14.98
N GLU B 533 -5.16 -30.32 15.26
CA GLU B 533 -5.76 -31.43 14.55
C GLU B 533 -5.88 -32.65 15.45
N LEU B 534 -7.06 -33.27 15.38
CA LEU B 534 -7.34 -34.57 15.99
C LEU B 534 -7.63 -35.50 14.82
N GLY B 535 -6.94 -36.63 14.76
CA GLY B 535 -7.09 -37.52 13.62
C GLY B 535 -6.85 -39.00 13.92
N THR B 536 -7.16 -39.83 12.94
CA THR B 536 -6.92 -41.26 13.03
C THR B 536 -6.48 -41.78 11.67
N LYS B 537 -5.60 -42.78 11.70
CA LYS B 537 -5.06 -43.38 10.48
C LYS B 537 -5.04 -44.87 10.68
N TRP B 538 -5.41 -45.59 9.62
CA TRP B 538 -5.46 -47.05 9.66
C TRP B 538 -4.87 -47.63 8.38
N ALA B 539 -4.20 -48.77 8.52
CA ALA B 539 -3.65 -49.49 7.40
C ALA B 539 -4.25 -50.89 7.40
N PHE B 540 -4.72 -51.31 6.24
CA PHE B 540 -5.41 -52.59 6.13
C PHE B 540 -4.85 -53.48 5.02
N PHE B 541 -5.22 -54.76 5.10
CA PHE B 541 -4.75 -55.77 4.13
C PHE B 541 -3.23 -55.70 4.02
N ASP B 542 -2.58 -55.99 5.14
CA ASP B 542 -1.11 -55.97 5.21
C ASP B 542 -0.58 -54.75 4.51
N ASP B 543 -1.07 -53.60 4.96
CA ASP B 543 -0.57 -52.29 4.56
C ASP B 543 -0.77 -51.97 3.09
N ALA B 544 -1.80 -52.56 2.48
CA ALA B 544 -2.09 -52.28 1.07
C ALA B 544 -3.12 -51.16 0.93
N LEU B 545 -3.81 -50.82 2.02
CA LEU B 545 -4.82 -49.78 1.99
C LEU B 545 -4.71 -48.89 3.22
N SER B 546 -4.70 -47.58 2.98
CA SER B 546 -4.68 -46.59 4.05
C SER B 546 -5.95 -45.80 4.06
N LEU B 547 -6.52 -45.64 5.26
CA LEU B 547 -7.68 -44.80 5.47
C LEU B 547 -7.38 -43.82 6.57
N ASN B 548 -7.73 -42.57 6.35
CA ASN B 548 -7.39 -41.49 7.27
C ASN B 548 -8.51 -40.53 7.46
N ALA B 549 -8.61 -39.98 8.66
CA ALA B 549 -9.65 -39.00 8.96
C ALA B 549 -9.13 -37.97 9.97
N ALA B 550 -9.51 -36.71 9.77
CA ALA B 550 -9.03 -35.67 10.66
C ALA B 550 -10.04 -34.57 10.86
N LEU B 551 -10.03 -33.99 12.05
CA LEU B 551 -10.78 -32.79 12.38
C LEU B 551 -9.75 -31.70 12.70
N PHE B 552 -9.90 -30.51 12.18
CA PHE B 552 -8.84 -29.52 12.38
C PHE B 552 -9.37 -28.11 12.51
N ARG B 553 -8.57 -27.26 13.13
CA ARG B 553 -8.83 -25.82 13.18
C ARG B 553 -7.49 -25.10 13.10
N THR B 554 -7.42 -24.15 12.16
CA THR B 554 -6.22 -23.36 11.93
C THR B 554 -6.55 -21.90 12.03
N ASP B 555 -5.82 -21.20 12.87
CA ASP B 555 -5.97 -19.76 13.06
C ASP B 555 -4.71 -19.03 12.58
N LYS B 556 -4.89 -17.96 11.80
CA LYS B 556 -3.81 -17.08 11.41
C LYS B 556 -4.16 -15.65 11.70
N THR B 557 -3.14 -14.85 11.95
CA THR B 557 -3.29 -13.42 11.93
C THR B 557 -2.44 -12.96 10.74
N ASN B 558 -2.93 -12.00 9.97
CA ASN B 558 -2.18 -11.49 8.82
C ASN B 558 -1.97 -12.54 7.72
N ALA B 559 -2.96 -13.41 7.48
CA ALA B 559 -2.90 -14.36 6.35
C ALA B 559 -2.58 -13.61 5.05
N GLY B 574 -5.87 -8.63 10.61
CA GLY B 574 -6.75 -9.28 11.58
C GLY B 574 -6.56 -10.79 11.62
N GLU B 575 -7.68 -11.51 11.75
CA GLU B 575 -7.68 -12.93 12.12
C GLU B 575 -8.50 -13.71 11.11
N GLN B 576 -7.97 -14.87 10.75
CA GLN B 576 -8.62 -15.77 9.84
C GLN B 576 -8.62 -17.17 10.44
N ARG B 577 -9.70 -17.92 10.18
CA ARG B 577 -9.86 -19.25 10.73
C ARG B 577 -10.39 -20.20 9.67
N VAL B 578 -9.82 -21.40 9.61
CA VAL B 578 -10.42 -22.47 8.85
C VAL B 578 -10.52 -23.68 9.77
N GLN B 579 -11.67 -24.32 9.79
CA GLN B 579 -11.82 -25.55 10.53
C GLN B 579 -12.62 -26.50 9.67
N GLY B 580 -12.45 -27.78 9.90
CA GLY B 580 -13.21 -28.73 9.15
C GLY B 580 -12.78 -30.15 9.35
N VAL B 581 -13.03 -30.95 8.32
CA VAL B 581 -12.84 -32.36 8.36
C VAL B 581 -12.21 -32.80 7.04
N GLU B 582 -11.31 -33.77 7.11
CA GLU B 582 -10.73 -34.35 5.92
C GLU B 582 -10.77 -35.88 6.05
N LEU B 583 -11.18 -36.53 4.97
CA LEU B 583 -11.08 -37.98 4.86
C LEU B 583 -10.13 -38.30 3.72
N GLY B 584 -9.37 -39.39 3.87
CA GLY B 584 -8.50 -39.84 2.81
C GLY B 584 -8.55 -41.35 2.66
N PHE B 585 -8.40 -41.82 1.42
CA PHE B 585 -8.27 -43.26 1.17
C PHE B 585 -7.31 -43.47 0.02
N ASN B 586 -6.42 -44.44 0.15
CA ASN B 586 -5.57 -44.81 -0.97
C ASN B 586 -5.05 -46.22 -0.84
N GLY B 587 -5.11 -46.94 -1.95
CA GLY B 587 -4.58 -48.29 -2.00
C GLY B 587 -5.59 -49.27 -2.55
N LYS B 588 -5.47 -50.53 -2.14
CA LYS B 588 -6.27 -51.61 -2.72
C LYS B 588 -7.47 -51.95 -1.90
N LEU B 589 -8.64 -51.91 -2.53
CA LEU B 589 -9.85 -52.47 -1.96
C LEU B 589 -9.89 -53.98 -2.16
N THR B 590 -9.44 -54.44 -3.32
CA THR B 590 -9.25 -55.88 -3.59
C THR B 590 -7.99 -56.02 -4.40
N GLU B 591 -7.64 -57.24 -4.77
CA GLU B 591 -6.45 -57.46 -5.56
C GLU B 591 -6.49 -56.66 -6.86
N LYS B 592 -7.68 -56.49 -7.42
CA LYS B 592 -7.83 -55.87 -8.73
C LYS B 592 -8.26 -54.41 -8.70
N TRP B 593 -8.68 -53.94 -7.53
CA TRP B 593 -9.40 -52.66 -7.41
C TRP B 593 -8.62 -51.68 -6.55
N LYS B 594 -8.17 -50.58 -7.16
CA LYS B 594 -7.36 -49.58 -6.46
C LYS B 594 -8.11 -48.27 -6.40
N VAL B 595 -7.91 -47.51 -5.32
CA VAL B 595 -8.56 -46.22 -5.17
C VAL B 595 -7.56 -45.20 -4.64
N PHE B 596 -7.87 -43.94 -4.89
CA PHE B 596 -7.07 -42.83 -4.42
C PHE B 596 -7.92 -41.58 -4.39
N GLY B 597 -8.00 -40.95 -3.23
CA GLY B 597 -8.74 -39.70 -3.16
C GLY B 597 -9.10 -39.32 -1.74
N GLY B 598 -10.10 -38.46 -1.63
CA GLY B 598 -10.51 -37.97 -0.33
C GLY B 598 -11.58 -36.89 -0.42
N TYR B 599 -11.88 -36.31 0.73
CA TYR B 599 -12.94 -35.33 0.86
C TYR B 599 -12.52 -34.34 1.94
N THR B 600 -12.73 -33.07 1.68
CA THR B 600 -12.54 -32.07 2.73
C THR B 600 -13.72 -31.16 2.81
N TYR B 601 -14.14 -30.91 4.04
CA TYR B 601 -15.10 -29.87 4.33
C TYR B 601 -14.32 -28.75 5.01
N LEU B 602 -14.45 -27.53 4.51
CA LEU B 602 -13.69 -26.41 5.03
C LEU B 602 -14.61 -25.26 5.41
N ASP B 603 -14.70 -24.97 6.69
CA ASP B 603 -15.49 -23.82 7.17
C ASP B 603 -14.50 -22.69 7.40
N SER B 604 -14.48 -21.71 6.49
CA SER B 604 -13.54 -20.60 6.61
C SER B 604 -14.22 -19.35 7.09
N GLU B 605 -13.50 -18.50 7.80
CA GLU B 605 -14.10 -17.27 8.28
C GLU B 605 -13.05 -16.21 8.48
N ILE B 606 -13.36 -15.01 8.00
CA ILE B 606 -12.65 -13.82 8.43
C ILE B 606 -13.18 -13.36 9.80
N ARG B 607 -12.39 -13.59 10.84
CA ARG B 607 -12.86 -13.32 12.18
C ARG B 607 -12.64 -11.90 12.63
N LYS B 608 -11.57 -11.28 12.16
CA LYS B 608 -11.29 -9.91 12.53
C LYS B 608 -10.66 -9.22 11.32
N SER B 609 -11.06 -7.97 11.06
CA SER B 609 -10.56 -7.26 9.89
C SER B 609 -10.62 -5.76 10.08
N THR B 610 -9.70 -5.06 9.44
CA THR B 610 -9.73 -3.62 9.32
C THR B 610 -10.97 -3.16 8.55
N VAL B 611 -11.48 -4.03 7.69
CA VAL B 611 -12.74 -3.77 6.99
C VAL B 611 -13.86 -4.47 7.77
N LYS B 612 -14.57 -3.71 8.58
CA LYS B 612 -15.56 -4.29 9.47
C LYS B 612 -16.54 -5.22 8.75
N SER B 613 -17.03 -4.80 7.59
CA SER B 613 -18.02 -5.58 6.86
C SER B 613 -17.50 -6.90 6.33
N ASP B 614 -16.17 -7.09 6.33
CA ASP B 614 -15.59 -8.37 5.90
C ASP B 614 -15.70 -9.45 7.00
N GLU B 615 -15.84 -9.03 8.24
CA GLU B 615 -15.90 -9.96 9.38
C GLU B 615 -17.09 -10.91 9.26
N GLY B 616 -16.82 -12.21 9.32
CA GLY B 616 -17.84 -13.22 9.12
C GLY B 616 -17.87 -13.78 7.71
N ASN B 617 -17.24 -13.10 6.76
CA ASN B 617 -17.18 -13.62 5.40
C ASN B 617 -16.28 -14.86 5.26
N LYS B 618 -16.45 -15.58 4.15
CA LYS B 618 -15.55 -16.67 3.80
C LYS B 618 -14.21 -16.14 3.33
N MET B 619 -13.17 -16.93 3.51
N MET B 619 -13.15 -16.90 3.55
CA MET B 619 -11.89 -16.62 2.90
CA MET B 619 -11.85 -16.60 2.93
C MET B 619 -11.96 -16.87 1.41
C MET B 619 -11.95 -16.86 1.43
N PRO B 620 -11.27 -16.03 0.63
CA PRO B 620 -11.22 -16.28 -0.82
C PRO B 620 -10.42 -17.52 -1.16
N GLN B 621 -10.59 -18.06 -2.36
CA GLN B 621 -9.78 -19.21 -2.78
C GLN B 621 -10.01 -20.44 -1.94
N THR B 622 -11.18 -20.54 -1.34
CA THR B 622 -11.45 -21.65 -0.43
C THR B 622 -12.76 -22.27 -0.83
N ALA B 623 -12.73 -23.55 -1.16
CA ALA B 623 -13.97 -24.24 -1.43
C ALA B 623 -14.45 -24.92 -0.16
N GLN B 624 -15.73 -24.79 0.13
CA GLN B 624 -16.28 -25.36 1.35
C GLN B 624 -16.33 -26.90 1.28
N ASN B 625 -16.56 -27.44 0.10
CA ASN B 625 -16.55 -28.89 -0.12
C ASN B 625 -15.68 -29.25 -1.32
N ASN B 626 -14.96 -30.36 -1.20
CA ASN B 626 -14.09 -30.85 -2.28
C ASN B 626 -14.01 -32.37 -2.14
N PHE B 627 -14.50 -33.07 -3.16
CA PHE B 627 -14.46 -34.50 -3.20
C PHE B 627 -13.65 -34.91 -4.42
N THR B 628 -12.73 -35.84 -4.25
CA THR B 628 -11.99 -36.34 -5.38
C THR B 628 -11.76 -37.84 -5.25
N LEU B 629 -11.93 -38.54 -6.37
CA LEU B 629 -11.81 -40.01 -6.39
C LEU B 629 -11.22 -40.43 -7.72
N TRP B 630 -10.16 -41.22 -7.63
CA TRP B 630 -9.62 -41.88 -8.78
C TRP B 630 -9.57 -43.38 -8.48
N THR B 631 -9.96 -44.20 -9.44
CA THR B 631 -9.98 -45.64 -9.21
C THR B 631 -9.58 -46.37 -10.49
N THR B 632 -8.91 -47.52 -10.34
CA THR B 632 -8.67 -48.40 -11.47
C THR B 632 -9.08 -49.80 -11.12
N TYR B 633 -9.46 -50.56 -12.13
CA TYR B 633 -9.87 -51.94 -11.97
C TYR B 633 -9.23 -52.82 -13.05
N ASP B 634 -8.56 -53.87 -12.63
CA ASP B 634 -7.97 -54.84 -13.56
C ASP B 634 -9.03 -55.82 -14.07
N LEU B 635 -9.77 -55.38 -15.08
CA LEU B 635 -10.81 -56.17 -15.73
C LEU B 635 -10.30 -57.51 -16.23
N LEU B 636 -9.22 -57.48 -17.00
CA LEU B 636 -8.61 -58.71 -17.51
C LEU B 636 -7.11 -58.61 -17.24
N GLN B 637 -6.40 -59.73 -17.38
CA GLN B 637 -4.96 -59.69 -17.23
C GLN B 637 -4.37 -58.73 -18.29
N ASN B 638 -5.22 -58.41 -19.27
CA ASN B 638 -4.85 -57.76 -20.51
C ASN B 638 -5.30 -56.27 -20.60
N PHE B 639 -6.18 -55.88 -19.68
CA PHE B 639 -7.00 -54.70 -19.87
C PHE B 639 -7.39 -54.12 -18.54
N THR B 640 -7.09 -52.84 -18.36
CA THR B 640 -7.36 -52.12 -17.15
C THR B 640 -8.30 -50.96 -17.49
N ILE B 641 -9.23 -50.69 -16.59
CA ILE B 641 -10.05 -49.51 -16.75
C ILE B 641 -9.93 -48.61 -15.52
N GLY B 642 -10.24 -47.34 -15.70
CA GLY B 642 -10.06 -46.38 -14.64
C GLY B 642 -11.03 -45.25 -14.79
N GLY B 643 -11.31 -44.57 -13.70
CA GLY B 643 -12.23 -43.45 -13.74
C GLY B 643 -12.04 -42.51 -12.57
N GLY B 644 -12.43 -41.27 -12.77
CA GLY B 644 -12.22 -40.24 -11.77
C GLY B 644 -13.41 -39.32 -11.68
N THR B 645 -13.62 -38.81 -10.49
CA THR B 645 -14.68 -37.85 -10.26
C THR B 645 -14.11 -36.78 -9.36
N THR B 646 -14.39 -35.52 -9.66
CA THR B 646 -14.04 -34.42 -8.78
C THR B 646 -15.23 -33.47 -8.62
N TYR B 647 -15.49 -33.08 -7.39
CA TYR B 647 -16.41 -31.99 -7.10
C TYR B 647 -15.64 -30.91 -6.36
N VAL B 648 -15.79 -29.67 -6.82
CA VAL B 648 -15.23 -28.51 -6.11
C VAL B 648 -16.36 -27.51 -5.94
N ASP B 649 -16.56 -27.07 -4.70
CA ASP B 649 -17.60 -26.08 -4.40
C ASP B 649 -17.18 -24.74 -4.98
N LYS B 650 -18.08 -23.78 -4.86
CA LYS B 650 -17.85 -22.40 -5.23
C LYS B 650 -16.62 -21.80 -4.50
N GLN B 651 -15.92 -20.86 -5.16
CA GLN B 651 -14.81 -20.09 -4.56
C GLN B 651 -15.10 -18.62 -4.70
N TYR B 652 -14.85 -17.86 -3.66
CA TYR B 652 -14.86 -16.42 -3.74
C TYR B 652 -13.50 -15.90 -4.12
N GLY B 653 -13.46 -14.79 -4.86
CA GLY B 653 -12.20 -14.15 -5.19
C GLY B 653 -11.70 -13.09 -4.22
N ASN B 654 -12.55 -12.60 -3.32
CA ASN B 654 -12.13 -11.54 -2.42
C ASN B 654 -12.79 -11.67 -1.05
N THR B 655 -12.26 -10.91 -0.10
CA THR B 655 -12.69 -11.00 1.30
C THR B 655 -14.07 -10.35 1.46
N ALA B 656 -14.47 -9.47 0.56
CA ALA B 656 -15.85 -8.95 0.51
C ALA B 656 -16.87 -10.02 0.08
N ASN B 657 -16.36 -11.12 -0.46
CA ASN B 657 -17.16 -12.20 -1.07
C ASN B 657 -18.06 -11.65 -2.18
N SER B 658 -17.53 -10.72 -2.97
CA SER B 658 -18.32 -10.05 -3.99
C SER B 658 -17.94 -10.46 -5.41
N THR B 659 -17.05 -11.45 -5.52
CA THR B 659 -16.74 -12.12 -6.80
C THR B 659 -16.66 -13.61 -6.49
N TYR B 660 -17.02 -14.44 -7.47
CA TYR B 660 -16.97 -15.86 -7.28
C TYR B 660 -16.97 -16.62 -8.60
N ILE B 661 -16.61 -17.90 -8.50
CA ILE B 661 -16.77 -18.88 -9.57
C ILE B 661 -17.56 -20.07 -9.03
N PRO B 662 -18.42 -20.67 -9.88
CA PRO B 662 -19.41 -21.64 -9.40
C PRO B 662 -18.80 -23.01 -9.15
N SER B 663 -19.48 -23.81 -8.34
CA SER B 663 -19.10 -25.20 -8.15
C SER B 663 -19.18 -25.98 -9.46
N TYR B 664 -18.49 -27.12 -9.51
CA TYR B 664 -18.61 -28.03 -10.64
C TYR B 664 -18.26 -29.46 -10.27
N TRP B 665 -18.80 -30.38 -11.09
CA TRP B 665 -18.40 -31.76 -11.17
C TRP B 665 -17.65 -32.00 -12.48
N ARG B 666 -16.57 -32.77 -12.38
CA ARG B 666 -15.78 -33.15 -13.55
C ARG B 666 -15.60 -34.66 -13.48
N TYR B 667 -15.60 -35.32 -14.65
CA TYR B 667 -15.42 -36.78 -14.71
C TYR B 667 -14.30 -37.15 -15.70
N ASP B 668 -13.51 -38.15 -15.34
CA ASP B 668 -12.43 -38.62 -16.19
C ASP B 668 -12.53 -40.12 -16.36
N ALA B 669 -11.99 -40.62 -17.49
CA ALA B 669 -11.94 -42.06 -17.74
C ALA B 669 -10.59 -42.49 -18.31
N MET B 670 -10.25 -43.75 -18.10
CA MET B 670 -9.01 -44.31 -18.60
C MET B 670 -9.21 -45.76 -19.01
N ALA B 671 -8.47 -46.20 -20.02
CA ALA B 671 -8.37 -47.60 -20.34
C ALA B 671 -6.96 -47.86 -20.77
N SER B 672 -6.45 -49.05 -20.43
CA SER B 672 -5.11 -49.44 -20.84
C SER B 672 -5.08 -50.88 -21.30
N TYR B 673 -4.49 -51.10 -22.45
CA TYR B 673 -4.42 -52.42 -23.07
C TYR B 673 -2.97 -52.83 -23.18
N LYS B 674 -2.67 -54.02 -22.66
CA LYS B 674 -1.32 -54.59 -22.80
C LYS B 674 -1.20 -55.21 -24.17
N VAL B 675 -0.49 -54.53 -25.07
CA VAL B 675 -0.23 -55.05 -26.40
C VAL B 675 0.75 -56.21 -26.32
N SER B 676 1.76 -56.06 -25.46
CA SER B 676 2.71 -57.14 -25.17
C SER B 676 3.26 -56.90 -23.78
N LYS B 677 4.24 -57.70 -23.37
CA LYS B 677 4.87 -57.49 -22.06
C LYS B 677 5.57 -56.11 -22.01
N ASN B 678 5.95 -55.58 -23.17
CA ASN B 678 6.74 -54.33 -23.24
C ASN B 678 6.02 -53.09 -23.77
N VAL B 679 4.75 -53.24 -24.17
CA VAL B 679 4.03 -52.14 -24.78
C VAL B 679 2.59 -52.07 -24.27
N ASP B 680 2.22 -50.91 -23.76
CA ASP B 680 0.84 -50.64 -23.40
C ASP B 680 0.26 -49.56 -24.31
N LEU B 681 -1.04 -49.66 -24.55
CA LEU B 681 -1.81 -48.62 -25.22
C LEU B 681 -2.74 -48.01 -24.16
N GLN B 682 -2.59 -46.72 -23.87
CA GLN B 682 -3.37 -46.08 -22.81
C GLN B 682 -4.21 -44.94 -23.34
N LEU B 683 -5.50 -44.99 -23.05
CA LEU B 683 -6.41 -43.91 -23.41
C LEU B 683 -6.84 -43.19 -22.15
N ASN B 684 -6.67 -41.86 -22.14
CA ASN B 684 -7.24 -41.02 -21.09
C ASN B 684 -8.21 -40.01 -21.68
N VAL B 685 -9.43 -39.97 -21.16
CA VAL B 685 -10.35 -38.94 -21.52
C VAL B 685 -10.60 -38.07 -20.29
N GLN B 686 -10.11 -36.83 -20.36
CA GLN B 686 -10.21 -35.85 -19.29
C GLN B 686 -11.45 -35.02 -19.51
N ASN B 687 -12.21 -34.82 -18.43
CA ASN B 687 -13.41 -33.99 -18.49
C ASN B 687 -14.33 -34.54 -19.57
N LEU B 688 -14.75 -35.77 -19.35
CA LEU B 688 -15.41 -36.50 -20.39
C LEU B 688 -16.79 -35.95 -20.74
N THR B 689 -17.42 -35.22 -19.81
CA THR B 689 -18.71 -34.58 -20.13
C THR B 689 -18.55 -33.18 -20.73
N ASP B 690 -17.32 -32.72 -20.90
CA ASP B 690 -17.05 -31.42 -21.52
C ASP B 690 -17.68 -30.28 -20.72
N LYS B 691 -17.61 -30.43 -19.39
CA LYS B 691 -18.10 -29.41 -18.48
C LYS B 691 -17.23 -28.18 -18.65
N ARG B 692 -17.84 -27.02 -18.82
CA ARG B 692 -17.02 -25.82 -18.90
C ARG B 692 -17.04 -25.14 -17.55
N TYR B 693 -15.89 -25.07 -16.92
CA TYR B 693 -15.79 -24.61 -15.55
C TYR B 693 -14.53 -23.75 -15.37
N PHE B 694 -14.43 -23.11 -14.21
CA PHE B 694 -13.34 -22.21 -13.90
C PHE B 694 -12.52 -22.81 -12.77
N ASP B 695 -11.20 -22.82 -12.92
CA ASP B 695 -10.36 -23.44 -11.88
C ASP B 695 -9.58 -22.43 -11.08
N GLN B 696 -9.81 -21.14 -11.34
CA GLN B 696 -9.18 -20.10 -10.56
C GLN B 696 -9.96 -18.84 -10.70
N VAL B 697 -10.18 -18.16 -9.58
CA VAL B 697 -10.76 -16.84 -9.61
C VAL B 697 -9.70 -15.85 -9.11
N TYR B 698 -9.44 -14.84 -9.91
CA TYR B 698 -8.51 -13.80 -9.48
C TYR B 698 -9.35 -12.80 -8.64
N SER B 699 -8.72 -11.94 -7.85
CA SER B 699 -9.46 -11.23 -6.79
C SER B 699 -10.51 -10.24 -7.30
N THR B 700 -10.26 -9.68 -8.46
CA THR B 700 -11.25 -8.96 -9.24
C THR B 700 -10.78 -9.23 -10.68
N HIS B 701 -11.38 -8.58 -11.64
CA HIS B 701 -10.92 -8.71 -13.01
C HIS B 701 -11.39 -9.96 -13.75
N MET B 702 -10.98 -11.16 -13.34
CA MET B 702 -11.08 -12.30 -14.26
C MET B 702 -11.08 -13.66 -13.60
N ALA B 703 -11.34 -14.67 -14.41
CA ALA B 703 -11.40 -16.04 -13.98
C ALA B 703 -10.87 -16.98 -15.05
N HIS B 704 -10.08 -17.96 -14.63
CA HIS B 704 -9.40 -18.83 -15.53
C HIS B 704 -10.32 -19.97 -15.92
N VAL B 705 -10.46 -20.17 -17.24
CA VAL B 705 -11.30 -21.25 -17.78
C VAL B 705 -10.49 -22.50 -17.96
N ALA B 706 -10.98 -23.60 -17.43
CA ALA B 706 -10.27 -24.88 -17.50
C ALA B 706 -10.49 -25.46 -18.88
N PRO B 707 -9.64 -26.42 -19.26
CA PRO B 707 -9.84 -27.07 -20.55
C PRO B 707 -11.16 -27.83 -20.66
N GLY B 708 -11.68 -27.89 -21.89
CA GLY B 708 -12.80 -28.78 -22.20
C GLY B 708 -12.36 -30.22 -22.29
N ARG B 709 -13.23 -31.07 -22.84
CA ARG B 709 -12.87 -32.48 -23.00
C ARG B 709 -11.63 -32.69 -23.86
N THR B 710 -10.74 -33.57 -23.40
CA THR B 710 -9.61 -33.96 -24.19
C THR B 710 -9.38 -35.47 -24.10
N ALA B 711 -9.06 -36.07 -25.24
CA ALA B 711 -8.77 -37.47 -25.30
C ALA B 711 -7.31 -37.64 -25.71
N LEU B 712 -6.58 -38.41 -24.92
CA LEU B 712 -5.15 -38.64 -25.13
C LEU B 712 -4.93 -40.11 -25.32
N LEU B 713 -4.21 -40.47 -26.36
CA LEU B 713 -3.91 -41.86 -26.62
C LEU B 713 -2.42 -42.01 -26.60
N GLY B 714 -1.91 -42.81 -25.67
CA GLY B 714 -0.47 -43.03 -25.55
C GLY B 714 -0.03 -44.43 -25.88
N VAL B 715 1.14 -44.54 -26.50
CA VAL B 715 1.82 -45.82 -26.65
C VAL B 715 3.02 -45.76 -25.74
N ASN B 716 3.04 -46.66 -24.76
CA ASN B 716 4.07 -46.64 -23.75
C ASN B 716 4.93 -47.90 -23.81
N PHE B 717 6.21 -47.72 -24.16
CA PHE B 717 7.17 -48.80 -24.16
C PHE B 717 7.88 -48.88 -22.80
N HIS B 718 8.10 -50.09 -22.31
CA HIS B 718 8.82 -50.26 -21.05
C HIS B 718 9.59 -51.57 -21.07
N PHE B 719 10.90 -51.45 -20.84
CA PHE B 719 11.81 -52.60 -20.85
C PHE B 719 12.58 -52.57 -19.54
N SER B 720 12.74 -53.73 -18.90
CA SER B 720 13.27 -53.72 -17.54
C SER B 720 13.97 -55.01 -17.14
N ALA B 721 15.24 -54.90 -16.72
CA ALA B 721 15.95 -56.03 -16.15
C ALA B 721 15.04 -56.80 -15.20
#